data_9OWB
#
_entry.id   9OWB
#
_cell.length_a   58.085
_cell.length_b   58.394
_cell.length_c   131.907
_cell.angle_alpha   90.03
_cell.angle_beta   90.00
_cell.angle_gamma   90.00
#
_symmetry.space_group_name_H-M   'P 1'
#
loop_
_entity.id
_entity.type
_entity.pdbx_description
1 polymer "Bifunctional 3'-5' exonuclease/ATP-dependent helicase WRN"
2 non-polymer 'ZINC ION'
3 non-polymer "N-[2-chloro-4-(trifluoromethyl)phenyl]-2-[(10'R)-1-(3-hydroxypyridine-2-carbonyl)-2'-(morpholin-4-yl)-9'-oxo-5',9'-dihydrospiro[piperidine-4,8'-pyrano[4,3-d][1,2,4]triazolo[1,5-a]pyrimidin]-4'(6'H)-yl]acetamide"
4 non-polymer 1,2-ETHANEDIOL
5 non-polymer 'CHLORIDE ION'
6 water water
#
_entity_poly.entity_id   1
_entity_poly.type   'polypeptide(L)'
_entity_poly.pdbx_seq_one_letter_code
;NLGLPTKEEEEDDENEANEGEEDDDKDFLWPAPNEEQVTCLKMYFGHSSFKPVQWKVIHSVLEERRDNVAVMATGYGKSL
CFQYPPVYVGKIGLVISPLISLMEDQVLQLKMSNIPACFLGSAQSENVLTDIKLGKYRIVYVTPEYCSGNMGLLQQLEAD
IGITLIAVDEAHCISEWGHDFRDSFRKLGSLKTALPMVPIVALTATASSSIREDIVRCLNLRNPQITCTGFDRPNLYLEV
RRKTGNILQDLQPFLVKTSSHWEFEGPTIIYCPSRKMTQQVTGELRKLNLSCGTYHAGMSFSTRKDIHHRFVRDEIQCVI
ATIAFGMGINKADIRQVIHYGAPKDMESYYQEIGRAGRDGLQSSCHVLWAPADINLNRHLLTEIRNEKFRLYKLKMMAKM
EKYLHSSRCRRQIILSHFEDKQVQKASLGIMGTEKCCDNCRSR
;
_entity_poly.pdbx_strand_id   A,B,C,D
#
# COMPACT_ATOMS: atom_id res chain seq x y z
N GLU A 11 10.46 0.33 -35.68
CA GLU A 11 11.27 1.60 -35.80
C GLU A 11 12.56 1.48 -34.99
N ASP A 12 13.55 2.32 -35.33
CA ASP A 12 14.86 2.42 -34.62
C ASP A 12 14.62 2.89 -33.18
N ASP A 13 15.13 2.14 -32.19
CA ASP A 13 14.94 2.42 -30.74
C ASP A 13 16.06 3.32 -30.20
N GLU A 14 17.24 3.33 -30.85
CA GLU A 14 18.42 4.14 -30.42
C GLU A 14 19.32 4.45 -31.63
N ASN A 15 20.19 5.46 -31.51
CA ASN A 15 21.16 5.86 -32.56
C ASN A 15 22.55 6.02 -31.93
N GLU A 16 22.93 5.10 -31.04
CA GLU A 16 24.12 5.22 -30.15
C GLU A 16 25.42 5.12 -30.95
N ALA A 17 25.47 4.26 -31.99
CA ALA A 17 26.69 4.02 -32.81
C ALA A 17 27.14 5.33 -33.47
N ASN A 18 28.46 5.61 -33.41
CA ASN A 18 29.11 6.80 -34.01
C ASN A 18 30.13 6.36 -35.07
N GLU A 19 30.30 7.15 -36.14
CA GLU A 19 31.32 6.93 -37.19
C GLU A 19 32.70 6.97 -36.54
N GLY A 20 33.51 5.93 -36.75
CA GLY A 20 34.92 5.87 -36.33
C GLY A 20 35.08 5.35 -34.90
N GLU A 21 33.99 4.94 -34.26
CA GLU A 21 33.98 4.25 -32.93
C GLU A 21 33.58 2.80 -33.14
N GLU A 22 34.17 1.88 -32.36
CA GLU A 22 33.98 0.40 -32.47
C GLU A 22 33.81 -0.19 -31.06
N ASP A 25 30.57 -2.92 -25.93
CA ASP A 25 29.83 -3.01 -24.64
C ASP A 25 30.78 -3.44 -23.51
N LYS A 26 31.49 -4.55 -23.71
CA LYS A 26 32.35 -5.19 -22.67
C LYS A 26 33.65 -4.38 -22.46
N ASP A 27 33.90 -3.33 -23.25
CA ASP A 27 35.26 -2.80 -23.51
C ASP A 27 35.95 -2.36 -22.21
N PHE A 28 35.27 -1.59 -21.35
CA PHE A 28 35.90 -0.88 -20.21
C PHE A 28 35.75 -1.69 -18.92
N LEU A 29 35.49 -3.01 -19.02
CA LEU A 29 35.36 -3.92 -17.86
C LEU A 29 36.54 -4.88 -17.83
N TRP A 30 37.13 -5.08 -16.66
CA TRP A 30 38.27 -6.01 -16.45
C TRP A 30 37.98 -6.94 -15.28
N PRO A 31 38.00 -8.29 -15.45
CA PRO A 31 38.07 -8.93 -16.77
C PRO A 31 36.74 -8.72 -17.51
N ALA A 32 36.71 -8.98 -18.81
CA ALA A 32 35.48 -8.84 -19.63
C ALA A 32 34.50 -9.91 -19.19
N PRO A 33 33.19 -9.57 -19.06
CA PRO A 33 32.15 -10.60 -18.98
C PRO A 33 32.26 -11.55 -20.17
N ASN A 34 32.07 -12.85 -19.93
CA ASN A 34 32.13 -13.87 -21.02
C ASN A 34 30.81 -13.85 -21.79
N GLU A 35 30.72 -14.59 -22.90
CA GLU A 35 29.57 -14.56 -23.83
C GLU A 35 28.30 -15.01 -23.09
N GLU A 36 28.41 -16.06 -22.28
CA GLU A 36 27.24 -16.63 -21.54
C GLU A 36 26.77 -15.64 -20.47
N GLN A 37 27.70 -14.91 -19.84
CA GLN A 37 27.33 -13.86 -18.85
C GLN A 37 26.48 -12.78 -19.52
N VAL A 38 26.85 -12.38 -20.75
CA VAL A 38 26.09 -11.36 -21.52
C VAL A 38 24.74 -11.95 -21.95
N THR A 39 24.74 -13.20 -22.44
CA THR A 39 23.50 -13.91 -22.86
C THR A 39 22.53 -13.96 -21.66
N CYS A 40 23.04 -14.32 -20.48
N CYS A 40 23.04 -14.32 -20.48
CA CYS A 40 22.27 -14.41 -19.22
CA CYS A 40 22.26 -14.40 -19.22
C CYS A 40 21.68 -13.04 -18.88
C CYS A 40 21.67 -13.03 -18.87
N LEU A 41 22.48 -11.97 -18.97
CA LEU A 41 22.05 -10.58 -18.68
C LEU A 41 20.93 -10.18 -19.65
N LYS A 42 21.08 -10.46 -20.95
CA LYS A 42 20.04 -10.14 -21.96
C LYS A 42 18.77 -10.97 -21.69
N MET A 43 18.91 -12.28 -21.50
CA MET A 43 17.78 -13.24 -21.42
C MET A 43 16.92 -12.94 -20.17
N TYR A 44 17.54 -12.74 -19.02
CA TYR A 44 16.84 -12.70 -17.71
C TYR A 44 16.63 -11.27 -17.20
N PHE A 45 17.39 -10.28 -17.69
CA PHE A 45 17.32 -8.88 -17.18
C PHE A 45 17.07 -7.85 -18.28
N GLY A 46 17.16 -8.22 -19.56
CA GLY A 46 16.85 -7.33 -20.71
C GLY A 46 17.83 -6.17 -20.84
N HIS A 47 19.08 -6.35 -20.41
CA HIS A 47 20.18 -5.37 -20.55
C HIS A 47 21.28 -5.97 -21.43
N SER A 48 21.96 -5.13 -22.21
N SER A 48 21.96 -5.13 -22.21
CA SER A 48 23.03 -5.52 -23.17
CA SER A 48 23.02 -5.52 -23.18
C SER A 48 24.41 -5.45 -22.53
C SER A 48 24.41 -5.45 -22.54
N SER A 49 24.58 -4.67 -21.46
CA SER A 49 25.89 -4.41 -20.83
C SER A 49 25.74 -4.16 -19.33
N PHE A 50 26.82 -4.38 -18.59
CA PHE A 50 26.95 -4.03 -17.15
C PHE A 50 27.58 -2.65 -17.03
N LYS A 51 27.08 -1.82 -16.10
CA LYS A 51 27.79 -0.59 -15.68
C LYS A 51 29.01 -1.01 -14.86
N PRO A 52 30.11 -0.22 -14.85
CA PRO A 52 31.30 -0.59 -14.09
C PRO A 52 31.06 -1.01 -12.63
N VAL A 53 30.26 -0.26 -11.85
CA VAL A 53 30.00 -0.61 -10.42
C VAL A 53 29.22 -1.92 -10.36
N GLN A 54 28.28 -2.14 -11.27
CA GLN A 54 27.50 -3.41 -11.28
C GLN A 54 28.48 -4.57 -11.45
N TRP A 55 29.41 -4.44 -12.40
CA TRP A 55 30.41 -5.48 -12.68
C TRP A 55 31.37 -5.64 -11.49
N LYS A 56 31.82 -4.55 -10.88
CA LYS A 56 32.70 -4.60 -9.67
C LYS A 56 32.05 -5.49 -8.62
N VAL A 57 30.77 -5.24 -8.32
CA VAL A 57 30.06 -6.00 -7.25
C VAL A 57 29.88 -7.45 -7.72
N ILE A 58 29.33 -7.65 -8.92
CA ILE A 58 28.99 -9.01 -9.44
C ILE A 58 30.27 -9.86 -9.50
N HIS A 59 31.33 -9.33 -10.10
CA HIS A 59 32.59 -10.11 -10.28
C HIS A 59 33.19 -10.41 -8.90
N SER A 60 33.17 -9.45 -7.97
CA SER A 60 33.72 -9.65 -6.60
C SER A 60 32.94 -10.76 -5.89
N VAL A 61 31.62 -10.84 -6.09
CA VAL A 61 30.79 -11.91 -5.48
C VAL A 61 31.11 -13.25 -6.14
N LEU A 62 31.08 -13.33 -7.46
CA LEU A 62 31.20 -14.62 -8.20
C LEU A 62 32.61 -15.20 -8.07
N GLU A 63 33.64 -14.39 -8.30
CA GLU A 63 35.01 -14.93 -8.49
C GLU A 63 35.81 -14.85 -7.19
N GLU A 64 35.53 -13.88 -6.31
CA GLU A 64 36.29 -13.68 -5.05
C GLU A 64 35.48 -14.03 -3.79
N ARG A 65 34.16 -14.21 -3.90
N ARG A 65 34.16 -14.20 -3.90
CA ARG A 65 33.24 -14.41 -2.74
CA ARG A 65 33.24 -14.40 -2.75
C ARG A 65 33.51 -13.32 -1.70
C ARG A 65 33.51 -13.32 -1.70
N ARG A 66 33.62 -12.07 -2.17
CA ARG A 66 34.01 -10.91 -1.34
C ARG A 66 32.77 -10.20 -0.82
N ASP A 67 32.78 -9.89 0.48
CA ASP A 67 31.77 -9.00 1.10
C ASP A 67 31.79 -7.63 0.40
N ASN A 68 30.62 -6.99 0.30
CA ASN A 68 30.48 -5.65 -0.32
C ASN A 68 29.65 -4.76 0.60
N VAL A 69 30.01 -3.48 0.66
CA VAL A 69 29.06 -2.41 1.07
C VAL A 69 28.86 -1.55 -0.17
N ALA A 70 27.66 -1.62 -0.76
CA ALA A 70 27.29 -0.90 -1.98
C ALA A 70 26.34 0.23 -1.57
N VAL A 71 26.87 1.44 -1.45
CA VAL A 71 26.06 2.67 -1.24
C VAL A 71 25.48 3.05 -2.60
N MET A 72 24.16 3.08 -2.71
CA MET A 72 23.44 3.40 -3.96
C MET A 72 22.33 4.39 -3.61
N ALA A 73 22.42 5.60 -4.17
CA ALA A 73 21.52 6.74 -3.87
C ALA A 73 20.06 6.35 -4.13
N THR A 74 19.79 5.54 -5.18
CA THR A 74 18.44 5.10 -5.59
C THR A 74 18.43 3.61 -5.95
N GLY A 75 17.25 3.08 -6.27
CA GLY A 75 17.06 1.70 -6.76
C GLY A 75 17.47 1.52 -8.23
N TYR A 76 17.81 2.59 -8.95
CA TYR A 76 18.08 2.52 -10.41
C TYR A 76 19.43 1.80 -10.65
N GLY A 77 19.36 0.54 -11.11
CA GLY A 77 20.52 -0.33 -11.40
C GLY A 77 20.99 -1.12 -10.17
N LYS A 78 20.25 -1.04 -9.07
CA LYS A 78 20.66 -1.61 -7.75
C LYS A 78 20.41 -3.12 -7.70
N SER A 79 19.19 -3.54 -8.03
N SER A 79 19.19 -3.54 -8.03
CA SER A 79 18.71 -4.95 -7.88
CA SER A 79 18.72 -4.95 -7.86
C SER A 79 19.59 -5.92 -8.67
C SER A 79 19.60 -5.92 -8.67
N LEU A 80 20.09 -5.51 -9.84
CA LEU A 80 20.92 -6.39 -10.70
C LEU A 80 22.14 -6.92 -9.92
N CYS A 81 22.74 -6.10 -9.04
CA CYS A 81 23.98 -6.44 -8.30
C CYS A 81 23.79 -7.70 -7.44
N PHE A 82 22.60 -7.91 -6.87
CA PHE A 82 22.35 -9.08 -5.99
C PHE A 82 21.48 -10.14 -6.68
N GLN A 83 20.74 -9.78 -7.73
CA GLN A 83 19.86 -10.75 -8.45
C GLN A 83 20.68 -11.51 -9.50
N TYR A 84 21.63 -10.85 -10.17
CA TYR A 84 22.32 -11.46 -11.32
C TYR A 84 23.16 -12.66 -10.86
N PRO A 85 24.02 -12.56 -9.81
CA PRO A 85 24.93 -13.66 -9.49
C PRO A 85 24.26 -15.02 -9.31
N PRO A 86 23.20 -15.19 -8.47
CA PRO A 86 22.59 -16.51 -8.31
C PRO A 86 21.90 -17.00 -9.58
N VAL A 87 21.38 -16.10 -10.41
CA VAL A 87 20.72 -16.45 -11.70
C VAL A 87 21.78 -17.05 -12.63
N TYR A 88 22.95 -16.42 -12.72
CA TYR A 88 24.05 -16.89 -13.61
C TYR A 88 24.55 -18.29 -13.18
N VAL A 89 24.82 -18.49 -11.89
CA VAL A 89 25.40 -19.79 -11.42
C VAL A 89 24.29 -20.83 -11.19
N GLY A 90 23.01 -20.42 -11.21
CA GLY A 90 21.86 -21.34 -11.08
C GLY A 90 21.76 -21.94 -9.68
N LYS A 91 22.13 -21.18 -8.65
CA LYS A 91 22.11 -21.65 -7.24
C LYS A 91 21.04 -20.85 -6.51
N ILE A 92 21.34 -20.24 -5.36
CA ILE A 92 20.32 -19.46 -4.60
C ILE A 92 20.98 -18.19 -4.06
N GLY A 93 20.25 -17.08 -4.11
CA GLY A 93 20.60 -15.83 -3.42
C GLY A 93 19.52 -15.48 -2.41
N LEU A 94 19.92 -14.98 -1.25
N LEU A 94 19.92 -14.98 -1.25
CA LEU A 94 18.98 -14.51 -0.19
CA LEU A 94 18.99 -14.50 -0.19
C LEU A 94 18.98 -12.98 -0.18
C LEU A 94 18.99 -12.98 -0.19
N VAL A 95 17.80 -12.36 -0.14
CA VAL A 95 17.65 -10.89 -0.01
C VAL A 95 16.92 -10.64 1.30
N ILE A 96 17.63 -10.04 2.25
CA ILE A 96 17.08 -9.68 3.59
C ILE A 96 16.67 -8.21 3.54
N SER A 97 15.40 -7.90 3.76
CA SER A 97 14.89 -6.51 3.67
C SER A 97 13.68 -6.33 4.58
N PRO A 98 13.49 -5.14 5.16
CA PRO A 98 12.24 -4.80 5.84
C PRO A 98 11.17 -4.17 4.93
N LEU A 99 11.49 -3.89 3.67
CA LEU A 99 10.62 -3.13 2.73
C LEU A 99 9.68 -4.10 2.01
N ILE A 100 8.61 -4.52 2.70
CA ILE A 100 7.70 -5.64 2.29
C ILE A 100 7.17 -5.41 0.88
N SER A 101 6.57 -4.23 0.63
N SER A 101 6.57 -4.23 0.64
CA SER A 101 5.90 -3.89 -0.67
CA SER A 101 5.91 -3.87 -0.65
C SER A 101 6.93 -3.93 -1.81
C SER A 101 6.92 -3.93 -1.80
N LEU A 102 8.14 -3.41 -1.59
CA LEU A 102 9.22 -3.40 -2.61
C LEU A 102 9.71 -4.83 -2.86
N MET A 103 9.80 -5.65 -1.81
CA MET A 103 10.19 -7.08 -1.92
C MET A 103 9.15 -7.81 -2.78
N GLU A 104 7.86 -7.59 -2.50
CA GLU A 104 6.76 -8.19 -3.30
C GLU A 104 6.89 -7.75 -4.77
N ASP A 105 7.15 -6.46 -5.01
CA ASP A 105 7.29 -5.89 -6.38
C ASP A 105 8.44 -6.60 -7.11
N GLN A 106 9.58 -6.79 -6.44
CA GLN A 106 10.78 -7.41 -7.06
C GLN A 106 10.54 -8.89 -7.32
N VAL A 107 9.90 -9.60 -6.40
CA VAL A 107 9.55 -11.04 -6.57
C VAL A 107 8.69 -11.19 -7.84
N LEU A 108 7.68 -10.34 -8.01
CA LEU A 108 6.78 -10.43 -9.20
C LEU A 108 7.57 -10.12 -10.47
N GLN A 109 8.43 -9.10 -10.47
CA GLN A 109 9.28 -8.73 -11.65
C GLN A 109 10.18 -9.91 -12.03
N LEU A 110 10.76 -10.61 -11.04
CA LEU A 110 11.62 -11.80 -11.27
C LEU A 110 10.79 -12.92 -11.91
N LYS A 111 9.61 -13.23 -11.35
CA LYS A 111 8.70 -14.26 -11.89
C LYS A 111 8.34 -13.94 -13.35
N MET A 112 8.04 -12.67 -13.66
CA MET A 112 7.64 -12.23 -15.02
C MET A 112 8.84 -12.28 -15.98
N SER A 113 10.08 -12.36 -15.47
CA SER A 113 11.32 -12.55 -16.27
C SER A 113 11.71 -14.03 -16.33
N ASN A 114 10.84 -14.94 -15.87
CA ASN A 114 11.06 -16.41 -15.86
C ASN A 114 12.24 -16.76 -14.92
N ILE A 115 12.40 -16.00 -13.84
CA ILE A 115 13.35 -16.33 -12.74
C ILE A 115 12.52 -16.82 -11.55
N PRO A 116 12.67 -18.08 -11.11
CA PRO A 116 11.91 -18.56 -9.96
C PRO A 116 12.37 -17.82 -8.69
N ALA A 117 11.44 -17.12 -8.07
CA ALA A 117 11.69 -16.27 -6.90
C ALA A 117 10.48 -16.32 -5.98
N CYS A 118 10.69 -16.10 -4.70
CA CYS A 118 9.57 -16.04 -3.72
C CYS A 118 9.91 -15.16 -2.53
N PHE A 119 8.85 -14.76 -1.82
CA PHE A 119 8.89 -14.14 -0.48
C PHE A 119 8.70 -15.27 0.53
N LEU A 120 9.69 -15.49 1.39
CA LEU A 120 9.61 -16.50 2.48
C LEU A 120 9.37 -15.77 3.80
N GLY A 121 8.30 -16.16 4.48
CA GLY A 121 7.98 -15.74 5.86
C GLY A 121 7.14 -16.82 6.51
N SER A 122 6.73 -16.61 7.76
CA SER A 122 6.00 -17.63 8.54
C SER A 122 4.70 -18.01 7.81
N ALA A 123 3.92 -17.03 7.36
CA ALA A 123 2.59 -17.23 6.74
C ALA A 123 2.73 -17.84 5.33
N GLN A 124 3.91 -17.71 4.71
CA GLN A 124 4.17 -18.16 3.31
C GLN A 124 4.88 -19.52 3.31
N SER A 125 5.39 -19.97 4.45
CA SER A 125 6.30 -21.14 4.59
C SER A 125 5.63 -22.42 4.04
N GLU A 126 4.37 -22.66 4.40
CA GLU A 126 3.61 -23.87 3.96
C GLU A 126 3.65 -23.99 2.42
N ASN A 127 3.55 -22.86 1.71
N ASN A 127 3.55 -22.86 1.71
CA ASN A 127 3.47 -22.80 0.23
CA ASN A 127 3.48 -22.80 0.22
C ASN A 127 4.87 -23.02 -0.40
C ASN A 127 4.88 -23.03 -0.40
N VAL A 128 5.93 -22.43 0.14
CA VAL A 128 7.25 -22.29 -0.56
C VAL A 128 8.41 -23.05 0.10
N LEU A 129 8.37 -23.39 1.40
CA LEU A 129 9.61 -23.80 2.13
C LEU A 129 10.20 -25.09 1.56
N THR A 130 9.38 -26.13 1.35
CA THR A 130 9.84 -27.43 0.79
C THR A 130 10.54 -27.17 -0.55
N ASP A 131 9.93 -26.37 -1.42
CA ASP A 131 10.46 -26.05 -2.77
C ASP A 131 11.77 -25.27 -2.65
N ILE A 132 11.91 -24.38 -1.66
CA ILE A 132 13.19 -23.65 -1.41
C ILE A 132 14.27 -24.67 -1.03
N LYS A 133 13.98 -25.59 -0.12
CA LYS A 133 14.94 -26.61 0.37
C LYS A 133 15.40 -27.51 -0.78
N LEU A 134 14.52 -27.78 -1.75
CA LEU A 134 14.80 -28.66 -2.92
C LEU A 134 15.48 -27.89 -4.06
N GLY A 135 15.75 -26.59 -3.88
CA GLY A 135 16.56 -25.78 -4.82
C GLY A 135 15.78 -25.32 -6.03
N LYS A 136 14.47 -25.12 -5.90
CA LYS A 136 13.59 -24.73 -7.04
C LYS A 136 13.57 -23.21 -7.23
N TYR A 137 14.03 -22.44 -6.24
CA TYR A 137 14.05 -20.96 -6.27
C TYR A 137 15.49 -20.44 -6.40
N ARG A 138 15.68 -19.49 -7.31
CA ARG A 138 16.98 -18.79 -7.53
C ARG A 138 17.15 -17.70 -6.48
N ILE A 139 16.06 -16.98 -6.17
CA ILE A 139 16.13 -15.79 -5.27
C ILE A 139 15.01 -15.89 -4.25
N VAL A 140 15.36 -15.77 -2.97
CA VAL A 140 14.41 -15.82 -1.83
C VAL A 140 14.55 -14.50 -1.06
N TYR A 141 13.42 -13.81 -0.90
CA TYR A 141 13.30 -12.57 -0.10
C TYR A 141 12.77 -12.95 1.28
N VAL A 142 13.42 -12.47 2.34
CA VAL A 142 13.02 -12.73 3.75
C VAL A 142 13.17 -11.42 4.54
N THR A 143 12.38 -11.28 5.59
CA THR A 143 12.55 -10.17 6.57
C THR A 143 13.70 -10.53 7.51
N PRO A 144 14.33 -9.53 8.15
CA PRO A 144 15.33 -9.82 9.19
C PRO A 144 14.76 -10.65 10.35
N GLU A 145 13.50 -10.38 10.75
CA GLU A 145 12.86 -11.09 11.88
C GLU A 145 12.80 -12.59 11.55
N TYR A 146 12.38 -12.93 10.33
CA TYR A 146 12.25 -14.34 9.89
C TYR A 146 13.65 -14.98 9.81
N CYS A 147 14.59 -14.26 9.20
CA CYS A 147 15.99 -14.69 9.01
C CYS A 147 16.63 -15.03 10.36
N SER A 148 16.48 -14.13 11.34
CA SER A 148 17.03 -14.22 12.72
C SER A 148 16.70 -15.58 13.37
N GLY A 149 15.49 -16.10 13.12
CA GLY A 149 15.00 -17.36 13.74
C GLY A 149 15.21 -18.60 12.88
N ASN A 150 15.98 -18.51 11.80
CA ASN A 150 16.09 -19.60 10.79
C ASN A 150 17.53 -19.73 10.27
N MET A 151 18.55 -19.54 11.12
CA MET A 151 19.97 -19.74 10.72
C MET A 151 20.19 -21.21 10.32
N GLY A 152 19.50 -22.15 10.97
CA GLY A 152 19.53 -23.58 10.63
C GLY A 152 19.12 -23.85 9.19
N LEU A 153 18.02 -23.23 8.74
CA LEU A 153 17.56 -23.32 7.33
C LEU A 153 18.68 -22.84 6.40
N LEU A 154 19.28 -21.69 6.68
CA LEU A 154 20.33 -21.10 5.81
C LEU A 154 21.52 -22.07 5.72
N GLN A 155 21.89 -22.69 6.83
CA GLN A 155 23.02 -23.68 6.86
C GLN A 155 22.67 -24.86 5.94
N GLN A 156 21.42 -25.33 5.97
CA GLN A 156 20.92 -26.44 5.10
C GLN A 156 21.01 -26.03 3.63
N LEU A 157 20.55 -24.81 3.29
CA LEU A 157 20.56 -24.30 1.89
C LEU A 157 22.02 -24.21 1.40
N GLU A 158 22.93 -23.74 2.25
CA GLU A 158 24.38 -23.63 1.93
C GLU A 158 24.92 -25.04 1.63
N ALA A 159 24.57 -26.03 2.46
CA ALA A 159 25.07 -27.43 2.33
C ALA A 159 24.51 -28.11 1.07
N ASP A 160 23.21 -27.95 0.78
CA ASP A 160 22.48 -28.74 -0.26
C ASP A 160 22.54 -28.03 -1.63
N ILE A 161 22.54 -26.70 -1.66
CA ILE A 161 22.47 -25.88 -2.91
C ILE A 161 23.76 -25.07 -3.08
N GLY A 162 24.15 -24.31 -2.05
CA GLY A 162 25.22 -23.31 -2.10
C GLY A 162 24.62 -21.92 -2.26
N ILE A 163 24.81 -21.05 -1.27
CA ILE A 163 24.27 -19.66 -1.30
C ILE A 163 25.30 -18.78 -2.00
N THR A 164 24.92 -18.23 -3.15
CA THR A 164 25.79 -17.35 -3.97
C THR A 164 26.12 -16.07 -3.20
N LEU A 165 25.11 -15.47 -2.56
N LEU A 165 25.11 -15.46 -2.58
CA LEU A 165 25.28 -14.25 -1.76
CA LEU A 165 25.30 -14.26 -1.74
C LEU A 165 24.07 -14.06 -0.83
C LEU A 165 24.07 -14.05 -0.84
N ILE A 166 24.27 -13.27 0.22
CA ILE A 166 23.17 -12.72 1.06
C ILE A 166 23.22 -11.20 0.85
N ALA A 167 22.14 -10.62 0.34
CA ALA A 167 21.95 -9.17 0.28
C ALA A 167 21.26 -8.72 1.56
N VAL A 168 21.79 -7.69 2.21
CA VAL A 168 21.12 -7.00 3.35
C VAL A 168 20.77 -5.60 2.87
N ASP A 169 19.51 -5.35 2.54
CA ASP A 169 19.05 -4.01 2.09
C ASP A 169 18.77 -3.17 3.34
N GLU A 170 18.77 -1.84 3.19
CA GLU A 170 18.54 -0.88 4.30
C GLU A 170 19.57 -1.18 5.40
N ALA A 171 20.82 -1.51 5.03
CA ALA A 171 21.84 -2.03 5.96
C ALA A 171 22.16 -1.01 7.06
N HIS A 172 21.95 0.29 6.80
CA HIS A 172 22.10 1.38 7.79
C HIS A 172 21.20 1.16 9.02
N CYS A 173 20.13 0.38 8.89
CA CYS A 173 19.17 0.07 9.99
C CYS A 173 19.85 -0.73 11.11
N ILE A 174 21.02 -1.34 10.87
CA ILE A 174 21.78 -2.08 11.93
C ILE A 174 22.45 -1.11 12.91
N SER A 175 22.64 0.16 12.53
CA SER A 175 23.36 1.16 13.35
C SER A 175 22.42 1.90 14.31
N GLU A 176 22.66 1.81 15.62
CA GLU A 176 22.00 2.63 16.67
C GLU A 176 22.24 4.12 16.41
N TRP A 177 23.32 4.46 15.70
CA TRP A 177 23.81 5.85 15.53
C TRP A 177 23.15 6.51 14.31
N GLY A 178 22.55 5.71 13.43
CA GLY A 178 21.77 6.21 12.29
C GLY A 178 20.40 6.71 12.71
N HIS A 179 19.61 7.11 11.72
CA HIS A 179 18.30 7.78 11.86
C HIS A 179 17.14 6.79 11.63
N ASP A 180 17.42 5.49 11.48
CA ASP A 180 16.38 4.49 11.11
C ASP A 180 16.72 3.12 11.71
N PHE A 181 17.10 3.09 12.98
CA PHE A 181 17.52 1.85 13.67
C PHE A 181 16.34 0.86 13.71
N ARG A 182 16.63 -0.40 13.39
CA ARG A 182 15.68 -1.53 13.51
C ARG A 182 16.32 -2.60 14.41
N ASP A 183 15.68 -2.89 15.55
CA ASP A 183 16.05 -3.98 16.50
C ASP A 183 16.26 -5.28 15.71
N SER A 184 15.40 -5.52 14.71
CA SER A 184 15.35 -6.75 13.87
C SER A 184 16.70 -7.01 13.17
N PHE A 185 17.51 -5.99 12.93
CA PHE A 185 18.80 -6.14 12.18
C PHE A 185 19.93 -6.65 13.09
N ARG A 186 19.81 -6.46 14.41
CA ARG A 186 20.89 -6.76 15.39
C ARG A 186 21.45 -8.17 15.15
N LYS A 187 20.57 -9.17 15.03
CA LYS A 187 20.93 -10.62 14.97
C LYS A 187 21.56 -10.99 13.62
N LEU A 188 21.57 -10.10 12.62
CA LEU A 188 22.22 -10.38 11.31
C LEU A 188 23.75 -10.42 11.47
N GLY A 189 24.28 -9.96 12.61
CA GLY A 189 25.67 -10.23 13.04
C GLY A 189 26.06 -11.71 13.02
N SER A 190 25.08 -12.61 13.21
N SER A 190 25.08 -12.61 13.21
CA SER A 190 25.27 -14.08 13.28
CA SER A 190 25.29 -14.08 13.29
C SER A 190 25.45 -14.72 11.89
C SER A 190 25.45 -14.72 11.89
N LEU A 191 25.11 -14.01 10.80
CA LEU A 191 25.20 -14.56 9.42
C LEU A 191 26.62 -15.08 9.15
N LYS A 192 27.63 -14.29 9.46
CA LYS A 192 29.05 -14.62 9.17
C LYS A 192 29.52 -15.77 10.08
N THR A 193 29.02 -15.88 11.30
CA THR A 193 29.26 -17.03 12.21
C THR A 193 28.69 -18.31 11.58
N ALA A 194 27.42 -18.27 11.18
CA ALA A 194 26.65 -19.42 10.65
C ALA A 194 27.18 -19.80 9.26
N LEU A 195 27.55 -18.80 8.45
CA LEU A 195 27.88 -18.95 7.01
C LEU A 195 29.15 -18.16 6.70
N PRO A 196 30.34 -18.57 7.21
CA PRO A 196 31.55 -17.76 7.07
C PRO A 196 32.04 -17.57 5.62
N MET A 197 31.67 -18.47 4.71
CA MET A 197 32.13 -18.48 3.30
C MET A 197 31.11 -17.81 2.36
N VAL A 198 29.95 -17.39 2.86
CA VAL A 198 28.91 -16.75 2.01
C VAL A 198 29.14 -15.24 2.03
N PRO A 199 29.37 -14.60 0.86
CA PRO A 199 29.57 -13.16 0.81
C PRO A 199 28.26 -12.43 1.12
N ILE A 200 28.36 -11.34 1.87
CA ILE A 200 27.23 -10.42 2.18
C ILE A 200 27.42 -9.16 1.34
N VAL A 201 26.36 -8.75 0.65
CA VAL A 201 26.26 -7.44 -0.05
C VAL A 201 25.33 -6.57 0.79
N ALA A 202 25.89 -5.65 1.55
CA ALA A 202 25.15 -4.67 2.37
C ALA A 202 24.83 -3.46 1.48
N LEU A 203 23.56 -3.10 1.40
CA LEU A 203 23.07 -1.99 0.53
C LEU A 203 22.43 -0.91 1.39
N THR A 204 22.71 0.34 1.07
CA THR A 204 22.13 1.53 1.73
C THR A 204 22.26 2.74 0.80
N ALA A 205 21.43 3.75 1.00
CA ALA A 205 21.52 5.05 0.31
C ALA A 205 22.38 6.06 1.08
N THR A 206 22.78 5.76 2.32
N THR A 206 22.79 5.75 2.30
CA THR A 206 23.56 6.70 3.17
CA THR A 206 23.57 6.63 3.21
C THR A 206 25.05 6.56 2.84
C THR A 206 25.06 6.55 2.85
N ALA A 207 25.67 7.68 2.43
CA ALA A 207 27.11 7.77 2.07
C ALA A 207 27.97 8.14 3.29
N SER A 208 27.37 8.27 4.49
CA SER A 208 28.07 8.52 5.78
C SER A 208 29.17 7.48 5.99
N SER A 209 30.43 7.92 6.16
CA SER A 209 31.58 7.05 6.53
C SER A 209 31.34 6.39 7.89
N SER A 210 30.79 7.13 8.86
N SER A 210 30.79 7.13 8.86
CA SER A 210 30.46 6.64 10.22
CA SER A 210 30.45 6.65 10.22
C SER A 210 29.46 5.46 10.13
C SER A 210 29.46 5.47 10.13
N ILE A 211 28.40 5.62 9.33
CA ILE A 211 27.36 4.56 9.16
C ILE A 211 27.98 3.34 8.44
N ARG A 212 28.81 3.57 7.42
N ARG A 212 28.81 3.56 7.42
CA ARG A 212 29.53 2.47 6.70
CA ARG A 212 29.52 2.46 6.70
C ARG A 212 30.33 1.64 7.71
C ARG A 212 30.33 1.64 7.71
N GLU A 213 31.11 2.30 8.57
CA GLU A 213 31.94 1.61 9.60
C GLU A 213 31.03 0.80 10.53
N ASP A 214 29.87 1.34 10.91
CA ASP A 214 28.87 0.65 11.77
C ASP A 214 28.36 -0.61 11.07
N ILE A 215 28.03 -0.50 9.77
CA ILE A 215 27.53 -1.65 8.96
C ILE A 215 28.62 -2.74 8.92
N VAL A 216 29.86 -2.37 8.63
CA VAL A 216 31.00 -3.34 8.50
C VAL A 216 31.20 -4.08 9.84
N ARG A 217 31.19 -3.35 10.95
CA ARG A 217 31.41 -3.94 12.31
C ARG A 217 30.23 -4.87 12.65
N CYS A 218 29.01 -4.37 12.53
CA CYS A 218 27.78 -5.06 13.01
C CYS A 218 27.50 -6.32 12.18
N LEU A 219 27.82 -6.32 10.87
CA LEU A 219 27.63 -7.50 9.99
C LEU A 219 28.89 -8.38 9.95
N ASN A 220 29.98 -8.01 10.64
CA ASN A 220 31.23 -8.79 10.71
C ASN A 220 31.77 -9.02 9.28
N LEU A 221 31.72 -7.99 8.44
CA LEU A 221 32.22 -8.09 7.04
C LEU A 221 33.75 -8.13 7.07
N ARG A 222 34.34 -8.90 6.14
CA ARG A 222 35.79 -9.14 6.04
C ARG A 222 36.32 -8.40 4.81
N ASN A 223 37.16 -7.37 5.00
CA ASN A 223 37.79 -6.58 3.91
C ASN A 223 36.76 -6.28 2.81
N PRO A 224 35.57 -5.70 3.13
CA PRO A 224 34.54 -5.52 2.12
C PRO A 224 34.95 -4.50 1.06
N GLN A 225 34.56 -4.77 -0.19
CA GLN A 225 34.62 -3.80 -1.29
C GLN A 225 33.59 -2.70 -1.04
N ILE A 226 34.03 -1.45 -1.02
CA ILE A 226 33.17 -0.26 -0.76
C ILE A 226 32.96 0.45 -2.09
N THR A 227 31.71 0.61 -2.49
CA THR A 227 31.32 1.42 -3.67
C THR A 227 30.25 2.42 -3.27
N CYS A 228 30.18 3.52 -3.98
CA CYS A 228 29.27 4.63 -3.70
C CYS A 228 28.87 5.26 -5.03
N THR A 229 27.63 5.01 -5.47
CA THR A 229 27.15 5.38 -6.82
C THR A 229 25.69 5.83 -6.77
N GLY A 230 25.18 6.33 -7.89
CA GLY A 230 23.80 6.83 -8.04
C GLY A 230 23.67 8.31 -7.74
N PHE A 231 24.77 8.99 -7.39
CA PHE A 231 24.81 10.44 -7.03
C PHE A 231 25.33 11.23 -8.24
N ASP A 232 24.80 12.44 -8.46
CA ASP A 232 25.17 13.32 -9.59
C ASP A 232 26.24 14.34 -9.16
N ARG A 233 26.46 14.54 -7.86
CA ARG A 233 27.52 15.40 -7.25
C ARG A 233 27.52 16.79 -7.90
N PRO A 234 26.42 17.57 -7.76
CA PRO A 234 26.28 18.85 -8.48
C PRO A 234 27.28 19.91 -8.03
N ASN A 235 27.90 19.72 -6.87
CA ASN A 235 28.88 20.66 -6.25
C ASN A 235 30.30 20.44 -6.77
N LEU A 236 30.53 19.50 -7.70
CA LEU A 236 31.87 19.26 -8.31
C LEU A 236 31.93 19.95 -9.67
N TYR A 237 32.79 20.96 -9.79
CA TYR A 237 33.09 21.64 -11.08
C TYR A 237 34.27 20.92 -11.73
N LEU A 238 34.15 20.60 -13.02
CA LEU A 238 35.16 19.80 -13.75
C LEU A 238 35.84 20.67 -14.81
N GLU A 239 37.16 20.61 -14.87
CA GLU A 239 37.93 21.34 -15.91
C GLU A 239 39.15 20.51 -16.33
N VAL A 240 39.44 20.57 -17.63
CA VAL A 240 40.68 20.00 -18.24
C VAL A 240 41.41 21.16 -18.91
N ARG A 241 42.69 21.32 -18.59
CA ARG A 241 43.54 22.45 -19.04
C ARG A 241 44.89 21.89 -19.46
N ARG A 242 45.51 22.49 -20.48
CA ARG A 242 46.86 22.09 -20.94
C ARG A 242 47.90 22.57 -19.91
N LYS A 243 48.90 21.73 -19.63
CA LYS A 243 50.17 22.14 -18.96
C LYS A 243 50.87 23.24 -19.77
N THR A 244 51.57 24.13 -19.09
CA THR A 244 52.26 25.32 -19.67
C THR A 244 53.78 25.10 -19.78
N GLY A 245 54.31 24.00 -19.23
CA GLY A 245 55.74 23.63 -19.31
C GLY A 245 56.55 24.08 -18.10
N ASN A 246 55.89 24.49 -17.00
CA ASN A 246 56.52 25.02 -15.76
C ASN A 246 55.55 24.76 -14.60
N ILE A 247 56.01 24.11 -13.52
CA ILE A 247 55.14 23.74 -12.36
C ILE A 247 54.50 25.00 -11.76
N LEU A 248 55.31 26.02 -11.44
CA LEU A 248 54.78 27.25 -10.78
C LEU A 248 53.80 27.96 -11.73
N GLN A 249 54.13 28.04 -13.02
CA GLN A 249 53.23 28.66 -14.04
C GLN A 249 51.88 27.92 -14.03
N ASP A 250 51.91 26.59 -13.93
CA ASP A 250 50.70 25.73 -13.94
C ASP A 250 49.86 25.92 -12.68
N LEU A 251 50.48 26.08 -11.51
CA LEU A 251 49.76 26.04 -10.20
C LEU A 251 49.45 27.44 -9.68
N GLN A 252 50.15 28.48 -10.16
CA GLN A 252 49.93 29.90 -9.73
C GLN A 252 48.44 30.27 -9.81
N PRO A 253 47.67 29.92 -10.87
CA PRO A 253 46.25 30.31 -10.94
C PRO A 253 45.40 29.82 -9.77
N PHE A 254 45.82 28.76 -9.07
CA PHE A 254 45.10 28.16 -7.92
C PHE A 254 45.46 28.86 -6.61
N LEU A 255 46.49 29.72 -6.58
CA LEU A 255 47.11 30.23 -5.34
C LEU A 255 46.62 31.65 -5.03
N VAL A 256 46.64 32.00 -3.74
CA VAL A 256 46.31 33.34 -3.17
C VAL A 256 47.40 33.69 -2.16
N LYS A 257 47.97 34.88 -2.24
CA LYS A 257 49.02 35.37 -1.31
C LYS A 257 48.35 35.98 -0.08
N THR A 258 48.64 35.46 1.12
CA THR A 258 48.20 36.02 2.42
C THR A 258 49.42 36.15 3.35
N SER A 259 49.59 37.31 3.99
CA SER A 259 50.76 37.70 4.82
C SER A 259 52.03 37.64 3.95
N SER A 260 52.92 36.65 4.18
CA SER A 260 54.15 36.40 3.40
C SER A 260 54.24 34.91 3.04
N HIS A 261 53.11 34.29 2.68
CA HIS A 261 53.01 32.91 2.14
C HIS A 261 51.86 32.84 1.13
N TRP A 262 51.89 31.83 0.27
N TRP A 262 51.89 31.83 0.26
CA TRP A 262 50.83 31.50 -0.73
CA TRP A 262 50.82 31.51 -0.73
C TRP A 262 50.03 30.30 -0.22
C TRP A 262 50.03 30.30 -0.22
N GLU A 263 48.74 30.23 -0.58
CA GLU A 263 47.83 29.13 -0.17
C GLU A 263 46.82 28.84 -1.28
N PHE A 264 46.24 27.65 -1.23
CA PHE A 264 45.02 27.28 -1.99
C PHE A 264 43.80 27.85 -1.26
N GLU A 265 42.63 27.86 -1.92
CA GLU A 265 41.35 28.32 -1.34
C GLU A 265 41.00 27.45 -0.12
N GLY A 266 41.25 26.15 -0.20
CA GLY A 266 40.92 25.18 0.86
C GLY A 266 41.75 23.91 0.77
N PRO A 267 41.40 22.86 1.56
CA PRO A 267 42.12 21.58 1.52
C PRO A 267 42.16 21.03 0.09
N THR A 268 43.37 20.67 -0.35
CA THR A 268 43.69 20.35 -1.77
C THR A 268 44.48 19.04 -1.82
N ILE A 269 44.13 18.16 -2.76
CA ILE A 269 44.98 16.99 -3.14
C ILE A 269 45.48 17.22 -4.57
N ILE A 270 46.80 17.12 -4.77
CA ILE A 270 47.45 17.10 -6.11
C ILE A 270 47.93 15.68 -6.36
N TYR A 271 47.28 14.99 -7.29
CA TYR A 271 47.65 13.62 -7.75
C TYR A 271 48.65 13.71 -8.90
N CYS A 272 49.84 13.11 -8.75
CA CYS A 272 50.88 12.98 -9.80
C CYS A 272 51.08 11.52 -10.17
N PRO A 273 51.38 11.17 -11.45
CA PRO A 273 51.66 9.78 -11.82
C PRO A 273 52.89 9.14 -11.15
N SER A 274 53.95 9.92 -10.97
CA SER A 274 55.29 9.44 -10.50
C SER A 274 55.60 9.97 -9.10
N ARG A 275 56.42 9.23 -8.34
CA ARG A 275 56.98 9.67 -7.04
C ARG A 275 57.85 10.91 -7.26
N LYS A 276 58.66 10.90 -8.34
CA LYS A 276 59.57 12.00 -8.75
C LYS A 276 58.76 13.30 -8.83
N MET A 277 57.62 13.27 -9.54
CA MET A 277 56.78 14.47 -9.77
C MET A 277 56.17 14.96 -8.44
N THR A 278 55.80 14.07 -7.51
CA THR A 278 55.25 14.49 -6.19
C THR A 278 56.31 15.31 -5.44
N GLN A 279 57.58 14.89 -5.47
CA GLN A 279 58.72 15.62 -4.84
C GLN A 279 58.95 16.94 -5.58
N GLN A 280 58.93 16.93 -6.92
CA GLN A 280 59.14 18.13 -7.77
C GLN A 280 58.06 19.18 -7.47
N VAL A 281 56.79 18.78 -7.40
CA VAL A 281 55.64 19.70 -7.12
C VAL A 281 55.72 20.20 -5.67
N THR A 282 55.98 19.32 -4.70
CA THR A 282 56.13 19.69 -3.26
C THR A 282 57.22 20.74 -3.12
N GLY A 283 58.37 20.53 -3.76
CA GLY A 283 59.54 21.44 -3.74
C GLY A 283 59.15 22.86 -4.14
N GLU A 284 58.39 23.00 -5.23
CA GLU A 284 57.95 24.32 -5.77
C GLU A 284 56.99 25.00 -4.78
N LEU A 285 56.05 24.26 -4.18
CA LEU A 285 55.07 24.84 -3.22
C LEU A 285 55.76 25.20 -1.90
N ARG A 286 56.78 24.44 -1.49
CA ARG A 286 57.60 24.70 -0.26
C ARG A 286 58.31 26.06 -0.39
N LYS A 287 58.77 26.43 -1.60
CA LYS A 287 59.43 27.73 -1.92
C LYS A 287 58.48 28.90 -1.62
N LEU A 288 57.16 28.67 -1.70
CA LEU A 288 56.11 29.68 -1.38
C LEU A 288 55.66 29.56 0.08
N ASN A 289 56.32 28.74 0.90
CA ASN A 289 55.98 28.47 2.32
C ASN A 289 54.53 27.98 2.44
N LEU A 290 54.04 27.25 1.43
CA LEU A 290 52.67 26.68 1.42
C LEU A 290 52.66 25.47 2.35
N SER A 291 51.64 25.37 3.20
CA SER A 291 51.43 24.29 4.20
C SER A 291 51.06 22.99 3.46
N CYS A 292 52.03 22.11 3.20
CA CYS A 292 51.82 20.89 2.36
C CYS A 292 52.72 19.74 2.78
N GLY A 293 52.42 18.55 2.26
CA GLY A 293 53.16 17.30 2.50
C GLY A 293 53.10 16.37 1.31
N THR A 294 54.09 15.48 1.18
CA THR A 294 54.20 14.47 0.09
C THR A 294 53.68 13.13 0.62
N TYR A 295 53.06 12.32 -0.25
CA TYR A 295 52.55 10.96 0.07
C TYR A 295 52.77 10.02 -1.12
N HIS A 296 53.63 9.01 -0.95
CA HIS A 296 53.80 7.89 -1.91
C HIS A 296 54.29 6.64 -1.17
N ALA A 297 54.30 5.50 -1.86
CA ALA A 297 54.61 4.16 -1.29
C ALA A 297 56.09 4.06 -0.89
N GLY A 298 56.96 4.91 -1.45
CA GLY A 298 58.38 5.04 -1.07
C GLY A 298 58.61 5.61 0.32
N MET A 299 57.57 6.14 0.98
CA MET A 299 57.61 6.62 2.39
C MET A 299 57.21 5.48 3.33
N SER A 300 57.63 5.56 4.60
CA SER A 300 57.32 4.57 5.67
C SER A 300 55.88 4.76 6.18
N PHE A 301 55.33 3.73 6.84
CA PHE A 301 53.97 3.71 7.44
C PHE A 301 53.81 4.89 8.42
N SER A 302 54.83 5.13 9.25
CA SER A 302 54.89 6.22 10.26
C SER A 302 54.63 7.58 9.60
N THR A 303 55.43 7.93 8.59
CA THR A 303 55.38 9.22 7.85
C THR A 303 54.03 9.37 7.14
N ARG A 304 53.58 8.32 6.43
CA ARG A 304 52.29 8.30 5.68
C ARG A 304 51.12 8.57 6.65
N LYS A 305 51.08 7.89 7.80
CA LYS A 305 49.99 8.04 8.81
C LYS A 305 50.00 9.46 9.40
N ASP A 306 51.18 10.08 9.51
CA ASP A 306 51.36 11.46 10.05
C ASP A 306 50.80 12.47 9.03
N ILE A 307 51.11 12.29 7.74
CA ILE A 307 50.59 13.14 6.62
C ILE A 307 49.05 13.10 6.68
N HIS A 308 48.48 11.88 6.72
CA HIS A 308 47.02 11.62 6.84
C HIS A 308 46.45 12.37 8.05
N HIS A 309 47.06 12.20 9.23
CA HIS A 309 46.64 12.84 10.52
C HIS A 309 46.64 14.36 10.37
N ARG A 310 47.75 14.94 9.88
CA ARG A 310 47.94 16.42 9.74
C ARG A 310 46.93 16.98 8.72
N PHE A 311 46.63 16.24 7.66
CA PHE A 311 45.65 16.65 6.63
C PHE A 311 44.24 16.68 7.25
N VAL A 312 43.86 15.62 7.98
CA VAL A 312 42.55 15.52 8.70
C VAL A 312 42.47 16.63 9.76
N ARG A 313 43.59 16.98 10.42
CA ARG A 313 43.65 18.02 11.48
C ARG A 313 43.84 19.42 10.86
N ASP A 314 44.01 19.52 9.53
CA ASP A 314 44.19 20.79 8.77
C ASP A 314 45.48 21.49 9.24
N GLU A 315 46.52 20.72 9.55
CA GLU A 315 47.89 21.20 9.87
C GLU A 315 48.71 21.26 8.58
N ILE A 316 48.31 20.51 7.55
CA ILE A 316 48.74 20.75 6.14
C ILE A 316 47.48 21.01 5.29
N GLN A 317 47.58 21.97 4.36
CA GLN A 317 46.47 22.37 3.47
C GLN A 317 46.43 21.46 2.24
N CYS A 318 47.60 21.04 1.76
CA CYS A 318 47.76 20.34 0.45
C CYS A 318 48.54 19.04 0.63
N VAL A 319 48.01 17.93 0.11
CA VAL A 319 48.75 16.65 0.00
C VAL A 319 49.11 16.46 -1.48
N ILE A 320 50.40 16.37 -1.78
CA ILE A 320 50.91 16.08 -3.15
C ILE A 320 51.25 14.59 -3.16
N ALA A 321 50.48 13.79 -3.90
CA ALA A 321 50.45 12.33 -3.73
C ALA A 321 50.44 11.60 -5.07
N THR A 322 50.87 10.35 -5.04
CA THR A 322 50.49 9.33 -6.05
C THR A 322 49.08 8.85 -5.69
N ILE A 323 48.48 8.02 -6.55
CA ILE A 323 47.09 7.53 -6.34
C ILE A 323 47.04 6.46 -5.24
N ALA A 324 48.17 6.19 -4.58
CA ALA A 324 48.27 5.43 -3.30
C ALA A 324 47.47 6.14 -2.19
N PHE A 325 47.39 7.47 -2.24
CA PHE A 325 46.70 8.31 -1.21
C PHE A 325 45.21 8.42 -1.55
N GLY A 326 44.33 8.16 -0.58
CA GLY A 326 42.88 8.42 -0.80
C GLY A 326 41.94 7.52 -0.03
N MET A 327 42.07 6.19 -0.19
CA MET A 327 41.11 5.19 0.37
C MET A 327 40.88 5.43 1.86
N GLY A 328 41.95 5.75 2.62
CA GLY A 328 41.92 5.93 4.07
C GLY A 328 41.21 7.20 4.52
N ILE A 329 41.02 8.19 3.64
CA ILE A 329 40.54 9.55 4.04
C ILE A 329 39.01 9.62 3.94
N ASN A 330 38.36 10.09 5.01
CA ASN A 330 36.89 10.36 5.07
C ASN A 330 36.65 11.87 5.10
N LYS A 331 37.69 12.67 4.85
CA LYS A 331 37.71 14.16 4.96
C LYS A 331 36.63 14.72 4.02
N ALA A 332 35.70 15.51 4.57
CA ALA A 332 34.47 15.97 3.87
C ALA A 332 34.70 17.31 3.15
N ASP A 333 35.77 18.05 3.47
CA ASP A 333 35.96 19.45 3.01
C ASP A 333 37.17 19.54 2.06
N ILE A 334 37.33 18.56 1.16
CA ILE A 334 38.33 18.67 0.06
C ILE A 334 37.73 19.62 -1.00
N ARG A 335 38.32 20.82 -1.10
CA ARG A 335 37.81 21.92 -1.95
C ARG A 335 38.36 21.79 -3.37
N GLN A 336 39.53 21.16 -3.55
CA GLN A 336 40.22 21.10 -4.86
C GLN A 336 40.95 19.77 -5.00
N VAL A 337 40.71 19.07 -6.11
CA VAL A 337 41.56 17.96 -6.60
C VAL A 337 42.23 18.46 -7.88
N ILE A 338 43.55 18.32 -7.96
CA ILE A 338 44.32 18.59 -9.21
C ILE A 338 44.97 17.29 -9.61
N HIS A 339 44.65 16.79 -10.81
CA HIS A 339 45.47 15.76 -11.49
C HIS A 339 46.58 16.48 -12.25
N TYR A 340 47.78 16.45 -11.69
CA TYR A 340 48.98 17.08 -12.30
C TYR A 340 49.60 16.03 -13.21
N GLY A 341 49.16 16.03 -14.47
CA GLY A 341 49.38 14.93 -15.43
C GLY A 341 48.10 14.13 -15.62
N ALA A 342 47.87 13.67 -16.85
CA ALA A 342 46.73 12.79 -17.22
C ALA A 342 46.59 11.70 -16.17
N PRO A 343 45.36 11.41 -15.68
CA PRO A 343 45.13 10.31 -14.75
C PRO A 343 45.42 8.95 -15.41
N LYS A 344 45.56 7.91 -14.60
CA LYS A 344 45.89 6.55 -15.08
C LYS A 344 44.84 6.08 -16.09
N ASP A 345 43.56 6.25 -15.73
CA ASP A 345 42.40 5.90 -16.58
C ASP A 345 41.15 6.54 -15.99
N MET A 346 40.00 6.40 -16.63
CA MET A 346 38.74 7.05 -16.18
C MET A 346 38.25 6.42 -14.87
N GLU A 347 38.51 5.12 -14.64
N GLU A 347 38.51 5.12 -14.64
CA GLU A 347 38.14 4.41 -13.39
CA GLU A 347 38.15 4.41 -13.38
C GLU A 347 38.88 5.07 -12.21
C GLU A 347 38.88 5.07 -12.21
N SER A 348 40.20 5.21 -12.30
N SER A 348 40.20 5.22 -12.30
CA SER A 348 41.04 5.84 -11.24
CA SER A 348 41.05 5.84 -11.26
C SER A 348 40.59 7.29 -11.03
C SER A 348 40.59 7.29 -11.03
N TYR A 349 40.38 8.03 -12.12
CA TYR A 349 39.93 9.44 -12.10
C TYR A 349 38.62 9.56 -11.32
N TYR A 350 37.65 8.69 -11.61
CA TYR A 350 36.32 8.67 -10.94
C TYR A 350 36.48 8.43 -9.43
N GLN A 351 37.33 7.46 -9.04
CA GLN A 351 37.59 7.16 -7.60
C GLN A 351 38.17 8.43 -6.93
N GLU A 352 39.08 9.13 -7.62
CA GLU A 352 39.87 10.24 -7.05
C GLU A 352 38.99 11.49 -6.91
N ILE A 353 38.24 11.87 -7.96
CA ILE A 353 37.38 13.09 -7.89
C ILE A 353 36.18 12.83 -6.97
N GLY A 354 35.75 11.57 -6.80
CA GLY A 354 34.65 11.20 -5.89
C GLY A 354 34.93 11.61 -4.44
N ARG A 355 36.21 11.78 -4.08
CA ARG A 355 36.63 12.16 -2.71
C ARG A 355 36.45 13.66 -2.46
N ALA A 356 36.28 14.46 -3.51
CA ALA A 356 36.12 15.92 -3.42
C ALA A 356 34.73 16.28 -2.88
N GLY A 357 34.65 17.34 -2.07
CA GLY A 357 33.40 18.01 -1.67
C GLY A 357 32.35 17.06 -1.12
N ARG A 358 32.74 16.15 -0.22
CA ARG A 358 31.77 15.19 0.38
C ARG A 358 30.88 15.90 1.41
N ASP A 359 31.20 17.14 1.79
CA ASP A 359 30.34 18.02 2.62
C ASP A 359 29.22 18.67 1.78
N GLY A 360 29.21 18.49 0.46
CA GLY A 360 28.19 19.04 -0.45
C GLY A 360 28.45 20.49 -0.84
N LEU A 361 29.52 21.11 -0.32
CA LEU A 361 29.90 22.51 -0.65
C LEU A 361 30.70 22.53 -1.97
N GLN A 362 30.80 23.70 -2.59
CA GLN A 362 31.42 23.87 -3.93
C GLN A 362 32.87 23.37 -3.88
N SER A 363 33.23 22.46 -4.78
CA SER A 363 34.61 21.99 -5.00
C SER A 363 34.93 22.04 -6.50
N SER A 364 36.22 21.99 -6.82
CA SER A 364 36.73 21.98 -8.21
C SER A 364 37.66 20.78 -8.40
N CYS A 365 37.58 20.16 -9.57
CA CYS A 365 38.44 19.04 -10.00
C CYS A 365 39.05 19.42 -11.34
N HIS A 366 40.34 19.70 -11.36
CA HIS A 366 41.10 20.14 -12.56
C HIS A 366 42.08 19.04 -12.97
N VAL A 367 42.11 18.68 -14.26
CA VAL A 367 43.21 17.91 -14.87
C VAL A 367 44.11 18.89 -15.62
N LEU A 368 45.40 18.90 -15.30
CA LEU A 368 46.46 19.60 -16.06
C LEU A 368 47.22 18.53 -16.85
N TRP A 369 47.09 18.51 -18.17
CA TRP A 369 47.60 17.41 -19.03
C TRP A 369 48.44 17.97 -20.18
N ALA A 370 49.30 17.12 -20.72
CA ALA A 370 49.99 17.33 -22.01
C ALA A 370 49.85 16.04 -22.82
N PRO A 371 49.65 16.12 -24.16
CA PRO A 371 49.71 14.93 -25.02
C PRO A 371 50.91 14.00 -24.76
N ALA A 372 52.01 14.56 -24.21
CA ALA A 372 53.27 13.85 -23.86
C ALA A 372 53.18 13.04 -22.54
N ASP A 373 52.10 13.17 -21.77
CA ASP A 373 51.99 12.59 -20.40
C ASP A 373 52.13 11.06 -20.43
N ILE A 374 52.73 10.49 -19.36
CA ILE A 374 53.08 9.04 -19.23
C ILE A 374 51.82 8.17 -19.40
N ASN A 375 50.66 8.61 -18.88
CA ASN A 375 49.39 7.86 -18.93
C ASN A 375 48.72 8.00 -20.31
N LEU A 376 49.32 8.73 -21.26
CA LEU A 376 48.93 8.77 -22.69
C LEU A 376 49.99 8.13 -23.59
N ASN A 377 51.05 7.55 -23.00
CA ASN A 377 52.18 6.95 -23.75
C ASN A 377 51.84 5.49 -24.09
N ARG A 378 51.58 5.21 -25.38
CA ARG A 378 51.21 3.86 -25.90
C ARG A 378 52.38 2.88 -25.78
N HIS A 379 53.64 3.35 -25.89
CA HIS A 379 54.87 2.51 -25.88
C HIS A 379 54.85 1.55 -24.68
N LEU A 380 54.57 2.05 -23.48
CA LEU A 380 54.53 1.26 -22.22
C LEU A 380 53.46 0.14 -22.31
N LEU A 381 52.38 0.38 -23.05
CA LEU A 381 51.25 -0.59 -23.21
C LEU A 381 51.54 -1.62 -24.31
N THR A 382 52.19 -1.23 -25.41
CA THR A 382 52.58 -2.15 -26.52
C THR A 382 53.52 -3.24 -25.99
N GLU A 383 54.30 -2.95 -24.94
CA GLU A 383 55.22 -3.89 -24.26
C GLU A 383 54.45 -4.99 -23.50
N ILE A 384 53.13 -4.85 -23.25
CA ILE A 384 52.32 -5.87 -22.53
C ILE A 384 52.14 -7.09 -23.44
N ARG A 385 52.59 -8.27 -22.99
CA ARG A 385 52.61 -9.52 -23.81
C ARG A 385 51.23 -10.19 -23.76
N ASN A 386 50.50 -10.09 -22.64
CA ASN A 386 49.13 -10.64 -22.49
C ASN A 386 48.17 -9.86 -23.40
N GLU A 387 47.65 -10.50 -24.46
CA GLU A 387 46.83 -9.84 -25.51
C GLU A 387 45.61 -9.17 -24.87
N LYS A 388 44.85 -9.90 -24.04
CA LYS A 388 43.58 -9.39 -23.46
C LYS A 388 43.86 -8.16 -22.60
N PHE A 389 44.88 -8.21 -21.74
CA PHE A 389 45.22 -7.08 -20.84
C PHE A 389 45.76 -5.91 -21.67
N ARG A 390 46.62 -6.16 -22.66
CA ARG A 390 47.17 -5.12 -23.56
C ARG A 390 46.02 -4.34 -24.20
N LEU A 391 45.06 -5.05 -24.81
CA LEU A 391 43.93 -4.43 -25.55
C LEU A 391 43.03 -3.65 -24.58
N TYR A 392 42.78 -4.17 -23.38
CA TYR A 392 42.03 -3.47 -22.32
C TYR A 392 42.72 -2.16 -21.95
N LYS A 393 44.03 -2.21 -21.69
CA LYS A 393 44.83 -1.01 -21.28
C LYS A 393 44.81 0.04 -22.38
N LEU A 394 44.94 -0.39 -23.64
CA LEU A 394 44.89 0.53 -24.81
C LEU A 394 43.49 1.15 -24.91
N LYS A 395 42.42 0.36 -24.70
CA LYS A 395 41.02 0.87 -24.75
C LYS A 395 40.80 1.89 -23.63
N MET A 396 41.32 1.63 -22.42
CA MET A 396 41.15 2.55 -21.26
C MET A 396 41.93 3.85 -21.51
N MET A 397 43.15 3.76 -22.07
CA MET A 397 43.96 4.96 -22.40
C MET A 397 43.24 5.80 -23.45
N ALA A 398 42.67 5.15 -24.47
CA ALA A 398 41.92 5.82 -25.57
C ALA A 398 40.69 6.54 -25.01
N LYS A 399 39.96 5.91 -24.09
CA LYS A 399 38.75 6.48 -23.45
C LYS A 399 39.11 7.72 -22.61
N MET A 400 40.21 7.64 -21.86
N MET A 400 40.21 7.64 -21.86
CA MET A 400 40.78 8.74 -21.05
CA MET A 400 40.73 8.77 -21.05
C MET A 400 41.18 9.90 -21.99
C MET A 400 41.17 9.91 -21.99
N GLU A 401 41.88 9.58 -23.07
CA GLU A 401 42.29 10.57 -24.11
C GLU A 401 41.07 11.29 -24.69
N LYS A 402 40.01 10.55 -25.03
CA LYS A 402 38.75 11.08 -25.59
C LYS A 402 38.13 12.06 -24.60
N TYR A 403 38.12 11.74 -23.30
CA TYR A 403 37.60 12.64 -22.24
C TYR A 403 38.42 13.94 -22.24
N LEU A 404 39.75 13.84 -22.18
CA LEU A 404 40.65 15.02 -22.10
C LEU A 404 40.42 15.92 -23.32
N HIS A 405 40.29 15.31 -24.51
CA HIS A 405 40.18 16.02 -25.83
C HIS A 405 38.79 16.63 -26.04
N SER A 406 37.78 16.21 -25.27
CA SER A 406 36.36 16.49 -25.58
C SER A 406 36.05 17.99 -25.42
N SER A 407 35.15 18.48 -26.27
CA SER A 407 34.47 19.79 -26.13
C SER A 407 33.05 19.61 -25.56
N ARG A 408 32.63 18.37 -25.28
CA ARG A 408 31.28 18.05 -24.75
C ARG A 408 31.31 18.16 -23.22
N CYS A 409 30.13 18.17 -22.61
CA CYS A 409 29.96 18.29 -21.13
C CYS A 409 30.77 17.18 -20.45
N ARG A 410 31.70 17.56 -19.57
CA ARG A 410 32.59 16.62 -18.84
C ARG A 410 31.73 15.73 -17.92
N ARG A 411 30.70 16.32 -17.30
CA ARG A 411 29.79 15.63 -16.37
C ARG A 411 29.01 14.55 -17.14
N GLN A 412 28.49 14.91 -18.32
CA GLN A 412 27.71 13.98 -19.18
C GLN A 412 28.59 12.77 -19.52
N ILE A 413 29.86 13.00 -19.89
CA ILE A 413 30.80 11.89 -20.28
C ILE A 413 30.95 10.95 -19.09
N ILE A 414 31.24 11.50 -17.90
CA ILE A 414 31.52 10.67 -16.70
C ILE A 414 30.24 9.92 -16.30
N LEU A 415 29.11 10.62 -16.22
CA LEU A 415 27.82 9.98 -15.82
C LEU A 415 27.42 8.89 -16.82
N SER A 416 27.58 9.14 -18.13
N SER A 416 27.57 9.15 -18.12
CA SER A 416 27.28 8.17 -19.21
CA SER A 416 27.27 8.17 -19.20
C SER A 416 28.09 6.88 -19.01
C SER A 416 28.09 6.88 -19.01
N HIS A 417 29.38 7.02 -18.69
CA HIS A 417 30.31 5.88 -18.49
C HIS A 417 29.96 5.08 -17.23
N PHE A 418 29.74 5.76 -16.10
CA PHE A 418 29.77 5.14 -14.75
C PHE A 418 28.38 4.93 -14.15
N GLU A 419 27.39 5.75 -14.50
CA GLU A 419 26.10 5.82 -13.77
C GLU A 419 24.96 5.31 -14.66
N ASP A 420 23.93 4.74 -14.02
CA ASP A 420 22.61 4.45 -14.64
C ASP A 420 22.12 5.72 -15.35
N LYS A 421 21.43 5.56 -16.47
CA LYS A 421 20.89 6.69 -17.29
C LYS A 421 20.05 7.63 -16.41
N GLN A 422 19.39 7.10 -15.36
CA GLN A 422 18.52 7.90 -14.44
C GLN A 422 19.30 9.02 -13.75
N VAL A 423 20.59 8.82 -13.44
CA VAL A 423 21.40 9.86 -12.73
C VAL A 423 21.49 11.10 -13.63
N GLN A 424 21.59 10.93 -14.96
CA GLN A 424 21.55 12.06 -15.93
C GLN A 424 20.14 12.66 -16.00
N LYS A 425 19.11 11.82 -16.05
CA LYS A 425 17.68 12.22 -16.27
C LYS A 425 17.10 12.84 -14.99
N ALA A 426 17.58 12.42 -13.82
CA ALA A 426 17.17 12.94 -12.49
C ALA A 426 18.02 14.15 -12.10
N SER A 427 19.19 14.32 -12.72
CA SER A 427 20.11 15.48 -12.50
C SER A 427 19.45 16.76 -13.01
N LEU A 428 18.96 17.57 -12.08
CA LEU A 428 18.28 18.87 -12.36
C LEU A 428 19.13 20.02 -11.80
N GLY A 429 19.49 20.97 -12.66
CA GLY A 429 19.96 22.32 -12.28
C GLY A 429 21.46 22.52 -12.30
N ILE A 430 22.27 21.51 -12.70
CA ILE A 430 23.75 21.66 -12.80
C ILE A 430 24.20 21.59 -14.27
N MET A 431 23.81 20.56 -15.02
CA MET A 431 24.37 20.33 -16.38
C MET A 431 23.98 21.50 -17.30
N GLY A 432 24.94 22.03 -18.07
CA GLY A 432 24.73 23.16 -19.00
C GLY A 432 24.89 24.53 -18.33
N THR A 433 25.12 24.58 -17.02
CA THR A 433 25.26 25.85 -16.25
C THR A 433 26.75 26.19 -16.08
N GLU A 434 27.03 27.40 -15.59
CA GLU A 434 28.41 27.93 -15.43
C GLU A 434 29.20 27.13 -14.39
N LYS A 435 28.55 26.37 -13.50
CA LYS A 435 29.21 25.60 -12.41
C LYS A 435 29.38 24.12 -12.79
N CYS A 436 28.93 23.68 -13.97
CA CYS A 436 28.97 22.25 -14.37
C CYS A 436 30.41 21.86 -14.70
N CYS A 437 30.96 22.46 -15.75
CA CYS A 437 32.28 22.09 -16.31
C CYS A 437 32.77 23.19 -17.25
N ASP A 438 34.06 23.15 -17.57
CA ASP A 438 34.69 24.13 -18.48
C ASP A 438 33.92 24.19 -19.81
N ASN A 439 33.47 23.06 -20.34
CA ASN A 439 32.83 22.99 -21.68
C ASN A 439 31.40 23.54 -21.65
N CYS A 440 30.70 23.49 -20.50
CA CYS A 440 29.34 24.08 -20.33
C CYS A 440 29.43 25.59 -20.08
N ARG A 441 30.54 26.09 -19.52
CA ARG A 441 30.75 27.53 -19.22
C ARG A 441 30.90 28.35 -20.52
N SER A 442 31.70 27.84 -21.47
CA SER A 442 32.26 28.60 -22.62
C SER A 442 31.18 28.94 -23.65
N ASP B 12 13.35 -34.55 34.07
CA ASP B 12 11.99 -34.68 33.43
C ASP B 12 11.06 -33.61 34.00
N ASP B 13 10.47 -32.79 33.13
CA ASP B 13 9.56 -31.66 33.50
C ASP B 13 8.10 -32.14 33.50
N GLU B 14 7.76 -33.20 32.75
CA GLU B 14 6.37 -33.73 32.64
C GLU B 14 6.40 -35.22 32.32
N ASN B 15 5.31 -35.94 32.59
CA ASN B 15 5.13 -37.39 32.30
C ASN B 15 3.78 -37.60 31.61
N GLU B 16 3.42 -36.70 30.67
CA GLU B 16 2.08 -36.61 30.06
C GLU B 16 1.80 -37.82 29.15
N ALA B 17 2.80 -38.32 28.42
CA ALA B 17 2.66 -39.44 27.45
C ALA B 17 2.14 -40.70 28.17
N ASN B 18 1.13 -41.35 27.58
CA ASN B 18 0.50 -42.59 28.10
C ASN B 18 0.73 -43.73 27.11
N GLU B 19 0.90 -44.95 27.64
CA GLU B 19 1.14 -46.19 26.87
C GLU B 19 -0.04 -46.43 25.91
N ASP B 25 -0.60 -33.06 19.55
CA ASP B 25 -0.89 -31.66 19.99
C ASP B 25 -1.93 -31.00 19.07
N LYS B 26 -1.69 -31.03 17.76
CA LYS B 26 -2.61 -30.49 16.71
C LYS B 26 -3.93 -31.27 16.64
N ASP B 27 -3.97 -32.47 17.24
CA ASP B 27 -5.19 -33.33 17.31
C ASP B 27 -6.30 -32.54 18.00
N PHE B 28 -7.51 -32.69 17.48
CA PHE B 28 -8.77 -32.11 18.02
C PHE B 28 -8.95 -30.64 17.60
N LEU B 29 -8.04 -30.09 16.76
CA LEU B 29 -8.21 -28.74 16.15
C LEU B 29 -8.51 -28.92 14.66
N TRP B 30 -9.52 -28.19 14.16
CA TRP B 30 -9.91 -28.20 12.73
C TRP B 30 -10.02 -26.78 12.21
N PRO B 31 -9.29 -26.41 11.12
CA PRO B 31 -8.22 -27.22 10.55
C PRO B 31 -7.03 -27.26 11.51
N ALA B 32 -6.09 -28.18 11.30
CA ALA B 32 -4.88 -28.31 12.13
C ALA B 32 -4.00 -27.07 11.91
N PRO B 33 -3.42 -26.49 12.99
CA PRO B 33 -2.32 -25.55 12.83
C PRO B 33 -1.22 -26.18 11.96
N ASN B 34 -0.62 -25.39 11.06
CA ASN B 34 0.49 -25.87 10.20
C ASN B 34 1.78 -25.87 11.01
N GLU B 35 2.87 -26.42 10.44
CA GLU B 35 4.17 -26.61 11.17
C GLU B 35 4.72 -25.25 11.60
N GLU B 36 4.65 -24.24 10.72
CA GLU B 36 5.19 -22.89 11.01
C GLU B 36 4.36 -22.21 12.09
N GLN B 37 3.05 -22.44 12.12
CA GLN B 37 2.17 -21.89 13.20
C GLN B 37 2.61 -22.44 14.55
N VAL B 38 2.95 -23.73 14.62
CA VAL B 38 3.42 -24.38 15.88
C VAL B 38 4.81 -23.84 16.21
N THR B 39 5.71 -23.75 15.22
CA THR B 39 7.09 -23.21 15.41
C THR B 39 7.00 -21.80 15.99
N CYS B 40 6.11 -20.96 15.41
N CYS B 40 6.12 -20.96 15.42
CA CYS B 40 5.87 -19.56 15.85
CA CYS B 40 5.88 -19.56 15.85
C CYS B 40 5.39 -19.53 17.30
C CYS B 40 5.39 -19.53 17.31
N LEU B 41 4.43 -20.40 17.64
CA LEU B 41 3.87 -20.50 19.01
C LEU B 41 4.98 -20.90 20.00
N LYS B 42 5.82 -21.88 19.65
CA LYS B 42 6.94 -22.33 20.53
C LYS B 42 7.97 -21.19 20.65
N MET B 43 8.39 -20.60 19.53
CA MET B 43 9.52 -19.63 19.47
C MET B 43 9.17 -18.35 20.25
N TYR B 44 7.96 -17.80 20.05
CA TYR B 44 7.59 -16.45 20.53
C TYR B 44 6.74 -16.51 21.80
N PHE B 45 6.07 -17.62 22.11
CA PHE B 45 5.14 -17.72 23.27
C PHE B 45 5.50 -18.88 24.22
N GLY B 46 6.40 -19.80 23.84
CA GLY B 46 6.87 -20.89 24.72
C GLY B 46 5.78 -21.91 25.03
N HIS B 47 4.82 -22.10 24.12
CA HIS B 47 3.73 -23.11 24.22
C HIS B 47 3.85 -24.10 23.06
N SER B 48 3.48 -25.35 23.31
CA SER B 48 3.59 -26.49 22.35
C SER B 48 2.28 -26.65 21.55
N SER B 49 1.16 -26.16 22.08
CA SER B 49 -0.19 -26.40 21.50
C SER B 49 -1.12 -25.23 21.82
N PHE B 50 -2.17 -25.09 21.00
CA PHE B 50 -3.29 -24.16 21.23
C PHE B 50 -4.41 -24.90 21.94
N LYS B 51 -5.04 -24.25 22.92
CA LYS B 51 -6.33 -24.71 23.49
C LYS B 51 -7.41 -24.48 22.42
N PRO B 52 -8.49 -25.30 22.37
CA PRO B 52 -9.53 -25.12 21.34
C PRO B 52 -10.07 -23.70 21.20
N VAL B 53 -10.39 -22.98 22.29
CA VAL B 53 -10.94 -21.60 22.20
C VAL B 53 -9.87 -20.66 21.64
N GLN B 54 -8.61 -20.86 22.02
CA GLN B 54 -7.51 -19.99 21.48
C GLN B 54 -7.48 -20.17 19.97
N TRP B 55 -7.55 -21.40 19.50
CA TRP B 55 -7.51 -21.70 18.05
C TRP B 55 -8.77 -21.16 17.36
N LYS B 56 -9.96 -21.32 17.96
CA LYS B 56 -11.21 -20.74 17.41
C LYS B 56 -11.02 -19.26 17.13
N VAL B 57 -10.51 -18.51 18.10
CA VAL B 57 -10.35 -17.04 17.97
C VAL B 57 -9.26 -16.76 16.92
N ILE B 58 -8.09 -17.37 17.07
CA ILE B 58 -6.91 -17.09 16.19
C ILE B 58 -7.29 -17.43 14.74
N HIS B 59 -7.85 -18.61 14.49
CA HIS B 59 -8.17 -19.05 13.12
C HIS B 59 -9.24 -18.13 12.53
N SER B 60 -10.26 -17.75 13.32
CA SER B 60 -11.35 -16.84 12.84
C SER B 60 -10.76 -15.49 12.45
N VAL B 61 -9.78 -14.99 13.20
CA VAL B 61 -9.11 -13.70 12.89
C VAL B 61 -8.27 -13.85 11.61
N LEU B 62 -7.41 -14.87 11.54
CA LEU B 62 -6.41 -14.99 10.44
C LEU B 62 -7.11 -15.33 9.13
N GLU B 63 -8.01 -16.32 9.12
CA GLU B 63 -8.50 -16.91 7.85
C GLU B 63 -9.84 -16.29 7.45
N GLU B 64 -10.65 -15.81 8.40
CA GLU B 64 -12.01 -15.26 8.12
C GLU B 64 -12.10 -13.76 8.36
N ARG B 65 -11.12 -13.15 9.04
N ARG B 65 -11.12 -13.14 9.02
CA ARG B 65 -11.15 -11.72 9.47
CA ARG B 65 -11.15 -11.71 9.46
C ARG B 65 -12.47 -11.46 10.18
C ARG B 65 -12.47 -11.46 10.18
N ARG B 66 -12.85 -12.36 11.09
CA ARG B 66 -14.15 -12.34 11.78
C ARG B 66 -14.03 -11.60 13.11
N ASP B 67 -14.97 -10.71 13.38
CA ASP B 67 -15.13 -10.08 14.71
C ASP B 67 -15.36 -11.17 15.76
N ASN B 68 -14.87 -10.94 16.98
CA ASN B 68 -15.04 -11.88 18.13
C ASN B 68 -15.50 -11.10 19.35
N VAL B 69 -16.37 -11.71 20.15
CA VAL B 69 -16.52 -11.36 21.59
C VAL B 69 -16.04 -12.58 22.36
N ALA B 70 -14.90 -12.44 23.03
CA ALA B 70 -14.25 -13.52 23.80
C ALA B 70 -14.43 -13.19 25.28
N VAL B 71 -15.41 -13.82 25.92
CA VAL B 71 -15.59 -13.72 27.40
C VAL B 71 -14.58 -14.67 28.03
N MET B 72 -13.69 -14.12 28.85
CA MET B 72 -12.62 -14.91 29.52
C MET B 72 -12.60 -14.49 30.99
N ALA B 73 -12.88 -15.45 31.88
CA ALA B 73 -13.04 -15.23 33.34
C ALA B 73 -11.76 -14.60 33.91
N THR B 74 -10.57 -14.99 33.42
CA THR B 74 -9.26 -14.49 33.90
C THR B 74 -8.32 -14.21 32.71
N GLY B 75 -7.12 -13.69 33.01
CA GLY B 75 -6.05 -13.46 32.01
C GLY B 75 -5.34 -14.74 31.59
N TYR B 76 -5.61 -15.89 32.23
CA TYR B 76 -4.88 -17.16 31.95
C TYR B 76 -5.25 -17.69 30.56
N GLY B 77 -4.32 -17.55 29.60
CA GLY B 77 -4.48 -17.98 28.20
C GLY B 77 -5.15 -16.94 27.31
N LYS B 78 -5.38 -15.74 27.84
CA LYS B 78 -6.18 -14.68 27.18
C LYS B 78 -5.33 -13.94 26.14
N SER B 79 -4.16 -13.43 26.54
N SER B 79 -4.16 -13.43 26.54
CA SER B 79 -3.30 -12.54 25.72
CA SER B 79 -3.30 -12.54 25.71
C SER B 79 -2.90 -13.22 24.39
C SER B 79 -2.90 -13.22 24.39
N LEU B 80 -2.69 -14.53 24.39
CA LEU B 80 -2.28 -15.27 23.17
C LEU B 80 -3.28 -15.02 22.03
N CYS B 81 -4.58 -14.94 22.33
CA CYS B 81 -5.66 -14.80 21.31
C CYS B 81 -5.46 -13.55 20.46
N PHE B 82 -4.97 -12.45 21.03
CA PHE B 82 -4.79 -11.17 20.27
C PHE B 82 -3.32 -10.91 19.94
N GLN B 83 -2.38 -11.53 20.66
CA GLN B 83 -0.92 -11.31 20.40
C GLN B 83 -0.44 -12.24 19.29
N TYR B 84 -0.94 -13.47 19.22
CA TYR B 84 -0.39 -14.48 18.28
C TYR B 84 -0.62 -14.06 16.83
N PRO B 85 -1.86 -13.68 16.41
CA PRO B 85 -2.10 -13.43 14.99
C PRO B 85 -1.15 -12.44 14.32
N PRO B 86 -0.92 -11.21 14.85
CA PRO B 86 0.00 -10.27 14.20
C PRO B 86 1.45 -10.77 14.20
N VAL B 87 1.86 -11.53 15.22
CA VAL B 87 3.24 -12.08 15.32
C VAL B 87 3.42 -13.09 14.17
N TYR B 88 2.44 -13.97 13.95
CA TYR B 88 2.49 -15.00 12.89
C TYR B 88 2.58 -14.37 11.50
N VAL B 89 1.72 -13.39 11.19
CA VAL B 89 1.67 -12.79 9.82
C VAL B 89 2.73 -11.70 9.67
N GLY B 90 3.36 -11.26 10.77
CA GLY B 90 4.44 -10.24 10.76
C GLY B 90 3.93 -8.88 10.36
N LYS B 91 2.71 -8.52 10.78
CA LYS B 91 2.08 -7.22 10.44
C LYS B 91 1.93 -6.44 11.74
N ILE B 92 0.76 -5.92 12.06
CA ILE B 92 0.56 -5.13 13.30
C ILE B 92 -0.79 -5.50 13.93
N GLY B 93 -0.82 -5.63 15.25
CA GLY B 93 -2.06 -5.73 16.05
C GLY B 93 -2.15 -4.56 17.00
N LEU B 94 -3.35 -4.00 17.17
N LEU B 94 -3.36 -4.01 17.17
CA LEU B 94 -3.62 -2.90 18.12
CA LEU B 94 -3.63 -2.91 18.12
C LEU B 94 -4.36 -3.48 19.34
C LEU B 94 -4.37 -3.49 19.34
N VAL B 95 -3.93 -3.11 20.54
CA VAL B 95 -4.60 -3.52 21.81
C VAL B 95 -5.07 -2.23 22.48
N ILE B 96 -6.39 -2.05 22.56
CA ILE B 96 -7.03 -0.87 23.19
C ILE B 96 -7.43 -1.29 24.61
N SER B 97 -6.89 -0.63 25.62
CA SER B 97 -7.17 -0.99 27.04
C SER B 97 -7.04 0.23 27.93
N PRO B 98 -7.85 0.33 29.01
CA PRO B 98 -7.63 1.33 30.05
C PRO B 98 -6.70 0.87 31.19
N LEU B 99 -6.26 -0.40 31.18
CA LEU B 99 -5.50 -1.02 32.31
C LEU B 99 -4.01 -0.75 32.11
N ILE B 100 -3.56 0.45 32.47
CA ILE B 100 -2.22 1.00 32.13
C ILE B 100 -1.12 0.05 32.62
N SER B 101 -1.14 -0.32 33.90
N SER B 101 -1.14 -0.32 33.90
CA SER B 101 -0.09 -1.17 34.54
CA SER B 101 -0.11 -1.16 34.56
C SER B 101 -0.01 -2.53 33.85
C SER B 101 -0.01 -2.53 33.85
N LEU B 102 -1.17 -3.14 33.53
CA LEU B 102 -1.23 -4.46 32.86
C LEU B 102 -0.70 -4.35 31.42
N MET B 103 -1.02 -3.24 30.74
CA MET B 103 -0.52 -2.96 29.37
C MET B 103 1.01 -2.85 29.41
N GLU B 104 1.55 -2.12 30.38
CA GLU B 104 3.02 -1.99 30.57
C GLU B 104 3.62 -3.38 30.81
N ASP B 105 2.99 -4.21 31.66
CA ASP B 105 3.47 -5.58 31.99
C ASP B 105 3.53 -6.42 30.71
N GLN B 106 2.49 -6.36 29.88
CA GLN B 106 2.39 -7.18 28.64
C GLN B 106 3.42 -6.69 27.61
N VAL B 107 3.60 -5.38 27.46
CA VAL B 107 4.61 -4.80 26.53
C VAL B 107 5.98 -5.34 26.91
N LEU B 108 6.34 -5.32 28.20
CA LEU B 108 7.68 -5.80 28.66
C LEU B 108 7.82 -7.31 28.39
N GLN B 109 6.77 -8.10 28.67
CA GLN B 109 6.78 -9.58 28.42
C GLN B 109 7.01 -9.86 26.93
N LEU B 110 6.35 -9.09 26.05
CA LEU B 110 6.52 -9.22 24.57
C LEU B 110 7.97 -8.89 24.17
N LYS B 111 8.51 -7.77 24.67
CA LYS B 111 9.92 -7.37 24.38
C LYS B 111 10.89 -8.48 24.83
N MET B 112 10.66 -9.07 26.01
CA MET B 112 11.54 -10.12 26.58
C MET B 112 11.39 -11.43 25.80
N SER B 113 10.33 -11.59 25.00
CA SER B 113 10.12 -12.74 24.07
C SER B 113 10.61 -12.41 22.65
N ASN B 114 11.31 -11.29 22.48
CA ASN B 114 11.86 -10.82 21.17
C ASN B 114 10.70 -10.50 20.20
N ILE B 115 9.58 -10.01 20.72
CA ILE B 115 8.46 -9.45 19.91
C ILE B 115 8.49 -7.93 20.05
N PRO B 116 8.72 -7.16 18.96
CA PRO B 116 8.73 -5.71 19.06
C PRO B 116 7.32 -5.21 19.39
N ALA B 117 7.20 -4.54 20.53
CA ALA B 117 5.91 -4.06 21.08
C ALA B 117 6.15 -2.74 21.80
N CYS B 118 5.12 -1.91 21.88
CA CYS B 118 5.21 -0.62 22.62
C CYS B 118 3.84 -0.18 23.13
N PHE B 119 3.89 0.73 24.11
CA PHE B 119 2.76 1.52 24.61
C PHE B 119 2.79 2.84 23.85
N LEU B 120 1.74 3.14 23.09
CA LEU B 120 1.61 4.42 22.35
C LEU B 120 0.61 5.31 23.10
N GLY B 121 1.04 6.51 23.45
CA GLY B 121 0.21 7.59 24.00
C GLY B 121 0.86 8.92 23.68
N SER B 122 0.26 10.02 24.12
CA SER B 122 0.73 11.38 23.78
C SER B 122 2.18 11.57 24.26
N ALA B 123 2.47 11.20 25.50
CA ALA B 123 3.80 11.41 26.14
C ALA B 123 4.86 10.47 25.55
N GLN B 124 4.44 9.37 24.90
CA GLN B 124 5.34 8.31 24.36
C GLN B 124 5.53 8.50 22.86
N SER B 125 4.72 9.36 22.21
CA SER B 125 4.63 9.48 20.73
C SER B 125 5.99 9.85 20.12
N GLU B 126 6.69 10.83 20.71
CA GLU B 126 8.02 11.29 20.22
C GLU B 126 8.98 10.10 20.06
N ASN B 127 8.94 9.15 21.00
N ASN B 127 8.94 9.15 21.00
CA ASN B 127 9.87 7.99 21.06
CA ASN B 127 9.87 7.99 21.05
C ASN B 127 9.47 6.92 20.01
C ASN B 127 9.47 6.92 20.01
N VAL B 128 8.17 6.61 19.87
CA VAL B 128 7.71 5.36 19.16
C VAL B 128 6.93 5.63 17.85
N LEU B 129 6.32 6.80 17.65
CA LEU B 129 5.29 6.95 16.57
C LEU B 129 5.90 6.74 15.18
N THR B 130 7.03 7.37 14.86
CA THR B 130 7.71 7.21 13.54
C THR B 130 7.95 5.72 13.29
N ASP B 131 8.50 5.01 14.28
CA ASP B 131 8.84 3.56 14.18
C ASP B 131 7.55 2.73 13.98
N ILE B 132 6.44 3.11 14.63
CA ILE B 132 5.12 2.42 14.43
C ILE B 132 4.70 2.60 12.96
N LYS B 133 4.77 3.82 12.44
CA LYS B 133 4.33 4.14 11.05
C LYS B 133 5.18 3.36 10.04
N LEU B 134 6.45 3.11 10.34
CA LEU B 134 7.42 2.40 9.45
C LEU B 134 7.32 0.88 9.62
N GLY B 135 6.42 0.38 10.48
CA GLY B 135 6.10 -1.06 10.60
C GLY B 135 7.10 -1.83 11.43
N LYS B 136 7.77 -1.17 12.39
CA LYS B 136 8.83 -1.81 13.22
C LYS B 136 8.23 -2.53 14.42
N TYR B 137 6.96 -2.26 14.77
CA TYR B 137 6.27 -2.87 15.94
C TYR B 137 5.20 -3.86 15.46
N ARG B 138 5.18 -5.05 16.07
CA ARG B 138 4.16 -6.10 15.83
C ARG B 138 2.90 -5.77 16.62
N ILE B 139 3.04 -5.29 17.86
CA ILE B 139 1.88 -5.07 18.77
C ILE B 139 2.03 -3.69 19.40
N VAL B 140 0.97 -2.89 19.29
CA VAL B 140 0.88 -1.52 19.86
C VAL B 140 -0.29 -1.48 20.83
N TYR B 141 -0.02 -1.09 22.06
CA TYR B 141 -1.02 -0.89 23.14
C TYR B 141 -1.33 0.61 23.19
N VAL B 142 -2.63 0.96 23.21
CA VAL B 142 -3.11 2.36 23.28
C VAL B 142 -4.29 2.41 24.25
N THR B 143 -4.50 3.57 24.88
CA THR B 143 -5.73 3.84 25.65
C THR B 143 -6.85 4.17 24.68
N PRO B 144 -8.13 3.97 25.08
CA PRO B 144 -9.25 4.43 24.26
C PRO B 144 -9.22 5.94 24.00
N GLU B 145 -8.80 6.75 24.98
CA GLU B 145 -8.74 8.23 24.84
C GLU B 145 -7.79 8.57 23.68
N TYR B 146 -6.62 7.96 23.64
CA TYR B 146 -5.60 8.23 22.59
C TYR B 146 -6.12 7.73 21.23
N CYS B 147 -6.68 6.52 21.22
CA CYS B 147 -7.26 5.87 20.01
C CYS B 147 -8.33 6.77 19.38
N SER B 148 -9.26 7.27 20.22
CA SER B 148 -10.40 8.14 19.83
C SER B 148 -9.96 9.32 18.96
N GLY B 149 -8.78 9.90 19.26
CA GLY B 149 -8.27 11.11 18.57
C GLY B 149 -7.29 10.80 17.45
N ASN B 150 -7.15 9.53 17.04
CA ASN B 150 -6.09 9.11 16.08
C ASN B 150 -6.61 8.06 15.09
N MET B 151 -7.87 8.18 14.64
CA MET B 151 -8.44 7.27 13.60
C MET B 151 -7.63 7.41 12.30
N GLY B 152 -7.16 8.62 11.99
CA GLY B 152 -6.28 8.90 10.83
C GLY B 152 -5.02 8.05 10.84
N LEU B 153 -4.34 7.97 11.99
CA LEU B 153 -3.14 7.12 12.18
C LEU B 153 -3.50 5.66 11.85
N LEU B 154 -4.61 5.16 12.40
CA LEU B 154 -5.01 3.74 12.21
C LEU B 154 -5.25 3.48 10.71
N GLN B 155 -5.87 4.42 10.01
CA GLN B 155 -6.13 4.28 8.54
C GLN B 155 -4.79 4.18 7.79
N GLN B 156 -3.78 4.98 8.19
CA GLN B 156 -2.41 4.96 7.61
C GLN B 156 -1.77 3.59 7.86
N LEU B 157 -1.85 3.07 9.09
CA LEU B 157 -1.25 1.76 9.46
C LEU B 157 -1.92 0.65 8.64
N GLU B 158 -3.24 0.71 8.46
CA GLU B 158 -4.01 -0.27 7.66
C GLU B 158 -3.51 -0.22 6.20
N ALA B 159 -3.31 0.98 5.65
CA ALA B 159 -2.89 1.19 4.24
C ALA B 159 -1.43 0.71 4.02
N ASP B 160 -0.50 1.03 4.94
CA ASP B 160 0.96 0.85 4.74
C ASP B 160 1.43 -0.53 5.25
N ILE B 161 0.81 -1.05 6.31
CA ILE B 161 1.23 -2.33 6.98
C ILE B 161 0.13 -3.38 6.82
N GLY B 162 -1.11 -3.04 7.19
CA GLY B 162 -2.24 -3.97 7.33
C GLY B 162 -2.43 -4.35 8.79
N ILE B 163 -3.56 -3.98 9.39
CA ILE B 163 -3.87 -4.29 10.81
C ILE B 163 -4.51 -5.67 10.86
N THR B 164 -3.83 -6.62 11.51
CA THR B 164 -4.28 -8.03 11.64
C THR B 164 -5.57 -8.07 12.47
N LEU B 165 -5.59 -7.34 13.58
N LEU B 165 -5.58 -7.35 13.59
CA LEU B 165 -6.78 -7.23 14.45
CA LEU B 165 -6.79 -7.25 14.46
C LEU B 165 -6.66 -6.02 15.36
C LEU B 165 -6.66 -6.04 15.38
N ILE B 166 -7.80 -5.58 15.89
CA ILE B 166 -7.89 -4.61 17.01
C ILE B 166 -8.51 -5.36 18.17
N ALA B 167 -7.78 -5.48 19.27
CA ALA B 167 -8.32 -6.02 20.54
C ALA B 167 -8.88 -4.85 21.36
N VAL B 168 -10.11 -4.98 21.86
CA VAL B 168 -10.70 -4.02 22.84
C VAL B 168 -10.85 -4.78 24.14
N ASP B 169 -9.96 -4.53 25.11
CA ASP B 169 -10.03 -5.18 26.43
C ASP B 169 -11.02 -4.39 27.30
N GLU B 170 -11.55 -5.04 28.34
CA GLU B 170 -12.54 -4.43 29.26
C GLU B 170 -13.73 -3.92 28.43
N ALA B 171 -14.13 -4.66 27.39
CA ALA B 171 -15.11 -4.20 26.38
C ALA B 171 -16.46 -3.89 27.02
N HIS B 172 -16.78 -4.50 28.16
CA HIS B 172 -18.01 -4.21 28.96
C HIS B 172 -18.09 -2.72 29.36
N CYS B 173 -16.94 -2.02 29.40
CA CYS B 173 -16.86 -0.58 29.76
C CYS B 173 -17.61 0.30 28.74
N ILE B 174 -17.92 -0.21 27.53
CA ILE B 174 -18.68 0.57 26.51
C ILE B 174 -20.17 0.65 26.88
N SER B 175 -20.66 -0.24 27.74
CA SER B 175 -22.10 -0.32 28.10
C SER B 175 -22.43 0.59 29.29
N GLU B 176 -23.34 1.56 29.09
N GLU B 176 -23.33 1.55 29.10
CA GLU B 176 -23.93 2.40 30.16
CA GLU B 176 -23.89 2.39 30.20
C GLU B 176 -24.64 1.52 31.20
C GLU B 176 -24.65 1.52 31.21
N TRP B 177 -25.07 0.32 30.81
CA TRP B 177 -25.94 -0.58 31.62
C TRP B 177 -25.08 -1.47 32.53
N GLY B 178 -23.79 -1.59 32.24
CA GLY B 178 -22.84 -2.31 33.09
C GLY B 178 -22.46 -1.54 34.34
N HIS B 179 -21.55 -2.12 35.12
CA HIS B 179 -21.10 -1.63 36.45
C HIS B 179 -19.77 -0.89 36.36
N ASP B 180 -19.24 -0.64 35.16
CA ASP B 180 -17.87 -0.07 34.98
C ASP B 180 -17.82 0.78 33.71
N PHE B 181 -18.82 1.63 33.49
CA PHE B 181 -18.92 2.46 32.26
C PHE B 181 -17.72 3.40 32.19
N ARG B 182 -17.11 3.51 31.00
CA ARG B 182 -16.04 4.48 30.69
C ARG B 182 -16.49 5.30 29.48
N ASP B 183 -16.68 6.62 29.66
CA ASP B 183 -16.98 7.59 28.56
C ASP B 183 -15.99 7.40 27.41
N SER B 184 -14.72 7.12 27.74
CA SER B 184 -13.59 6.94 26.79
C SER B 184 -13.89 5.86 25.73
N PHE B 185 -14.74 4.88 26.03
CA PHE B 185 -15.02 3.75 25.11
C PHE B 185 -16.06 4.12 24.05
N ARG B 186 -16.88 5.14 24.30
CA ARG B 186 -18.02 5.51 23.41
C ARG B 186 -17.57 5.62 21.95
N LYS B 187 -16.46 6.32 21.71
CA LYS B 187 -15.95 6.67 20.35
C LYS B 187 -15.36 5.44 19.63
N LEU B 188 -15.17 4.31 20.31
CA LEU B 188 -14.65 3.08 19.66
C LEU B 188 -15.69 2.48 18.70
N GLY B 189 -16.94 2.97 18.75
CA GLY B 189 -17.95 2.73 17.69
C GLY B 189 -17.50 3.12 16.30
N SER B 190 -16.56 4.07 16.19
N SER B 190 -16.56 4.07 16.19
CA SER B 190 -16.03 4.62 14.91
CA SER B 190 -16.04 4.61 14.90
C SER B 190 -15.00 3.67 14.27
C SER B 190 -15.00 3.68 14.27
N LEU B 191 -14.45 2.70 15.01
CA LEU B 191 -13.39 1.79 14.47
C LEU B 191 -13.89 1.10 13.20
N LYS B 192 -15.11 0.56 13.22
CA LYS B 192 -15.67 -0.21 12.09
C LYS B 192 -15.99 0.71 10.90
N THR B 193 -16.36 1.97 11.16
CA THR B 193 -16.53 3.01 10.10
C THR B 193 -15.18 3.27 9.43
N ALA B 194 -14.15 3.55 10.23
CA ALA B 194 -12.79 3.92 9.76
C ALA B 194 -12.09 2.72 9.11
N LEU B 195 -12.32 1.52 9.66
CA LEU B 195 -11.57 0.28 9.33
C LEU B 195 -12.56 -0.87 9.16
N PRO B 196 -13.43 -0.87 8.12
CA PRO B 196 -14.49 -1.88 8.02
C PRO B 196 -14.00 -3.32 7.82
N MET B 197 -12.77 -3.51 7.32
CA MET B 197 -12.20 -4.85 7.00
C MET B 197 -11.33 -5.37 8.17
N VAL B 198 -11.10 -4.58 9.22
CA VAL B 198 -10.20 -5.01 10.34
C VAL B 198 -11.07 -5.68 11.40
N PRO B 199 -10.81 -6.96 11.73
CA PRO B 199 -11.58 -7.66 12.75
C PRO B 199 -11.28 -7.09 14.15
N ILE B 200 -12.32 -6.96 14.95
CA ILE B 200 -12.23 -6.54 16.37
C ILE B 200 -12.44 -7.78 17.24
N VAL B 201 -11.53 -7.98 18.20
CA VAL B 201 -11.67 -8.99 19.28
C VAL B 201 -12.00 -8.22 20.55
N ALA B 202 -13.27 -8.23 20.95
CA ALA B 202 -13.75 -7.60 22.20
C ALA B 202 -13.58 -8.62 23.34
N LEU B 203 -12.89 -8.23 24.40
CA LEU B 203 -12.58 -9.12 25.55
C LEU B 203 -13.21 -8.54 26.82
N THR B 204 -13.77 -9.41 27.64
CA THR B 204 -14.38 -9.07 28.94
C THR B 204 -14.46 -10.33 29.81
N ALA B 205 -14.55 -10.16 31.13
CA ALA B 205 -14.78 -11.25 32.10
C ALA B 205 -16.29 -11.45 32.37
N THR B 206 -17.16 -10.54 31.92
N THR B 206 -17.15 -10.55 31.90
CA THR B 206 -18.62 -10.61 32.20
CA THR B 206 -18.61 -10.56 32.15
C THR B 206 -19.31 -11.52 31.17
C THR B 206 -19.30 -11.51 31.16
N ALA B 207 -19.96 -12.57 31.65
CA ALA B 207 -20.69 -13.58 30.84
C ALA B 207 -22.16 -13.16 30.63
N SER B 208 -22.57 -11.99 31.13
CA SER B 208 -23.93 -11.40 30.93
C SER B 208 -24.26 -11.34 29.43
N SER B 209 -25.37 -11.97 29.02
CA SER B 209 -25.92 -11.90 27.64
C SER B 209 -26.28 -10.44 27.30
N SER B 210 -26.87 -9.70 28.25
N SER B 210 -26.88 -9.71 28.25
CA SER B 210 -27.26 -8.27 28.08
CA SER B 210 -27.27 -8.28 28.10
C SER B 210 -26.02 -7.43 27.77
C SER B 210 -26.02 -7.43 27.77
N ILE B 211 -24.93 -7.61 28.52
CA ILE B 211 -23.66 -6.84 28.29
C ILE B 211 -23.04 -7.24 26.94
N ARG B 212 -23.07 -8.53 26.58
N ARG B 212 -23.07 -8.53 26.58
CA ARG B 212 -22.56 -9.02 25.27
CA ARG B 212 -22.56 -9.01 25.27
C ARG B 212 -23.30 -8.28 24.15
C ARG B 212 -23.29 -8.28 24.14
N GLU B 213 -24.62 -8.21 24.21
CA GLU B 213 -25.45 -7.54 23.19
C GLU B 213 -25.05 -6.05 23.11
N ASP B 214 -24.81 -5.40 24.26
CA ASP B 214 -24.38 -3.98 24.34
C ASP B 214 -23.03 -3.82 23.62
N ILE B 215 -22.08 -4.73 23.88
CA ILE B 215 -20.73 -4.69 23.26
C ILE B 215 -20.88 -4.81 21.74
N VAL B 216 -21.66 -5.77 21.27
CA VAL B 216 -21.85 -6.04 19.81
C VAL B 216 -22.43 -4.79 19.13
N ARG B 217 -23.47 -4.19 19.72
CA ARG B 217 -24.15 -2.99 19.15
C ARG B 217 -23.17 -1.81 19.13
N CYS B 218 -22.56 -1.51 20.29
CA CYS B 218 -21.75 -0.28 20.50
C CYS B 218 -20.46 -0.33 19.65
N LEU B 219 -19.86 -1.51 19.42
CA LEU B 219 -18.65 -1.64 18.58
C LEU B 219 -19.00 -1.94 17.12
N ASN B 220 -20.28 -2.06 16.77
CA ASN B 220 -20.76 -2.31 15.38
C ASN B 220 -20.11 -3.60 14.85
N LEU B 221 -20.06 -4.64 15.68
CA LEU B 221 -19.47 -5.95 15.27
C LEU B 221 -20.43 -6.64 14.30
N ARG B 222 -19.87 -7.33 13.30
CA ARG B 222 -20.61 -8.02 12.21
C ARG B 222 -20.54 -9.53 12.47
N ASN B 223 -21.68 -10.17 12.76
CA ASN B 223 -21.78 -11.64 12.99
C ASN B 223 -20.62 -12.14 13.85
N PRO B 224 -20.35 -11.56 15.04
CA PRO B 224 -19.16 -11.93 15.80
C PRO B 224 -19.25 -13.37 16.32
N GLN B 225 -18.11 -14.05 16.33
CA GLN B 225 -17.93 -15.34 17.02
C GLN B 225 -17.94 -15.08 18.53
N ILE B 226 -18.83 -15.77 19.24
CA ILE B 226 -19.01 -15.61 20.71
C ILE B 226 -18.40 -16.83 21.38
N THR B 227 -17.44 -16.60 22.28
CA THR B 227 -16.86 -17.66 23.13
C THR B 227 -16.91 -17.21 24.59
N CYS B 228 -16.94 -18.18 25.49
CA CYS B 228 -17.06 -17.96 26.94
C CYS B 228 -16.28 -19.05 27.65
N THR B 229 -15.10 -18.71 28.20
CA THR B 229 -14.16 -19.70 28.76
C THR B 229 -13.48 -19.14 30.02
N GLY B 230 -12.70 -19.98 30.70
CA GLY B 230 -11.98 -19.63 31.94
C GLY B 230 -12.79 -19.90 33.20
N PHE B 231 -14.02 -20.39 33.07
CA PHE B 231 -14.95 -20.70 34.20
C PHE B 231 -14.93 -22.22 34.48
N ASP B 232 -15.03 -22.60 35.75
CA ASP B 232 -14.98 -24.02 36.20
C ASP B 232 -16.40 -24.58 36.34
N ARG B 233 -17.44 -23.73 36.42
CA ARG B 233 -18.88 -24.10 36.46
C ARG B 233 -19.14 -25.14 37.55
N PRO B 234 -18.89 -24.82 38.84
CA PRO B 234 -18.96 -25.82 39.92
C PRO B 234 -20.38 -26.36 40.16
N ASN B 235 -21.39 -25.66 39.65
CA ASN B 235 -22.83 -25.98 39.81
C ASN B 235 -23.31 -26.99 38.75
N LEU B 236 -22.44 -27.46 37.84
CA LEU B 236 -22.80 -28.49 36.82
C LEU B 236 -22.33 -29.86 37.30
N TYR B 237 -23.28 -30.76 37.57
CA TYR B 237 -23.01 -32.17 37.90
C TYR B 237 -23.02 -32.97 36.59
N LEU B 238 -22.01 -33.82 36.38
CA LEU B 238 -21.83 -34.57 35.12
C LEU B 238 -22.03 -36.07 35.37
N GLU B 239 -22.81 -36.72 34.52
CA GLU B 239 -23.00 -38.19 34.60
C GLU B 239 -23.12 -38.78 33.19
N VAL B 240 -22.55 -39.97 33.03
CA VAL B 240 -22.69 -40.81 31.82
C VAL B 240 -23.28 -42.14 32.28
N ARG B 241 -24.36 -42.56 31.62
CA ARG B 241 -25.16 -43.76 32.00
C ARG B 241 -25.50 -44.52 30.72
N ARG B 242 -25.55 -45.85 30.79
CA ARG B 242 -25.93 -46.70 29.65
C ARG B 242 -27.45 -46.57 29.40
N LYS B 243 -27.86 -46.49 28.14
CA LYS B 243 -29.26 -46.72 27.69
C LYS B 243 -29.73 -48.12 28.10
N THR B 244 -31.03 -48.26 28.36
CA THR B 244 -31.69 -49.51 28.84
C THR B 244 -32.48 -50.20 27.72
N GLY B 245 -32.66 -49.57 26.57
CA GLY B 245 -33.34 -50.14 25.38
C GLY B 245 -34.83 -49.80 25.32
N ASN B 246 -35.26 -48.77 26.05
CA ASN B 246 -36.66 -48.30 26.15
C ASN B 246 -36.63 -46.81 26.56
N ILE B 247 -37.26 -45.92 25.79
CA ILE B 247 -37.23 -44.44 26.05
C ILE B 247 -37.78 -44.16 27.45
N LEU B 248 -38.96 -44.68 27.79
CA LEU B 248 -39.61 -44.37 29.10
C LEU B 248 -38.74 -44.94 30.24
N GLN B 249 -38.21 -46.16 30.07
CA GLN B 249 -37.30 -46.77 31.08
C GLN B 249 -36.10 -45.85 31.32
N ASP B 250 -35.56 -45.27 30.25
CA ASP B 250 -34.37 -44.38 30.29
C ASP B 250 -34.70 -43.05 30.98
N LEU B 251 -35.89 -42.48 30.76
CA LEU B 251 -36.20 -41.09 31.19
C LEU B 251 -37.00 -41.06 32.51
N GLN B 252 -37.63 -42.17 32.90
CA GLN B 252 -38.42 -42.29 34.16
C GLN B 252 -37.61 -41.78 35.35
N PRO B 253 -36.31 -42.13 35.53
CA PRO B 253 -35.56 -41.65 36.70
C PRO B 253 -35.49 -40.13 36.87
N PHE B 254 -35.68 -39.36 35.78
CA PHE B 254 -35.64 -37.88 35.77
C PHE B 254 -37.01 -37.28 36.13
N LEU B 255 -38.08 -38.09 36.19
CA LEU B 255 -39.49 -37.59 36.26
C LEU B 255 -40.01 -37.65 37.70
N VAL B 256 -40.98 -36.79 37.99
CA VAL B 256 -41.75 -36.73 39.28
C VAL B 256 -43.23 -36.58 38.90
N LYS B 257 -44.12 -37.37 39.51
CA LYS B 257 -45.59 -37.31 39.27
C LYS B 257 -46.18 -36.23 40.18
N THR B 258 -46.84 -35.22 39.60
CA THR B 258 -47.62 -34.19 40.34
C THR B 258 -49.02 -34.10 39.71
N SER B 259 -50.06 -34.13 40.56
CA SER B 259 -51.50 -34.20 40.18
C SER B 259 -51.75 -35.46 39.34
N SER B 260 -51.99 -35.31 38.03
CA SER B 260 -52.22 -36.42 37.06
C SER B 260 -51.32 -36.27 35.84
N HIS B 261 -50.10 -35.74 36.02
CA HIS B 261 -49.05 -35.60 34.97
C HIS B 261 -47.67 -35.81 35.58
N TRP B 262 -46.69 -36.13 34.74
N TRP B 262 -46.68 -36.12 34.74
CA TRP B 262 -45.25 -36.28 35.12
CA TRP B 262 -45.25 -36.27 35.11
C TRP B 262 -44.47 -35.05 34.63
C TRP B 262 -44.47 -35.05 34.63
N GLU B 263 -43.42 -34.66 35.35
CA GLU B 263 -42.58 -33.49 35.01
C GLU B 263 -41.12 -33.74 35.40
N PHE B 264 -40.23 -32.95 34.82
CA PHE B 264 -38.80 -32.82 35.25
C PHE B 264 -38.76 -31.89 36.47
N GLU B 265 -37.61 -31.87 37.17
CA GLU B 265 -37.37 -30.96 38.34
C GLU B 265 -37.50 -29.51 37.87
N GLY B 266 -36.99 -29.19 36.68
CA GLY B 266 -36.98 -27.81 36.15
C GLY B 266 -36.83 -27.78 34.63
N PRO B 267 -36.59 -26.58 34.04
CA PRO B 267 -36.41 -26.46 32.60
C PRO B 267 -35.30 -27.40 32.10
N THR B 268 -35.61 -28.17 31.06
CA THR B 268 -34.80 -29.34 30.59
C THR B 268 -34.66 -29.26 29.06
N ILE B 269 -33.45 -29.49 28.56
CA ILE B 269 -33.20 -29.73 27.11
C ILE B 269 -32.75 -31.19 26.95
N ILE B 270 -33.41 -31.92 26.06
CA ILE B 270 -33.00 -33.29 25.63
C ILE B 270 -32.48 -33.18 24.20
N TYR B 271 -31.17 -33.34 24.02
CA TYR B 271 -30.48 -33.34 22.71
C TYR B 271 -30.44 -34.76 22.16
N CYS B 272 -31.00 -34.96 20.96
CA CYS B 272 -30.98 -36.25 20.20
C CYS B 272 -30.19 -36.07 18.91
N PRO B 273 -29.43 -37.09 18.44
CA PRO B 273 -28.73 -36.99 17.16
C PRO B 273 -29.60 -36.80 15.91
N SER B 274 -30.77 -37.45 15.87
CA SER B 274 -31.67 -37.54 14.68
C SER B 274 -32.98 -36.79 14.94
N ARG B 275 -33.60 -36.27 13.87
CA ARG B 275 -34.97 -35.69 13.90
C ARG B 275 -35.98 -36.75 14.35
N LYS B 276 -35.82 -37.98 13.83
CA LYS B 276 -36.68 -39.16 14.14
C LYS B 276 -36.74 -39.33 15.66
N MET B 277 -35.58 -39.35 16.31
CA MET B 277 -35.47 -39.60 17.77
C MET B 277 -36.12 -38.45 18.56
N THR B 278 -36.02 -37.19 18.09
CA THR B 278 -36.69 -36.04 18.79
C THR B 278 -38.21 -36.27 18.81
N GLN B 279 -38.79 -36.72 17.69
CA GLN B 279 -40.24 -37.03 17.60
C GLN B 279 -40.58 -38.24 18.48
N GLN B 280 -39.73 -39.29 18.46
CA GLN B 280 -39.93 -40.53 19.27
C GLN B 280 -39.93 -40.18 20.76
N VAL B 281 -38.97 -39.36 21.22
CA VAL B 281 -38.84 -38.97 22.66
C VAL B 281 -40.00 -38.05 23.04
N THR B 282 -40.34 -37.05 22.21
CA THR B 282 -41.48 -36.12 22.45
C THR B 282 -42.77 -36.93 22.61
N GLY B 283 -43.01 -37.90 21.72
CA GLY B 283 -44.20 -38.79 21.73
C GLY B 283 -44.40 -39.46 23.07
N GLU B 284 -43.32 -40.04 23.62
CA GLU B 284 -43.34 -40.78 24.91
C GLU B 284 -43.64 -39.81 26.07
N LEU B 285 -43.05 -38.61 26.07
CA LEU B 285 -43.28 -37.62 27.16
C LEU B 285 -44.69 -37.02 27.07
N ARG B 286 -45.24 -36.89 25.85
CA ARG B 286 -46.63 -36.39 25.62
C ARG B 286 -47.65 -37.36 26.22
N LYS B 287 -47.38 -38.68 26.19
CA LYS B 287 -48.23 -39.74 26.82
C LYS B 287 -48.35 -39.52 28.34
N LEU B 288 -47.36 -38.87 28.96
CA LEU B 288 -47.36 -38.51 30.41
C LEU B 288 -47.90 -37.09 30.63
N ASN B 289 -48.42 -36.43 29.58
CA ASN B 289 -48.95 -35.05 29.62
C ASN B 289 -47.87 -34.09 30.11
N LEU B 290 -46.60 -34.37 29.80
CA LEU B 290 -45.45 -33.51 30.19
C LEU B 290 -45.44 -32.30 29.25
N SER B 291 -45.25 -31.10 29.81
CA SER B 291 -45.24 -29.80 29.09
C SER B 291 -43.94 -29.71 28.28
N CYS B 292 -43.98 -30.03 26.98
CA CYS B 292 -42.76 -30.14 26.14
C CYS B 292 -43.04 -29.80 24.67
N GLY B 293 -41.95 -29.62 23.90
CA GLY B 293 -41.98 -29.29 22.46
C GLY B 293 -40.77 -29.82 21.73
N THR B 294 -40.91 -30.05 20.42
CA THR B 294 -39.84 -30.57 19.53
C THR B 294 -39.18 -29.39 18.79
N TYR B 295 -37.88 -29.49 18.52
CA TYR B 295 -37.10 -28.46 17.77
C TYR B 295 -36.08 -29.15 16.86
N HIS B 296 -36.24 -29.00 15.53
CA HIS B 296 -35.23 -29.41 14.53
C HIS B 296 -35.41 -28.57 13.25
N ALA B 297 -34.46 -28.66 12.33
CA ALA B 297 -34.39 -27.84 11.10
C ALA B 297 -35.51 -28.20 10.11
N GLY B 298 -36.11 -29.40 10.24
CA GLY B 298 -37.30 -29.86 9.49
C GLY B 298 -38.57 -29.08 9.82
N MET B 299 -38.57 -28.28 10.90
CA MET B 299 -39.70 -27.38 11.28
C MET B 299 -39.46 -25.98 10.67
N SER B 300 -40.53 -25.20 10.51
CA SER B 300 -40.51 -23.82 9.93
C SER B 300 -40.00 -22.82 10.97
N PHE B 301 -39.57 -21.64 10.51
CA PHE B 301 -39.06 -20.50 11.33
C PHE B 301 -40.12 -20.10 12.37
N SER B 302 -41.39 -20.03 11.95
CA SER B 302 -42.57 -19.69 12.79
C SER B 302 -42.63 -20.61 14.02
N THR B 303 -42.69 -21.92 13.79
CA THR B 303 -42.82 -22.98 14.83
C THR B 303 -41.60 -22.95 15.76
N ARG B 304 -40.39 -22.90 15.20
CA ARG B 304 -39.11 -22.87 15.95
C ARG B 304 -39.08 -21.65 16.89
N LYS B 305 -39.45 -20.46 16.40
CA LYS B 305 -39.42 -19.20 17.21
C LYS B 305 -40.46 -19.27 18.33
N ASP B 306 -41.57 -19.97 18.10
CA ASP B 306 -42.66 -20.17 19.10
C ASP B 306 -42.17 -21.09 20.22
N ILE B 307 -41.50 -22.20 19.86
CA ILE B 307 -40.87 -23.15 20.83
C ILE B 307 -39.91 -22.36 21.73
N HIS B 308 -39.01 -21.57 21.12
N HIS B 308 -39.00 -21.58 21.11
CA HIS B 308 -38.05 -20.67 21.81
CA HIS B 308 -38.05 -20.64 21.76
C HIS B 308 -38.80 -19.75 22.78
C HIS B 308 -38.79 -19.75 22.77
N HIS B 309 -39.83 -19.05 22.30
CA HIS B 309 -40.65 -18.09 23.09
C HIS B 309 -41.28 -18.81 24.29
N ARG B 310 -41.95 -19.94 24.06
CA ARG B 310 -42.67 -20.72 25.10
C ARG B 310 -41.68 -21.27 26.14
N PHE B 311 -40.48 -21.66 25.71
CA PHE B 311 -39.42 -22.18 26.63
C PHE B 311 -38.93 -21.03 27.52
N VAL B 312 -38.63 -19.87 26.94
CA VAL B 312 -38.20 -18.64 27.68
C VAL B 312 -39.33 -18.18 28.63
N ARG B 313 -40.60 -18.33 28.22
CA ARG B 313 -41.78 -17.91 29.03
C ARG B 313 -42.19 -19.04 30.01
N ASP B 314 -41.55 -20.21 29.95
CA ASP B 314 -41.79 -21.38 30.84
C ASP B 314 -43.22 -21.90 30.60
N GLU B 315 -43.71 -21.84 29.36
CA GLU B 315 -44.99 -22.42 28.92
C GLU B 315 -44.76 -23.87 28.44
N ILE B 316 -43.51 -24.21 28.09
CA ILE B 316 -43.02 -25.62 27.98
C ILE B 316 -41.84 -25.79 28.95
N GLN B 317 -41.79 -26.94 29.62
CA GLN B 317 -40.75 -27.28 30.61
C GLN B 317 -39.54 -27.90 29.89
N CYS B 318 -39.79 -28.67 28.83
CA CYS B 318 -38.75 -29.50 28.15
C CYS B 318 -38.75 -29.22 26.65
N VAL B 319 -37.56 -28.95 26.09
CA VAL B 319 -37.36 -28.92 24.61
C VAL B 319 -36.59 -30.17 24.22
N ILE B 320 -37.18 -30.99 23.34
CA ILE B 320 -36.53 -32.20 22.77
C ILE B 320 -36.04 -31.78 21.38
N ALA B 321 -34.72 -31.70 21.20
CA ALA B 321 -34.12 -30.99 20.05
C ALA B 321 -32.93 -31.76 19.47
N THR B 322 -32.62 -31.45 18.21
CA THR B 322 -31.28 -31.67 17.63
C THR B 322 -30.39 -30.54 18.12
N ILE B 323 -29.10 -30.61 17.82
CA ILE B 323 -28.10 -29.60 18.30
C ILE B 323 -28.24 -28.29 17.51
N ALA B 324 -29.23 -28.19 16.61
CA ALA B 324 -29.69 -26.92 15.99
C ALA B 324 -30.22 -25.96 17.05
N PHE B 325 -30.79 -26.47 18.15
CA PHE B 325 -31.38 -25.67 19.25
C PHE B 325 -30.28 -25.26 20.24
N GLY B 326 -30.18 -23.98 20.61
CA GLY B 326 -29.27 -23.57 21.69
C GLY B 326 -28.70 -22.16 21.55
N MET B 327 -28.06 -21.85 20.42
CA MET B 327 -27.31 -20.58 20.20
C MET B 327 -28.19 -19.36 20.53
N GLY B 328 -29.47 -19.40 20.16
CA GLY B 328 -30.42 -18.29 20.34
C GLY B 328 -30.85 -18.08 21.79
N ILE B 329 -30.66 -19.07 22.68
CA ILE B 329 -31.26 -19.04 24.06
C ILE B 329 -30.25 -18.46 25.05
N ASN B 330 -30.68 -17.48 25.85
CA ASN B 330 -29.90 -16.86 26.97
C ASN B 330 -30.47 -17.31 28.31
N LYS B 331 -31.38 -18.30 28.30
CA LYS B 331 -32.16 -18.78 29.46
C LYS B 331 -31.19 -19.24 30.56
N ALA B 332 -31.31 -18.68 31.76
CA ALA B 332 -30.33 -18.82 32.87
C ALA B 332 -30.68 -20.02 33.77
N ASP B 333 -31.90 -20.55 33.70
CA ASP B 333 -32.41 -21.55 34.69
C ASP B 333 -32.63 -22.91 34.02
N ILE B 334 -31.73 -23.32 33.12
CA ILE B 334 -31.75 -24.71 32.57
C ILE B 334 -31.17 -25.63 33.67
N ARG B 335 -32.04 -26.44 34.27
CA ARG B 335 -31.72 -27.31 35.43
C ARG B 335 -31.13 -28.65 34.96
N GLN B 336 -31.47 -29.09 33.74
CA GLN B 336 -31.08 -30.43 33.23
C GLN B 336 -30.82 -30.37 31.73
N VAL B 337 -29.66 -30.88 31.31
CA VAL B 337 -29.38 -31.24 29.89
C VAL B 337 -29.26 -32.77 29.85
N ILE B 338 -29.98 -33.39 28.94
CA ILE B 338 -29.85 -34.85 28.66
C ILE B 338 -29.39 -34.98 27.21
N HIS B 339 -28.23 -35.59 27.00
CA HIS B 339 -27.83 -36.11 25.67
C HIS B 339 -28.41 -37.52 25.55
N TYR B 340 -29.50 -37.64 24.80
CA TYR B 340 -30.18 -38.93 24.55
C TYR B 340 -29.52 -39.54 23.32
N GLY B 341 -28.48 -40.32 23.56
CA GLY B 341 -27.52 -40.78 22.54
C GLY B 341 -26.21 -40.01 22.68
N ALA B 342 -25.09 -40.69 22.43
CA ALA B 342 -23.73 -40.11 22.43
C ALA B 342 -23.76 -38.78 21.67
N PRO B 343 -23.15 -37.69 22.21
CA PRO B 343 -23.05 -36.43 21.49
C PRO B 343 -22.19 -36.56 20.24
N LYS B 344 -22.28 -35.58 19.34
CA LYS B 344 -21.54 -35.60 18.04
C LYS B 344 -20.04 -35.70 18.31
N ASP B 345 -19.53 -34.89 19.23
CA ASP B 345 -18.10 -34.87 19.64
C ASP B 345 -17.98 -34.05 20.94
N MET B 346 -16.79 -33.97 21.51
CA MET B 346 -16.58 -33.26 22.79
C MET B 346 -16.77 -31.75 22.62
N GLU B 347 -16.46 -31.20 21.44
N GLU B 347 -16.46 -31.20 21.44
CA GLU B 347 -16.67 -29.75 21.16
CA GLU B 347 -16.66 -29.76 21.13
C GLU B 347 -18.16 -29.41 21.23
C GLU B 347 -18.16 -29.42 21.23
N SER B 348 -19.00 -30.18 20.53
N SER B 348 -19.01 -30.18 20.52
CA SER B 348 -20.48 -29.98 20.53
CA SER B 348 -20.49 -30.00 20.53
C SER B 348 -21.01 -30.16 21.96
C SER B 348 -21.01 -30.16 21.96
N TYR B 349 -20.56 -31.21 22.65
CA TYR B 349 -20.95 -31.53 24.05
C TYR B 349 -20.66 -30.33 24.96
N TYR B 350 -19.46 -29.76 24.87
CA TYR B 350 -19.01 -28.58 25.67
C TYR B 350 -19.93 -27.38 25.40
N GLN B 351 -20.24 -27.10 24.14
CA GLN B 351 -21.15 -25.98 23.77
C GLN B 351 -22.53 -26.20 24.42
N GLU B 352 -23.01 -27.44 24.40
CA GLU B 352 -24.40 -27.80 24.82
C GLU B 352 -24.51 -27.77 26.35
N ILE B 353 -23.58 -28.39 27.08
CA ILE B 353 -23.64 -28.40 28.58
C ILE B 353 -23.32 -27.00 29.13
N GLY B 354 -22.55 -26.18 28.40
CA GLY B 354 -22.23 -24.80 28.80
C GLY B 354 -23.49 -23.94 28.98
N ARG B 355 -24.60 -24.32 28.34
CA ARG B 355 -25.89 -23.58 28.41
C ARG B 355 -26.64 -23.88 29.72
N ALA B 356 -26.27 -24.94 30.43
CA ALA B 356 -26.92 -25.36 31.69
C ALA B 356 -26.53 -24.39 32.83
N GLY B 357 -27.48 -24.11 33.72
CA GLY B 357 -27.25 -23.47 35.03
C GLY B 357 -26.47 -22.16 34.93
N ARG B 358 -26.82 -21.29 33.99
CA ARG B 358 -26.13 -19.99 33.84
C ARG B 358 -26.53 -19.02 34.96
N ASP B 359 -27.56 -19.35 35.75
CA ASP B 359 -27.94 -18.63 36.99
C ASP B 359 -27.04 -19.02 38.17
N GLY B 360 -26.13 -19.99 38.00
CA GLY B 360 -25.19 -20.44 39.04
C GLY B 360 -25.80 -21.43 40.03
N LEU B 361 -27.08 -21.78 39.88
CA LEU B 361 -27.78 -22.77 40.74
C LEU B 361 -27.49 -24.18 40.24
N GLN B 362 -27.72 -25.18 41.10
CA GLN B 362 -27.38 -26.60 40.82
C GLN B 362 -28.10 -27.06 39.54
N SER B 363 -27.34 -27.59 38.59
CA SER B 363 -27.86 -28.23 37.37
C SER B 363 -27.16 -29.58 37.18
N SER B 364 -27.76 -30.43 36.34
CA SER B 364 -27.23 -31.77 35.99
C SER B 364 -27.14 -31.90 34.48
N CYS B 365 -26.09 -32.55 34.01
CA CYS B 365 -25.84 -32.87 32.58
C CYS B 365 -25.57 -34.37 32.47
N HIS B 366 -26.52 -35.10 31.92
CA HIS B 366 -26.47 -36.58 31.77
C HIS B 366 -26.34 -36.93 30.29
N VAL B 367 -25.41 -37.83 29.98
CA VAL B 367 -25.36 -38.54 28.66
C VAL B 367 -25.94 -39.93 28.89
N LEU B 368 -26.95 -40.29 28.11
CA LEU B 368 -27.49 -41.67 28.00
C LEU B 368 -26.98 -42.24 26.68
N TRP B 369 -26.08 -43.23 26.73
CA TRP B 369 -25.36 -43.73 25.53
C TRP B 369 -25.44 -45.25 25.44
N ALA B 370 -25.23 -45.77 24.23
CA ALA B 370 -24.98 -47.20 23.95
C ALA B 370 -23.79 -47.27 22.99
N PRO B 371 -22.86 -48.25 23.14
CA PRO B 371 -21.81 -48.48 22.14
C PRO B 371 -22.30 -48.50 20.68
N ALA B 372 -23.59 -48.81 20.47
CA ALA B 372 -24.28 -48.85 19.15
C ALA B 372 -24.66 -47.46 18.60
N ASP B 373 -24.52 -46.38 19.37
CA ASP B 373 -25.00 -45.02 19.01
C ASP B 373 -24.36 -44.51 17.70
N ILE B 374 -25.12 -43.72 16.92
CA ILE B 374 -24.74 -43.24 15.56
C ILE B 374 -23.43 -42.44 15.63
N ASN B 375 -23.22 -41.66 16.69
CA ASN B 375 -22.01 -40.80 16.86
C ASN B 375 -20.81 -41.64 17.35
N LEU B 376 -20.97 -42.95 17.54
CA LEU B 376 -19.86 -43.92 17.79
C LEU B 376 -19.68 -44.89 16.61
N ASN B 377 -20.45 -44.72 15.53
CA ASN B 377 -20.44 -45.63 14.34
C ASN B 377 -19.35 -45.16 13.37
N ARG B 378 -18.27 -45.94 13.26
N ARG B 378 -18.27 -45.93 13.25
CA ARG B 378 -17.09 -45.66 12.37
CA ARG B 378 -17.10 -45.63 12.37
C ARG B 378 -17.49 -45.71 10.88
C ARG B 378 -17.49 -45.71 10.88
N HIS B 379 -18.46 -46.55 10.50
CA HIS B 379 -18.87 -46.79 9.09
C HIS B 379 -19.12 -45.47 8.36
N LEU B 380 -19.89 -44.56 8.97
CA LEU B 380 -20.25 -43.24 8.39
C LEU B 380 -18.99 -42.39 8.15
N LEU B 381 -17.95 -42.56 8.98
CA LEU B 381 -16.67 -41.79 8.90
C LEU B 381 -15.71 -42.41 7.89
N THR B 382 -15.67 -43.75 7.77
CA THR B 382 -14.82 -44.47 6.76
C THR B 382 -15.22 -44.04 5.33
N GLU B 383 -16.48 -43.65 5.13
CA GLU B 383 -17.03 -43.14 3.84
C GLU B 383 -16.42 -41.78 3.46
N ILE B 384 -15.79 -41.05 4.39
CA ILE B 384 -15.20 -39.70 4.12
C ILE B 384 -13.95 -39.88 3.26
N ARG B 385 -13.93 -39.31 2.04
CA ARG B 385 -12.82 -39.48 1.06
C ARG B 385 -11.67 -38.51 1.36
N ASN B 386 -11.96 -37.32 1.90
CA ASN B 386 -10.93 -36.33 2.31
C ASN B 386 -10.15 -36.90 3.50
N GLU B 387 -8.87 -37.23 3.29
CA GLU B 387 -8.00 -37.93 4.29
C GLU B 387 -7.93 -37.11 5.58
N LYS B 388 -7.61 -35.80 5.49
CA LYS B 388 -7.40 -34.94 6.68
C LYS B 388 -8.69 -34.88 7.50
N PHE B 389 -9.85 -34.66 6.86
CA PHE B 389 -11.15 -34.55 7.58
C PHE B 389 -11.53 -35.91 8.15
N ARG B 390 -11.35 -37.00 7.40
CA ARG B 390 -11.66 -38.38 7.88
C ARG B 390 -10.89 -38.65 9.18
N LEU B 391 -9.58 -38.40 9.18
CA LEU B 391 -8.70 -38.70 10.36
C LEU B 391 -9.09 -37.80 11.55
N TYR B 392 -9.41 -36.53 11.30
CA TYR B 392 -9.91 -35.59 12.35
C TYR B 392 -11.21 -36.14 12.97
N LYS B 393 -12.18 -36.54 12.13
CA LYS B 393 -13.50 -37.04 12.60
C LYS B 393 -13.31 -38.33 13.42
N LEU B 394 -12.43 -39.22 12.95
CA LEU B 394 -12.12 -40.48 13.68
C LEU B 394 -11.47 -40.15 15.04
N LYS B 395 -10.54 -39.18 15.07
CA LYS B 395 -9.86 -38.74 16.33
C LYS B 395 -10.89 -38.14 17.30
N MET B 396 -11.83 -37.33 16.80
CA MET B 396 -12.87 -36.69 17.65
C MET B 396 -13.84 -37.75 18.19
N MET B 397 -14.23 -38.74 17.37
CA MET B 397 -15.11 -39.86 17.82
C MET B 397 -14.40 -40.67 18.91
N ALA B 398 -13.10 -40.96 18.73
CA ALA B 398 -12.28 -41.73 19.70
C ALA B 398 -12.18 -40.97 21.03
N LYS B 399 -11.98 -39.64 20.98
CA LYS B 399 -11.87 -38.77 22.19
C LYS B 399 -13.19 -38.78 22.96
N MET B 400 -14.32 -38.67 22.24
N MET B 400 -14.32 -38.67 22.25
CA MET B 400 -15.70 -38.72 22.81
CA MET B 400 -15.67 -38.71 22.86
C MET B 400 -15.93 -40.10 23.44
C MET B 400 -15.93 -40.10 23.46
N GLU B 401 -15.56 -41.17 22.75
CA GLU B 401 -15.65 -42.57 23.24
C GLU B 401 -14.88 -42.73 24.56
N LYS B 402 -13.64 -42.21 24.61
CA LYS B 402 -12.75 -42.27 25.78
C LYS B 402 -13.41 -41.58 26.97
N TYR B 403 -14.04 -40.41 26.74
CA TYR B 403 -14.79 -39.68 27.79
C TYR B 403 -15.92 -40.56 28.32
N LEU B 404 -16.77 -41.10 27.43
CA LEU B 404 -17.94 -41.92 27.83
C LEU B 404 -17.47 -43.13 28.64
N HIS B 405 -16.39 -43.78 28.21
CA HIS B 405 -15.84 -45.03 28.81
C HIS B 405 -15.12 -44.78 30.14
N SER B 406 -14.76 -43.53 30.45
CA SER B 406 -13.80 -43.23 31.53
C SER B 406 -14.42 -43.52 32.92
N SER B 407 -13.56 -43.94 33.84
CA SER B 407 -13.84 -44.03 35.30
C SER B 407 -13.20 -42.84 36.03
N ARG B 408 -12.52 -41.94 35.31
CA ARG B 408 -11.83 -40.75 35.88
C ARG B 408 -12.84 -39.60 35.98
N CYS B 409 -12.46 -38.56 36.73
CA CYS B 409 -13.31 -37.36 36.95
C CYS B 409 -13.72 -36.76 35.60
N ARG B 410 -15.02 -36.66 35.34
CA ARG B 410 -15.58 -36.14 34.07
C ARG B 410 -15.18 -34.67 33.91
N ARG B 411 -15.21 -33.92 35.02
CA ARG B 411 -14.86 -32.47 35.04
C ARG B 411 -13.39 -32.31 34.66
N GLN B 412 -12.50 -33.13 35.25
CA GLN B 412 -11.04 -33.08 34.97
C GLN B 412 -10.82 -33.30 33.47
N ILE B 413 -11.50 -34.27 32.87
CA ILE B 413 -11.33 -34.60 31.42
C ILE B 413 -11.71 -33.37 30.60
N ILE B 414 -12.86 -32.78 30.87
CA ILE B 414 -13.39 -31.63 30.08
C ILE B 414 -12.48 -30.42 30.28
N LEU B 415 -12.14 -30.09 31.53
CA LEU B 415 -11.27 -28.91 31.83
C LEU B 415 -9.89 -29.09 31.19
N SER B 416 -9.31 -30.30 31.26
N SER B 416 -9.31 -30.29 31.27
CA SER B 416 -8.00 -30.63 30.66
CA SER B 416 -8.00 -30.63 30.66
C SER B 416 -8.01 -30.36 29.15
C SER B 416 -8.01 -30.36 29.16
N HIS B 417 -9.08 -30.77 28.47
CA HIS B 417 -9.26 -30.63 27.00
C HIS B 417 -9.43 -29.16 26.61
N PHE B 418 -10.30 -28.42 27.31
CA PHE B 418 -10.84 -27.12 26.80
C PHE B 418 -10.23 -25.90 27.51
N GLU B 419 -9.78 -26.04 28.75
CA GLU B 419 -9.45 -24.87 29.61
C GLU B 419 -7.95 -24.84 29.89
N ASP B 420 -7.41 -23.64 30.08
CA ASP B 420 -6.06 -23.38 30.66
C ASP B 420 -5.93 -24.20 31.94
N LYS B 421 -4.72 -24.70 32.23
CA LYS B 421 -4.41 -25.50 33.43
C LYS B 421 -4.88 -24.77 34.70
N GLN B 422 -4.87 -23.43 34.71
CA GLN B 422 -5.26 -22.60 35.88
C GLN B 422 -6.71 -22.86 36.30
N VAL B 423 -7.62 -23.15 35.36
CA VAL B 423 -9.05 -23.40 35.69
C VAL B 423 -9.14 -24.62 36.61
N GLN B 424 -8.31 -25.65 36.39
CA GLN B 424 -8.22 -26.83 37.28
C GLN B 424 -7.57 -26.45 38.62
N LYS B 425 -6.49 -25.68 38.59
CA LYS B 425 -5.63 -25.34 39.76
C LYS B 425 -6.33 -24.29 40.64
N ALA B 426 -7.14 -23.42 40.05
CA ALA B 426 -7.94 -22.37 40.74
C ALA B 426 -9.28 -22.96 41.20
N SER B 427 -9.74 -24.05 40.58
CA SER B 427 -10.97 -24.79 40.98
C SER B 427 -10.71 -25.48 42.33
N LEU B 428 -11.21 -24.90 43.41
CA LEU B 428 -11.09 -25.43 44.80
C LEU B 428 -12.49 -25.53 45.40
N GLY B 429 -12.96 -26.76 45.64
CA GLY B 429 -14.22 -27.06 46.36
C GLY B 429 -15.33 -27.53 45.44
N ILE B 430 -15.02 -28.26 44.37
CA ILE B 430 -16.02 -29.10 43.63
C ILE B 430 -15.41 -30.45 43.25
N MET B 431 -14.23 -30.48 42.63
CA MET B 431 -13.64 -31.74 42.09
C MET B 431 -13.39 -32.73 43.24
N GLY B 432 -13.77 -33.99 43.05
CA GLY B 432 -13.63 -35.06 44.05
C GLY B 432 -14.78 -35.14 45.05
N THR B 433 -15.75 -34.22 44.99
CA THR B 433 -16.91 -34.16 45.92
C THR B 433 -18.11 -34.87 45.28
N GLU B 434 -19.17 -35.08 46.07
CA GLU B 434 -20.39 -35.81 45.65
C GLU B 434 -21.16 -35.06 44.54
N LYS B 435 -20.92 -33.76 44.36
CA LYS B 435 -21.64 -32.92 43.37
C LYS B 435 -20.81 -32.72 42.09
N CYS B 436 -19.60 -33.26 42.01
CA CYS B 436 -18.70 -33.06 40.83
C CYS B 436 -19.22 -33.85 39.62
N CYS B 437 -19.21 -35.18 39.75
CA CYS B 437 -19.53 -36.10 38.63
C CYS B 437 -19.78 -37.50 39.19
N ASP B 438 -20.38 -38.36 38.36
CA ASP B 438 -20.69 -39.76 38.73
C ASP B 438 -19.42 -40.46 39.24
N ASN B 439 -18.27 -40.23 38.60
CA ASN B 439 -17.02 -40.97 38.93
C ASN B 439 -16.40 -40.48 40.24
N CYS B 440 -16.63 -39.23 40.64
CA CYS B 440 -16.15 -38.67 41.94
C CYS B 440 -17.07 -39.10 43.10
N ARG B 441 -18.36 -39.37 42.82
CA ARG B 441 -19.36 -39.80 43.83
C ARG B 441 -19.05 -41.21 44.35
N SER B 442 -18.72 -42.14 43.45
CA SER B 442 -18.65 -43.60 43.70
C SER B 442 -17.41 -43.93 44.55
N GLU C 11 -33.97 -46.48 16.67
CA GLU C 11 -32.56 -45.93 16.67
C GLU C 11 -32.48 -44.70 15.76
N ASP C 12 -31.45 -43.86 15.97
CA ASP C 12 -31.17 -42.63 15.17
C ASP C 12 -30.85 -43.04 13.72
N ASP C 13 -31.55 -42.46 12.75
CA ASP C 13 -31.40 -42.77 11.30
C ASP C 13 -30.35 -41.84 10.65
N GLU C 14 -30.10 -40.66 11.23
CA GLU C 14 -29.11 -39.67 10.70
C GLU C 14 -28.57 -38.81 11.84
N ASN C 15 -27.41 -38.16 11.63
CA ASN C 15 -26.76 -37.24 12.60
C ASN C 15 -26.39 -35.93 11.89
N GLU C 16 -27.26 -35.43 11.01
CA GLU C 16 -26.98 -34.32 10.06
C GLU C 16 -26.80 -32.99 10.81
N ALA C 17 -27.59 -32.74 11.86
CA ALA C 17 -27.58 -31.47 12.63
C ALA C 17 -26.18 -31.20 13.21
N ASN C 18 -25.71 -29.95 13.10
CA ASN C 18 -24.39 -29.47 13.61
C ASN C 18 -24.63 -28.34 14.62
N GLU C 19 -23.76 -28.22 15.64
CA GLU C 19 -23.67 -27.02 16.52
C GLU C 19 -23.39 -25.80 15.63
N GLY C 20 -24.23 -24.77 15.72
CA GLY C 20 -24.23 -23.62 14.79
C GLY C 20 -25.14 -23.84 13.58
N GLU C 21 -26.04 -24.83 13.62
CA GLU C 21 -27.17 -24.95 12.65
C GLU C 21 -28.29 -24.00 13.11
N ASP C 25 -34.29 -26.65 5.88
CA ASP C 25 -34.55 -27.45 4.63
C ASP C 25 -34.94 -26.52 3.47
N LYS C 26 -35.92 -25.64 3.69
CA LYS C 26 -36.41 -24.64 2.68
C LYS C 26 -35.34 -23.58 2.39
N ASP C 27 -34.30 -23.48 3.23
CA ASP C 27 -33.16 -22.54 3.06
C ASP C 27 -32.50 -22.84 1.71
N PHE C 28 -32.10 -21.77 1.02
CA PHE C 28 -31.35 -21.77 -0.26
C PHE C 28 -32.29 -22.01 -1.46
N LEU C 29 -33.62 -22.09 -1.26
CA LEU C 29 -34.63 -22.11 -2.35
C LEU C 29 -35.36 -20.78 -2.40
N TRP C 30 -35.52 -20.22 -3.60
CA TRP C 30 -36.23 -18.95 -3.82
C TRP C 30 -37.26 -19.11 -4.95
N PRO C 31 -38.57 -18.83 -4.72
CA PRO C 31 -39.11 -18.57 -3.38
C PRO C 31 -39.11 -19.88 -2.57
N ALA C 32 -39.30 -19.80 -1.26
CA ALA C 32 -39.33 -20.99 -0.37
C ALA C 32 -40.59 -21.80 -0.71
N PRO C 33 -40.49 -23.15 -0.77
CA PRO C 33 -41.68 -24.00 -0.75
C PRO C 33 -42.54 -23.64 0.46
N ASN C 34 -43.87 -23.62 0.29
CA ASN C 34 -44.81 -23.32 1.40
C ASN C 34 -44.98 -24.59 2.26
N GLU C 35 -45.67 -24.48 3.40
CA GLU C 35 -45.79 -25.60 4.39
C GLU C 35 -46.51 -26.78 3.73
N GLU C 36 -47.57 -26.52 2.96
CA GLU C 36 -48.37 -27.59 2.30
C GLU C 36 -47.54 -28.28 1.22
N GLN C 37 -46.68 -27.54 0.51
CA GLN C 37 -45.77 -28.13 -0.50
C GLN C 37 -44.83 -29.13 0.17
N VAL C 38 -44.31 -28.79 1.35
CA VAL C 38 -43.40 -29.69 2.13
C VAL C 38 -44.21 -30.88 2.65
N THR C 39 -45.41 -30.65 3.19
CA THR C 39 -46.30 -31.71 3.70
C THR C 39 -46.58 -32.71 2.57
N CYS C 40 -46.91 -32.19 1.39
N CYS C 40 -46.91 -32.21 1.38
CA CYS C 40 -47.21 -33.00 0.16
CA CYS C 40 -47.20 -33.02 0.17
C CYS C 40 -45.98 -33.85 -0.21
C CYS C 40 -45.98 -33.85 -0.21
N LEU C 41 -44.79 -33.25 -0.21
CA LEU C 41 -43.52 -33.94 -0.52
C LEU C 41 -43.27 -35.07 0.49
N LYS C 42 -43.46 -34.80 1.78
CA LYS C 42 -43.27 -35.83 2.84
C LYS C 42 -44.32 -36.94 2.68
N MET C 43 -45.59 -36.58 2.54
N MET C 43 -45.59 -36.58 2.54
CA MET C 43 -46.74 -37.52 2.57
CA MET C 43 -46.74 -37.52 2.57
C MET C 43 -46.68 -38.48 1.37
C MET C 43 -46.68 -38.48 1.37
N TYR C 44 -46.43 -37.95 0.16
CA TYR C 44 -46.59 -38.71 -1.11
C TYR C 44 -45.24 -39.20 -1.66
N PHE C 45 -44.11 -38.60 -1.27
CA PHE C 45 -42.78 -38.95 -1.83
C PHE C 45 -41.76 -39.33 -0.76
N GLY C 46 -42.04 -39.12 0.54
CA GLY C 46 -41.15 -39.54 1.65
C GLY C 46 -39.83 -38.78 1.65
N HIS C 47 -39.81 -37.53 1.18
CA HIS C 47 -38.64 -36.62 1.22
C HIS C 47 -38.99 -35.40 2.06
N SER C 48 -37.99 -34.84 2.76
CA SER C 48 -38.13 -33.69 3.69
C SER C 48 -37.86 -32.37 2.96
N SER C 49 -37.14 -32.40 1.83
CA SER C 49 -36.65 -31.18 1.12
C SER C 49 -36.51 -31.45 -0.38
N PHE C 50 -36.56 -30.38 -1.16
CA PHE C 50 -36.27 -30.38 -2.61
C PHE C 50 -34.80 -30.04 -2.83
N LYS C 51 -34.15 -30.73 -3.77
CA LYS C 51 -32.83 -30.30 -4.30
C LYS C 51 -33.06 -29.06 -5.16
N PRO C 52 -32.09 -28.12 -5.26
CA PRO C 52 -32.28 -26.90 -6.06
C PRO C 52 -32.81 -27.12 -7.49
N VAL C 53 -32.26 -28.09 -8.25
CA VAL C 53 -32.73 -28.34 -9.65
C VAL C 53 -34.18 -28.85 -9.62
N GLN C 54 -34.52 -29.69 -8.64
CA GLN C 54 -35.90 -30.22 -8.53
C GLN C 54 -36.85 -29.04 -8.35
N TRP C 55 -36.49 -28.11 -7.47
CA TRP C 55 -37.32 -26.92 -7.19
C TRP C 55 -37.37 -26.00 -8.42
N LYS C 56 -36.24 -25.79 -9.11
CA LYS C 56 -36.21 -24.96 -10.35
C LYS C 56 -37.26 -25.49 -11.34
N VAL C 57 -37.26 -26.80 -11.57
CA VAL C 57 -38.19 -27.41 -12.56
C VAL C 57 -39.62 -27.31 -12.02
N ILE C 58 -39.85 -27.77 -10.79
CA ILE C 58 -41.23 -27.82 -10.20
C ILE C 58 -41.83 -26.41 -10.16
N HIS C 59 -41.08 -25.43 -9.64
CA HIS C 59 -41.60 -24.05 -9.50
C HIS C 59 -41.86 -23.46 -10.88
N SER C 60 -40.97 -23.69 -11.85
CA SER C 60 -41.15 -23.17 -13.24
C SER C 60 -42.41 -23.77 -13.86
N VAL C 61 -42.72 -25.04 -13.59
CA VAL C 61 -43.95 -25.71 -14.11
C VAL C 61 -45.17 -25.12 -13.42
N LEU C 62 -45.18 -25.07 -12.09
CA LEU C 62 -46.39 -24.69 -11.31
C LEU C 62 -46.72 -23.20 -11.50
N GLU C 63 -45.72 -22.33 -11.36
CA GLU C 63 -45.99 -20.87 -11.21
C GLU C 63 -45.84 -20.15 -12.55
N GLU C 64 -45.00 -20.66 -13.47
CA GLU C 64 -44.73 -19.99 -14.78
C GLU C 64 -45.28 -20.78 -15.97
N ARG C 65 -45.68 -22.05 -15.79
CA ARG C 65 -46.11 -22.96 -16.88
C ARG C 65 -45.04 -22.95 -17.97
N ARG C 66 -43.78 -23.06 -17.56
CA ARG C 66 -42.61 -22.91 -18.45
C ARG C 66 -42.16 -24.28 -18.96
N ASP C 67 -41.93 -24.39 -20.26
CA ASP C 67 -41.26 -25.57 -20.87
C ASP C 67 -39.89 -25.76 -20.22
N ASN C 68 -39.45 -27.03 -20.09
CA ASN C 68 -38.13 -27.38 -19.53
C ASN C 68 -37.45 -28.40 -20.44
N VAL C 69 -36.14 -28.29 -20.60
CA VAL C 69 -35.28 -29.44 -20.98
C VAL C 69 -34.40 -29.72 -19.76
N ALA C 70 -34.66 -30.85 -19.12
CA ALA C 70 -33.96 -31.31 -17.91
C ALA C 70 -33.04 -32.47 -18.31
N VAL C 71 -31.76 -32.17 -18.51
CA VAL C 71 -30.72 -33.21 -18.74
C VAL C 71 -30.38 -33.79 -17.37
N MET C 72 -30.60 -35.09 -17.19
CA MET C 72 -30.33 -35.79 -15.91
C MET C 72 -29.59 -37.08 -16.24
N ALA C 73 -28.35 -37.20 -15.75
CA ALA C 73 -27.42 -38.31 -16.05
C ALA C 73 -28.05 -39.65 -15.69
N THR C 74 -28.83 -39.71 -14.59
CA THR C 74 -29.47 -40.95 -14.08
C THR C 74 -30.93 -40.67 -13.65
N GLY C 75 -31.65 -41.72 -13.26
CA GLY C 75 -33.01 -41.62 -12.70
C GLY C 75 -33.03 -41.13 -11.26
N TYR C 76 -31.88 -40.98 -10.59
CA TYR C 76 -31.81 -40.61 -9.16
C TYR C 76 -32.27 -39.15 -8.97
N GLY C 77 -33.48 -38.96 -8.44
CA GLY C 77 -34.12 -37.65 -8.17
C GLY C 77 -34.87 -37.10 -9.39
N LYS C 78 -34.99 -37.89 -10.45
CA LYS C 78 -35.55 -37.44 -11.76
C LYS C 78 -37.07 -37.42 -11.73
N SER C 79 -37.70 -38.52 -11.31
N SER C 79 -37.70 -38.53 -11.31
CA SER C 79 -39.17 -38.73 -11.38
CA SER C 79 -39.17 -38.73 -11.38
C SER C 79 -39.92 -37.66 -10.58
C SER C 79 -39.92 -37.66 -10.59
N LEU C 80 -39.36 -37.19 -9.46
CA LEU C 80 -40.02 -36.16 -8.60
C LEU C 80 -40.37 -34.91 -9.44
N CYS C 81 -39.50 -34.52 -10.38
CA CYS C 81 -39.66 -33.27 -11.16
C CYS C 81 -40.97 -33.27 -11.96
N PHE C 82 -41.41 -34.42 -12.47
CA PHE C 82 -42.66 -34.50 -13.29
C PHE C 82 -43.82 -35.13 -12.49
N GLN C 83 -43.55 -35.86 -11.42
CA GLN C 83 -44.63 -36.51 -10.62
C GLN C 83 -45.16 -35.52 -9.58
N TYR C 84 -44.32 -34.70 -8.98
CA TYR C 84 -44.72 -33.83 -7.84
C TYR C 84 -45.77 -32.81 -8.29
N PRO C 85 -45.57 -32.03 -9.38
CA PRO C 85 -46.51 -30.95 -9.70
C PRO C 85 -47.97 -31.37 -9.79
N PRO C 86 -48.38 -32.42 -10.57
CA PRO C 86 -49.79 -32.79 -10.64
C PRO C 86 -50.34 -33.32 -9.31
N VAL C 87 -49.49 -33.96 -8.48
CA VAL C 87 -49.90 -34.49 -7.15
C VAL C 87 -50.24 -33.29 -6.26
N TYR C 88 -49.41 -32.26 -6.26
CA TYR C 88 -49.62 -31.05 -5.42
C TYR C 88 -50.92 -30.33 -5.80
N VAL C 89 -51.15 -30.08 -7.09
CA VAL C 89 -52.34 -29.29 -7.54
C VAL C 89 -53.58 -30.18 -7.66
N GLY C 90 -53.41 -31.52 -7.59
CA GLY C 90 -54.52 -32.49 -7.63
C GLY C 90 -55.21 -32.53 -8.98
N LYS C 91 -54.45 -32.35 -10.06
CA LYS C 91 -54.98 -32.35 -11.45
C LYS C 91 -54.43 -33.60 -12.14
N ILE C 92 -53.83 -33.47 -13.33
CA ILE C 92 -53.30 -34.63 -14.08
C ILE C 92 -51.96 -34.25 -14.71
N GLY C 93 -51.00 -35.17 -14.67
CA GLY C 93 -49.75 -35.09 -15.44
C GLY C 93 -49.65 -36.25 -16.38
N LEU C 94 -49.16 -36.01 -17.60
N LEU C 94 -49.15 -36.01 -17.59
CA LEU C 94 -48.93 -37.07 -18.62
CA LEU C 94 -48.91 -37.06 -18.62
C LEU C 94 -47.42 -37.34 -18.69
C LEU C 94 -47.41 -37.33 -18.69
N VAL C 95 -47.04 -38.61 -18.71
CA VAL C 95 -45.63 -39.04 -18.89
C VAL C 95 -45.59 -39.86 -20.18
N ILE C 96 -44.92 -39.32 -21.21
CA ILE C 96 -44.74 -39.99 -22.52
C ILE C 96 -43.36 -40.65 -22.52
N SER C 97 -43.30 -41.98 -22.67
CA SER C 97 -42.03 -42.72 -22.62
C SER C 97 -42.13 -43.99 -23.46
N PRO C 98 -41.02 -44.43 -24.09
CA PRO C 98 -40.96 -45.75 -24.71
C PRO C 98 -40.47 -46.87 -23.77
N LEU C 99 -40.07 -46.55 -22.54
CA LEU C 99 -39.42 -47.51 -21.60
C LEU C 99 -40.51 -48.22 -20.79
N ILE C 100 -41.13 -49.23 -21.39
CA ILE C 100 -42.38 -49.91 -20.90
C ILE C 100 -42.16 -50.41 -19.46
N SER C 101 -41.11 -51.19 -19.23
N SER C 101 -41.11 -51.20 -19.24
CA SER C 101 -40.82 -51.84 -17.92
CA SER C 101 -40.80 -51.85 -17.92
C SER C 101 -40.63 -50.77 -16.83
C SER C 101 -40.63 -50.77 -16.83
N LEU C 102 -39.90 -49.69 -17.14
CA LEU C 102 -39.66 -48.59 -16.17
C LEU C 102 -40.96 -47.83 -15.89
N MET C 103 -41.79 -47.64 -16.91
CA MET C 103 -43.13 -46.99 -16.77
C MET C 103 -43.98 -47.84 -15.82
N GLU C 104 -44.02 -49.16 -16.03
CA GLU C 104 -44.76 -50.11 -15.14
C GLU C 104 -44.22 -49.98 -13.71
N ASP C 105 -42.89 -49.95 -13.53
CA ASP C 105 -42.23 -49.85 -12.21
C ASP C 105 -42.69 -48.56 -11.51
N GLN C 106 -42.71 -47.43 -12.22
CA GLN C 106 -43.07 -46.11 -11.66
C GLN C 106 -44.56 -46.07 -11.31
N VAL C 107 -45.42 -46.61 -12.17
CA VAL C 107 -46.89 -46.69 -11.92
C VAL C 107 -47.11 -47.45 -10.60
N LEU C 108 -46.46 -48.60 -10.40
CA LEU C 108 -46.65 -49.40 -9.18
C LEU C 108 -46.16 -48.63 -7.94
N GLN C 109 -44.99 -47.97 -8.05
N GLN C 109 -45.00 -47.97 -8.05
CA GLN C 109 -44.41 -47.16 -6.93
CA GLN C 109 -44.42 -47.17 -6.93
C GLN C 109 -45.38 -46.03 -6.55
C GLN C 109 -45.38 -46.03 -6.55
N LEU C 110 -46.00 -45.38 -7.54
CA LEU C 110 -47.00 -44.30 -7.31
C LEU C 110 -48.23 -44.88 -6.58
N LYS C 111 -48.76 -46.00 -7.06
CA LYS C 111 -49.93 -46.68 -6.41
C LYS C 111 -49.59 -47.02 -4.96
N MET C 112 -48.38 -47.53 -4.69
CA MET C 112 -47.95 -47.95 -3.33
C MET C 112 -47.73 -46.72 -2.44
N SER C 113 -47.60 -45.52 -3.00
CA SER C 113 -47.51 -44.22 -2.27
C SER C 113 -48.90 -43.55 -2.17
N ASN C 114 -49.97 -44.26 -2.54
CA ASN C 114 -51.37 -43.78 -2.49
C ASN C 114 -51.56 -42.60 -3.46
N ILE C 115 -50.85 -42.64 -4.59
CA ILE C 115 -51.04 -41.68 -5.73
C ILE C 115 -51.74 -42.46 -6.85
N PRO C 116 -52.97 -42.10 -7.25
CA PRO C 116 -53.66 -42.82 -8.32
C PRO C 116 -52.94 -42.57 -9.65
N ALA C 117 -52.44 -43.65 -10.24
CA ALA C 117 -51.62 -43.61 -11.47
C ALA C 117 -51.93 -44.84 -12.31
N CYS C 118 -51.73 -44.72 -13.63
CA CYS C 118 -51.94 -45.88 -14.54
C CYS C 118 -51.08 -45.76 -15.79
N PHE C 119 -50.92 -46.90 -16.45
CA PHE C 119 -50.36 -47.05 -17.81
C PHE C 119 -51.56 -47.08 -18.77
N LEU C 120 -51.63 -46.10 -19.67
CA LEU C 120 -52.69 -46.04 -20.70
C LEU C 120 -52.09 -46.47 -22.04
N GLY C 121 -52.71 -47.47 -22.65
CA GLY C 121 -52.45 -47.93 -24.02
C GLY C 121 -53.70 -48.58 -24.57
N SER C 122 -53.64 -49.08 -25.80
CA SER C 122 -54.82 -49.66 -26.49
C SER C 122 -55.38 -50.83 -25.69
N ALA C 123 -54.52 -51.76 -25.23
CA ALA C 123 -54.93 -52.99 -24.52
C ALA C 123 -55.43 -52.67 -23.11
N GLN C 124 -55.06 -51.52 -22.54
CA GLN C 124 -55.39 -51.12 -21.15
C GLN C 124 -56.59 -50.16 -21.12
N SER C 125 -57.01 -49.62 -22.29
N SER C 125 -57.00 -49.63 -22.28
CA SER C 125 -58.00 -48.53 -22.40
CA SER C 125 -58.00 -48.53 -22.41
C SER C 125 -59.33 -48.93 -21.76
C SER C 125 -59.33 -48.93 -21.76
N GLU C 126 -59.82 -50.14 -22.04
CA GLU C 126 -61.12 -50.65 -21.49
C GLU C 126 -61.14 -50.50 -19.96
N ASN C 127 -60.01 -50.78 -19.30
CA ASN C 127 -59.89 -50.79 -17.81
C ASN C 127 -59.83 -49.36 -17.26
N VAL C 128 -59.09 -48.44 -17.90
CA VAL C 128 -58.66 -47.15 -17.26
C VAL C 128 -59.23 -45.90 -17.95
N LEU C 129 -59.64 -45.93 -19.22
CA LEU C 129 -59.85 -44.68 -20.01
C LEU C 129 -60.99 -43.83 -19.42
N THR C 130 -62.14 -44.44 -19.13
CA THR C 130 -63.31 -43.72 -18.54
C THR C 130 -62.86 -43.01 -17.25
N ASP C 131 -62.13 -43.73 -16.39
CA ASP C 131 -61.65 -43.21 -15.08
C ASP C 131 -60.66 -42.06 -15.30
N ILE C 132 -59.81 -42.13 -16.34
CA ILE C 132 -58.88 -41.02 -16.69
C ILE C 132 -59.71 -39.78 -17.08
N LYS C 133 -60.72 -39.95 -17.93
CA LYS C 133 -61.58 -38.84 -18.43
C LYS C 133 -62.32 -38.18 -17.26
N LEU C 134 -62.67 -38.95 -16.22
CA LEU C 134 -63.43 -38.46 -15.03
C LEU C 134 -62.49 -37.86 -13.97
N GLY C 135 -61.17 -37.85 -14.22
CA GLY C 135 -60.18 -37.16 -13.37
C GLY C 135 -59.79 -37.97 -12.14
N LYS C 136 -59.86 -39.31 -12.20
CA LYS C 136 -59.57 -40.19 -11.05
C LYS C 136 -58.06 -40.47 -10.92
N TYR C 137 -57.27 -40.20 -11.97
CA TYR C 137 -55.81 -40.46 -12.00
C TYR C 137 -55.03 -39.14 -11.99
N ARG C 138 -54.02 -39.06 -11.13
CA ARG C 138 -53.09 -37.91 -11.01
C ARG C 138 -52.04 -38.00 -12.12
N ILE C 139 -51.53 -39.21 -12.39
CA ILE C 139 -50.41 -39.41 -13.35
C ILE C 139 -50.78 -40.54 -14.30
N VAL C 140 -50.67 -40.27 -15.60
CA VAL C 140 -50.95 -41.25 -16.69
C VAL C 140 -49.68 -41.38 -17.53
N TYR C 141 -49.21 -42.62 -17.66
CA TYR C 141 -48.04 -43.01 -18.51
C TYR C 141 -48.59 -43.52 -19.84
N VAL C 142 -48.06 -43.02 -20.95
CA VAL C 142 -48.45 -43.43 -22.33
C VAL C 142 -47.20 -43.57 -23.18
N THR C 143 -47.24 -44.43 -24.19
CA THR C 143 -46.19 -44.50 -25.23
C THR C 143 -46.39 -43.34 -26.21
N PRO C 144 -45.33 -42.92 -26.93
CA PRO C 144 -45.49 -41.93 -28.00
C PRO C 144 -46.46 -42.40 -29.09
N GLU C 145 -46.46 -43.69 -29.43
CA GLU C 145 -47.33 -44.26 -30.50
C GLU C 145 -48.79 -44.02 -30.10
N TYR C 146 -49.15 -44.32 -28.85
CA TYR C 146 -50.53 -44.17 -28.35
C TYR C 146 -50.90 -42.67 -28.31
N CYS C 147 -49.99 -41.86 -27.78
CA CYS C 147 -50.15 -40.39 -27.64
C CYS C 147 -50.44 -39.77 -29.01
N SER C 148 -49.64 -40.12 -30.02
CA SER C 148 -49.71 -39.63 -31.43
C SER C 148 -51.13 -39.73 -31.98
N GLY C 149 -51.86 -40.80 -31.65
CA GLY C 149 -53.20 -41.08 -32.19
C GLY C 149 -54.34 -40.61 -31.28
N ASN C 150 -54.05 -39.83 -30.24
CA ASN C 150 -55.04 -39.47 -29.19
C ASN C 150 -54.87 -38.01 -28.74
N MET C 151 -54.55 -37.09 -29.64
CA MET C 151 -54.46 -35.64 -29.31
C MET C 151 -55.83 -35.14 -28.86
N GLY C 152 -56.92 -35.66 -29.44
CA GLY C 152 -58.31 -35.36 -29.04
C GLY C 152 -58.56 -35.65 -27.57
N LEU C 153 -58.13 -36.81 -27.08
CA LEU C 153 -58.22 -37.19 -25.64
C LEU C 153 -57.52 -36.13 -24.80
N LEU C 154 -56.28 -35.75 -25.17
CA LEU C 154 -55.47 -34.79 -24.37
C LEU C 154 -56.20 -33.45 -24.31
N GLN C 155 -56.82 -33.01 -25.42
CA GLN C 155 -57.59 -31.75 -25.46
C GLN C 155 -58.77 -31.82 -24.48
N GLN C 156 -59.45 -32.97 -24.41
CA GLN C 156 -60.58 -33.21 -23.47
C GLN C 156 -60.07 -33.13 -22.02
N LEU C 157 -58.94 -33.79 -21.72
CA LEU C 157 -58.37 -33.80 -20.34
C LEU C 157 -57.99 -32.37 -19.95
N GLU C 158 -57.40 -31.59 -20.87
CA GLU C 158 -57.02 -30.17 -20.63
C GLU C 158 -58.29 -29.38 -20.30
N ALA C 159 -59.37 -29.57 -21.05
CA ALA C 159 -60.66 -28.83 -20.89
C ALA C 159 -61.36 -29.20 -19.57
N ASP C 160 -61.41 -30.50 -19.21
CA ASP C 160 -62.25 -31.02 -18.09
C ASP C 160 -61.47 -31.04 -16.77
N ILE C 161 -60.15 -31.28 -16.80
CA ILE C 161 -59.30 -31.43 -15.58
C ILE C 161 -58.26 -30.30 -15.53
N GLY C 162 -57.52 -30.12 -16.63
CA GLY C 162 -56.33 -29.24 -16.68
C GLY C 162 -55.06 -30.08 -16.55
N ILE C 163 -54.24 -30.09 -17.58
CA ILE C 163 -52.96 -30.87 -17.58
C ILE C 163 -51.87 -29.98 -16.97
N THR C 164 -51.34 -30.40 -15.83
CA THR C 164 -50.29 -29.67 -15.09
C THR C 164 -49.01 -29.61 -15.94
N LEU C 165 -48.62 -30.75 -16.54
N LEU C 165 -48.64 -30.74 -16.55
CA LEU C 165 -47.45 -30.83 -17.44
CA LEU C 165 -47.44 -30.84 -17.42
C LEU C 165 -47.52 -32.11 -18.27
C LEU C 165 -47.52 -32.11 -18.28
N ILE C 166 -46.78 -32.11 -19.37
CA ILE C 166 -46.48 -33.33 -20.18
C ILE C 166 -44.98 -33.54 -20.05
N ALA C 167 -44.57 -34.69 -19.50
CA ALA C 167 -43.16 -35.14 -19.50
C ALA C 167 -42.92 -35.96 -20.76
N VAL C 168 -41.84 -35.66 -21.48
CA VAL C 168 -41.35 -36.49 -22.62
C VAL C 168 -40.01 -37.07 -22.18
N ASP C 169 -39.99 -38.35 -21.79
CA ASP C 169 -38.74 -39.03 -21.38
C ASP C 169 -38.02 -39.50 -22.65
N GLU C 170 -36.71 -39.74 -22.55
CA GLU C 170 -35.87 -40.18 -23.69
C GLU C 170 -36.03 -39.17 -24.83
N ALA C 171 -36.12 -37.87 -24.52
CA ALA C 171 -36.50 -36.81 -25.48
C ALA C 171 -35.49 -36.74 -26.64
N HIS C 172 -34.24 -37.16 -26.42
CA HIS C 172 -33.19 -37.26 -27.47
C HIS C 172 -33.64 -38.16 -28.64
N CYS C 173 -34.59 -39.08 -28.40
CA CYS C 173 -35.13 -40.01 -29.44
C CYS C 173 -35.85 -39.24 -30.56
N ILE C 174 -36.23 -37.97 -30.36
CA ILE C 174 -36.89 -37.15 -31.42
C ILE C 174 -35.86 -36.70 -32.48
N SER C 175 -34.56 -36.72 -32.17
CA SER C 175 -33.49 -36.22 -33.07
C SER C 175 -32.99 -37.32 -34.01
N GLU C 176 -33.10 -37.12 -35.33
CA GLU C 176 -32.48 -37.96 -36.39
C GLU C 176 -30.95 -38.01 -36.20
N TRP C 177 -30.38 -36.99 -35.56
CA TRP C 177 -28.91 -36.78 -35.48
C TRP C 177 -28.33 -37.50 -34.27
N GLY C 178 -29.18 -37.89 -33.31
CA GLY C 178 -28.79 -38.69 -32.14
C GLY C 178 -28.54 -40.14 -32.49
N HIS C 179 -28.25 -40.94 -31.46
CA HIS C 179 -27.82 -42.36 -31.55
C HIS C 179 -28.98 -43.31 -31.23
N ASP C 180 -30.21 -42.80 -31.06
CA ASP C 180 -31.36 -43.62 -30.58
C ASP C 180 -32.67 -43.06 -31.15
N PHE C 181 -32.69 -42.75 -32.44
CA PHE C 181 -33.86 -42.14 -33.11
C PHE C 181 -35.05 -43.12 -33.02
N ARG C 182 -36.22 -42.58 -32.67
CA ARG C 182 -37.50 -43.33 -32.70
C ARG C 182 -38.48 -42.52 -33.56
N ASP C 183 -38.93 -43.11 -34.69
N ASP C 183 -38.95 -43.10 -34.68
CA ASP C 183 -39.96 -42.53 -35.58
CA ASP C 183 -39.93 -42.43 -35.59
C ASP C 183 -41.19 -42.11 -34.78
C ASP C 183 -41.20 -42.11 -34.80
N SER C 184 -41.53 -42.89 -33.76
CA SER C 184 -42.70 -42.69 -32.85
C SER C 184 -42.69 -41.30 -32.20
N PHE C 185 -41.53 -40.66 -32.03
CA PHE C 185 -41.42 -39.34 -31.34
C PHE C 185 -41.75 -38.18 -32.29
N ARG C 186 -41.65 -38.39 -33.61
CA ARG C 186 -41.80 -37.30 -34.63
C ARG C 186 -43.09 -36.50 -34.36
N LYS C 187 -44.22 -37.18 -34.15
CA LYS C 187 -45.57 -36.57 -34.02
C LYS C 187 -45.74 -35.82 -32.69
N LEU C 188 -44.81 -35.92 -31.75
CA LEU C 188 -44.90 -35.18 -30.46
C LEU C 188 -44.68 -33.68 -30.69
N GLY C 189 -44.21 -33.28 -31.88
CA GLY C 189 -44.25 -31.88 -32.35
C GLY C 189 -45.63 -31.26 -32.31
N SER C 190 -46.70 -32.07 -32.40
CA SER C 190 -48.12 -31.61 -32.41
C SER C 190 -48.62 -31.24 -31.01
N LEU C 191 -47.92 -31.63 -29.92
CA LEU C 191 -48.40 -31.39 -28.53
C LEU C 191 -48.63 -29.89 -28.32
N LYS C 192 -47.67 -29.06 -28.73
CA LYS C 192 -47.74 -27.58 -28.52
C LYS C 192 -48.82 -26.95 -29.39
N THR C 193 -49.09 -27.49 -30.58
CA THR C 193 -50.23 -27.08 -31.45
C THR C 193 -51.55 -27.38 -30.74
N ALA C 194 -51.72 -28.62 -30.27
CA ALA C 194 -52.96 -29.12 -29.63
C ALA C 194 -53.16 -28.47 -28.26
N LEU C 195 -52.06 -28.23 -27.52
CA LEU C 195 -52.07 -27.82 -26.09
C LEU C 195 -51.04 -26.70 -25.90
N PRO C 196 -51.25 -25.49 -26.45
CA PRO C 196 -50.23 -24.45 -26.41
C PRO C 196 -49.88 -23.93 -25.01
N MET C 197 -50.79 -24.09 -24.02
CA MET C 197 -50.63 -23.56 -22.64
C MET C 197 -50.08 -24.65 -21.70
N VAL C 198 -49.92 -25.89 -22.15
CA VAL C 198 -49.44 -26.99 -21.27
C VAL C 198 -47.92 -27.05 -21.36
N PRO C 199 -47.19 -26.89 -20.24
CA PRO C 199 -45.74 -26.95 -20.26
C PRO C 199 -45.27 -28.38 -20.52
N ILE C 200 -44.22 -28.51 -21.32
CA ILE C 200 -43.54 -29.81 -21.61
C ILE C 200 -42.23 -29.82 -20.84
N VAL C 201 -41.98 -30.90 -20.11
CA VAL C 201 -40.68 -31.20 -19.47
C VAL C 201 -40.04 -32.32 -20.30
N ALA C 202 -39.06 -31.97 -21.13
CA ALA C 202 -38.29 -32.92 -21.95
C ALA C 202 -37.11 -33.42 -21.10
N LEU C 203 -36.99 -34.74 -20.96
CA LEU C 203 -35.94 -35.37 -20.11
C LEU C 203 -35.04 -36.23 -20.98
N THR C 204 -33.74 -36.18 -20.72
CA THR C 204 -32.71 -36.99 -21.43
C THR C 204 -31.45 -37.05 -20.57
N ALA C 205 -30.62 -38.06 -20.77
CA ALA C 205 -29.30 -38.20 -20.14
C ALA C 205 -28.18 -37.57 -20.99
N THR C 206 -28.47 -37.18 -22.24
N THR C 206 -28.49 -37.17 -22.23
CA THR C 206 -27.46 -36.62 -23.17
CA THR C 206 -27.52 -36.60 -23.21
C THR C 206 -27.30 -35.11 -22.92
C THR C 206 -27.31 -35.11 -22.92
N ALA C 207 -26.07 -34.69 -22.59
CA ALA C 207 -25.71 -33.28 -22.30
C ALA C 207 -25.26 -32.55 -23.58
N SER C 208 -25.29 -33.22 -24.74
CA SER C 208 -24.98 -32.62 -26.07
C SER C 208 -25.84 -31.37 -26.30
N SER C 209 -25.19 -30.23 -26.56
CA SER C 209 -25.85 -28.95 -26.96
C SER C 209 -26.62 -29.13 -28.27
N SER C 210 -26.03 -29.85 -29.24
N SER C 210 -26.02 -29.85 -29.24
CA SER C 210 -26.65 -30.14 -30.56
CA SER C 210 -26.63 -30.16 -30.56
C SER C 210 -27.97 -30.90 -30.36
C SER C 210 -27.96 -30.90 -30.37
N ILE C 211 -27.98 -31.94 -29.51
CA ILE C 211 -29.20 -32.74 -29.24
C ILE C 211 -30.23 -31.88 -28.50
N ARG C 212 -29.81 -31.05 -27.53
CA ARG C 212 -30.72 -30.11 -26.82
C ARG C 212 -31.44 -29.23 -27.84
N GLU C 213 -30.70 -28.63 -28.77
CA GLU C 213 -31.28 -27.74 -29.82
C GLU C 213 -32.30 -28.53 -30.66
N ASP C 214 -31.99 -29.78 -31.00
CA ASP C 214 -32.89 -30.68 -31.77
C ASP C 214 -34.19 -30.91 -30.98
N ILE C 215 -34.07 -31.18 -29.67
CA ILE C 215 -35.24 -31.43 -28.79
C ILE C 215 -36.12 -30.17 -28.76
N VAL C 216 -35.51 -29.00 -28.57
CA VAL C 216 -36.26 -27.70 -28.46
C VAL C 216 -37.01 -27.43 -29.77
N ARG C 217 -36.36 -27.62 -30.91
CA ARG C 217 -36.98 -27.37 -32.25
C ARG C 217 -38.12 -28.36 -32.47
N CYS C 218 -37.85 -29.65 -32.31
CA CYS C 218 -38.78 -30.76 -32.70
C CYS C 218 -40.01 -30.77 -31.78
N LEU C 219 -39.88 -30.39 -30.50
CA LEU C 219 -41.04 -30.32 -29.56
C LEU C 219 -41.67 -28.92 -29.54
N ASN C 220 -41.14 -27.96 -30.31
CA ASN C 220 -41.70 -26.58 -30.41
C ASN C 220 -41.74 -25.94 -29.01
N LEU C 221 -40.68 -26.14 -28.21
CA LEU C 221 -40.61 -25.57 -26.84
C LEU C 221 -40.38 -24.06 -26.97
N ARG C 222 -40.99 -23.28 -26.06
CA ARG C 222 -40.92 -21.80 -26.02
C ARG C 222 -40.05 -21.39 -24.84
N ASN C 223 -38.90 -20.76 -25.11
CA ASN C 223 -37.96 -20.23 -24.09
C ASN C 223 -37.79 -21.25 -22.95
N PRO C 224 -37.44 -22.52 -23.23
CA PRO C 224 -37.39 -23.53 -22.18
C PRO C 224 -36.27 -23.26 -21.17
N GLN C 225 -36.55 -23.54 -19.91
CA GLN C 225 -35.53 -23.60 -18.84
C GLN C 225 -34.65 -24.84 -19.09
N ILE C 226 -33.34 -24.63 -19.18
CA ILE C 226 -32.34 -25.70 -19.46
C ILE C 226 -31.60 -25.99 -18.16
N THR C 227 -31.65 -27.24 -17.71
CA THR C 227 -30.87 -27.70 -16.54
C THR C 227 -30.10 -28.96 -16.93
N CYS C 228 -28.99 -29.19 -16.27
CA CYS C 228 -28.07 -30.31 -16.54
C CYS C 228 -27.47 -30.77 -15.21
N THR C 229 -27.92 -31.91 -14.69
CA THR C 229 -27.57 -32.39 -13.34
C THR C 229 -27.39 -33.91 -13.34
N GLY C 230 -26.93 -34.45 -12.21
CA GLY C 230 -26.68 -35.90 -12.02
C GLY C 230 -25.26 -36.32 -12.38
N PHE C 231 -24.41 -35.37 -12.81
CA PHE C 231 -23.01 -35.61 -13.22
C PHE C 231 -22.07 -35.18 -12.08
N ASP C 232 -20.97 -35.91 -11.88
CA ASP C 232 -19.98 -35.63 -10.80
C ASP C 232 -18.81 -34.78 -11.34
N ARG C 233 -18.64 -34.69 -12.67
CA ARG C 233 -17.64 -33.83 -13.37
C ARG C 233 -16.24 -34.07 -12.79
N PRO C 234 -15.68 -35.29 -12.90
CA PRO C 234 -14.42 -35.64 -12.24
C PRO C 234 -13.20 -34.86 -12.78
N ASN C 235 -13.34 -34.27 -13.97
CA ASN C 235 -12.28 -33.52 -14.69
C ASN C 235 -12.22 -32.05 -14.23
N LEU C 236 -13.05 -31.62 -13.28
CA LEU C 236 -13.00 -30.23 -12.73
C LEU C 236 -12.24 -30.24 -11.40
N TYR C 237 -11.10 -29.58 -11.38
CA TYR C 237 -10.31 -29.35 -10.14
C TYR C 237 -10.77 -28.03 -9.53
N LEU C 238 -11.02 -28.01 -8.22
CA LEU C 238 -11.57 -26.84 -7.50
C LEU C 238 -10.55 -26.28 -6.53
N GLU C 239 -10.35 -24.97 -6.54
CA GLU C 239 -9.44 -24.31 -5.57
C GLU C 239 -10.02 -22.95 -5.18
N VAL C 240 -9.83 -22.60 -3.91
CA VAL C 240 -10.14 -21.26 -3.34
C VAL C 240 -8.84 -20.72 -2.75
N ARG C 241 -8.48 -19.51 -3.16
CA ARG C 241 -7.19 -18.86 -2.80
C ARG C 241 -7.48 -17.41 -2.42
N ARG C 242 -6.73 -16.87 -1.46
CA ARG C 242 -6.85 -15.46 -1.06
C ARG C 242 -6.24 -14.57 -2.15
N LYS C 243 -6.90 -13.43 -2.44
CA LYS C 243 -6.30 -12.30 -3.20
C LYS C 243 -5.06 -11.78 -2.48
N THR C 244 -4.09 -11.27 -3.25
CA THR C 244 -2.76 -10.77 -2.76
C THR C 244 -2.71 -9.24 -2.74
N GLY C 245 -3.72 -8.55 -3.28
CA GLY C 245 -3.83 -7.07 -3.27
C GLY C 245 -3.26 -6.41 -4.52
N ASN C 246 -3.06 -7.18 -5.60
CA ASN C 246 -2.49 -6.72 -6.90
C ASN C 246 -2.99 -7.69 -7.99
N ILE C 247 -3.60 -7.17 -9.07
CA ILE C 247 -4.20 -8.01 -10.16
C ILE C 247 -3.10 -8.89 -10.77
N LEU C 248 -1.97 -8.32 -11.17
CA LEU C 248 -0.90 -9.10 -11.86
C LEU C 248 -0.33 -10.12 -10.89
N GLN C 249 -0.11 -9.76 -9.62
CA GLN C 249 0.39 -10.70 -8.59
C GLN C 249 -0.59 -11.89 -8.49
N ASP C 250 -1.89 -11.62 -8.53
CA ASP C 250 -2.97 -12.65 -8.41
C ASP C 250 -2.99 -13.58 -9.63
N LEU C 251 -2.79 -13.05 -10.84
CA LEU C 251 -3.03 -13.80 -12.10
C LEU C 251 -1.73 -14.38 -12.67
N GLN C 252 -0.56 -13.87 -12.28
CA GLN C 252 0.77 -14.36 -12.76
C GLN C 252 0.87 -15.89 -12.63
N PRO C 253 0.45 -16.53 -11.50
CA PRO C 253 0.57 -17.99 -11.38
C PRO C 253 -0.13 -18.80 -12.48
N PHE C 254 -1.13 -18.22 -13.16
CA PHE C 254 -1.91 -18.86 -14.24
C PHE C 254 -1.23 -18.71 -15.60
N LEU C 255 -0.20 -17.85 -15.72
CA LEU C 255 0.36 -17.39 -17.02
C LEU C 255 1.64 -18.17 -17.37
N VAL C 256 1.92 -18.25 -18.67
CA VAL C 256 3.13 -18.88 -19.27
C VAL C 256 3.63 -17.93 -20.37
N LYS C 257 4.92 -17.59 -20.36
CA LYS C 257 5.54 -16.72 -21.40
C LYS C 257 5.96 -17.60 -22.59
N THR C 258 5.39 -17.35 -23.77
CA THR C 258 5.73 -18.04 -25.05
C THR C 258 5.99 -17.00 -26.14
N SER C 259 7.05 -17.20 -26.93
CA SER C 259 7.65 -16.20 -27.85
C SER C 259 8.05 -14.95 -27.05
N SER C 260 7.31 -13.83 -27.19
CA SER C 260 7.49 -12.59 -26.38
C SER C 260 6.12 -12.05 -25.94
N HIS C 261 5.22 -12.94 -25.54
CA HIS C 261 3.90 -12.60 -24.92
C HIS C 261 3.55 -13.64 -23.86
N TRP C 262 2.61 -13.30 -22.97
N TRP C 262 2.62 -13.30 -22.96
CA TRP C 262 2.10 -14.19 -21.88
CA TRP C 262 2.11 -14.20 -21.88
C TRP C 262 0.73 -14.75 -22.27
C TRP C 262 0.73 -14.75 -22.26
N GLU C 263 0.42 -15.97 -21.84
CA GLU C 263 -0.87 -16.65 -22.14
C GLU C 263 -1.28 -17.57 -20.98
N PHE C 264 -2.55 -17.95 -20.94
CA PHE C 264 -3.10 -19.04 -20.10
C PHE C 264 -2.78 -20.38 -20.79
N GLU C 265 -2.96 -21.49 -20.06
CA GLU C 265 -2.77 -22.87 -20.60
C GLU C 265 -3.74 -23.10 -21.76
N GLY C 266 -4.97 -22.60 -21.64
CA GLY C 266 -6.05 -22.82 -22.63
C GLY C 266 -7.15 -21.77 -22.53
N PRO C 267 -8.27 -21.97 -23.25
CA PRO C 267 -9.40 -21.04 -23.20
C PRO C 267 -9.86 -20.82 -21.75
N THR C 268 -9.98 -19.55 -21.35
CA THR C 268 -10.15 -19.11 -19.95
C THR C 268 -11.29 -18.08 -19.87
N ILE C 269 -12.18 -18.23 -18.89
CA ILE C 269 -13.15 -17.16 -18.51
C ILE C 269 -12.76 -16.65 -17.12
N ILE C 270 -12.61 -15.33 -16.99
CA ILE C 270 -12.43 -14.63 -15.69
C ILE C 270 -13.72 -13.87 -15.39
N TYR C 271 -14.48 -14.34 -14.39
CA TYR C 271 -15.72 -13.71 -13.91
C TYR C 271 -15.39 -12.69 -12.81
N CYS C 272 -15.78 -11.44 -13.00
CA CYS C 272 -15.65 -10.32 -12.02
C CYS C 272 -17.04 -9.85 -11.58
N PRO C 273 -17.25 -9.43 -10.31
CA PRO C 273 -18.54 -8.89 -9.88
C PRO C 273 -18.96 -7.59 -10.58
N SER C 274 -18.01 -6.68 -10.83
CA SER C 274 -18.26 -5.31 -11.35
C SER C 274 -17.77 -5.16 -12.79
N ARG C 275 -18.41 -4.27 -13.56
CA ARG C 275 -17.95 -3.85 -14.91
C ARG C 275 -16.56 -3.21 -14.80
N LYS C 276 -16.35 -2.37 -13.77
CA LYS C 276 -15.08 -1.67 -13.48
C LYS C 276 -13.94 -2.70 -13.43
N MET C 277 -14.14 -3.77 -12.66
CA MET C 277 -13.11 -4.81 -12.45
C MET C 277 -12.83 -5.57 -13.76
N THR C 278 -13.82 -5.80 -14.62
CA THR C 278 -13.59 -6.47 -15.93
C THR C 278 -12.63 -5.63 -16.78
N GLN C 279 -12.81 -4.30 -16.80
CA GLN C 279 -11.92 -3.36 -17.53
C GLN C 279 -10.53 -3.33 -16.87
N GLN C 280 -10.48 -3.29 -15.53
CA GLN C 280 -9.21 -3.27 -14.75
C GLN C 280 -8.40 -4.53 -15.05
N VAL C 281 -9.04 -5.72 -15.04
CA VAL C 281 -8.35 -7.02 -15.27
C VAL C 281 -7.92 -7.11 -16.74
N THR C 282 -8.79 -6.75 -17.69
CA THR C 282 -8.48 -6.74 -19.14
C THR C 282 -7.25 -5.87 -19.40
N GLY C 283 -7.22 -4.67 -18.81
CA GLY C 283 -6.11 -3.69 -18.94
C GLY C 283 -4.78 -4.31 -18.59
N GLU C 284 -4.70 -5.03 -17.46
CA GLU C 284 -3.46 -5.66 -16.95
C GLU C 284 -3.01 -6.78 -17.91
N LEU C 285 -3.95 -7.59 -18.42
CA LEU C 285 -3.61 -8.71 -19.35
C LEU C 285 -3.21 -8.16 -20.72
N ARG C 286 -3.78 -7.04 -21.16
CA ARG C 286 -3.44 -6.36 -22.44
C ARG C 286 -1.97 -5.89 -22.40
N LYS C 287 -1.48 -5.45 -21.25
CA LYS C 287 -0.06 -5.03 -21.03
C LYS C 287 0.91 -6.19 -21.30
N LEU C 288 0.46 -7.44 -21.15
CA LEU C 288 1.23 -8.67 -21.43
C LEU C 288 0.96 -9.19 -22.86
N ASN C 289 0.24 -8.42 -23.68
CA ASN C 289 -0.14 -8.77 -25.07
C ASN C 289 -0.90 -10.11 -25.09
N LEU C 290 -1.67 -10.39 -24.03
CA LEU C 290 -2.48 -11.62 -23.92
C LEU C 290 -3.72 -11.45 -24.80
N SER C 291 -4.05 -12.48 -25.58
CA SER C 291 -5.20 -12.51 -26.51
C SER C 291 -6.51 -12.60 -25.71
N CYS C 292 -7.18 -11.47 -25.47
CA CYS C 292 -8.36 -11.43 -24.56
C CYS C 292 -9.36 -10.34 -24.96
N GLY C 293 -10.55 -10.40 -24.37
CA GLY C 293 -11.66 -9.44 -24.60
C GLY C 293 -12.53 -9.28 -23.37
N THR C 294 -13.21 -8.14 -23.25
CA THR C 294 -14.12 -7.79 -22.12
C THR C 294 -15.56 -8.07 -22.56
N TYR C 295 -16.43 -8.50 -21.62
CA TYR C 295 -17.86 -8.75 -21.85
C TYR C 295 -18.68 -8.31 -20.63
N HIS C 296 -19.53 -7.29 -20.79
CA HIS C 296 -20.56 -6.89 -19.80
C HIS C 296 -21.73 -6.22 -20.52
N ALA C 297 -22.83 -5.97 -19.80
CA ALA C 297 -24.11 -5.46 -20.34
C ALA C 297 -23.98 -3.99 -20.80
N GLY C 298 -22.96 -3.27 -20.31
CA GLY C 298 -22.60 -1.90 -20.76
C GLY C 298 -22.08 -1.84 -22.19
N MET C 299 -21.76 -2.99 -22.81
CA MET C 299 -21.36 -3.09 -24.25
C MET C 299 -22.61 -3.35 -25.11
N SER C 300 -22.53 -3.00 -26.41
CA SER C 300 -23.62 -3.19 -27.41
C SER C 300 -23.71 -4.65 -27.84
N PHE C 301 -24.85 -5.04 -28.41
CA PHE C 301 -25.14 -6.41 -28.93
C PHE C 301 -24.08 -6.83 -29.96
N SER C 302 -23.71 -5.89 -30.85
CA SER C 302 -22.68 -6.07 -31.92
C SER C 302 -21.36 -6.54 -31.31
N THR C 303 -20.81 -5.77 -30.36
CA THR C 303 -19.51 -6.01 -29.68
C THR C 303 -19.57 -7.34 -28.90
N ARG C 304 -20.63 -7.57 -28.13
CA ARG C 304 -20.84 -8.79 -27.31
C ARG C 304 -20.83 -10.04 -28.22
N LYS C 305 -21.56 -10.00 -29.34
CA LYS C 305 -21.67 -11.16 -30.28
C LYS C 305 -20.33 -11.43 -30.96
N ASP C 306 -19.51 -10.38 -31.16
CA ASP C 306 -18.15 -10.48 -31.76
C ASP C 306 -17.20 -11.17 -30.77
N ILE C 307 -17.25 -10.77 -29.49
CA ILE C 307 -16.46 -11.41 -28.38
C ILE C 307 -16.79 -12.91 -28.36
N HIS C 308 -18.08 -13.24 -28.33
N HIS C 308 -18.09 -13.24 -28.31
CA HIS C 308 -18.61 -14.63 -28.36
CA HIS C 308 -18.66 -14.60 -28.41
C HIS C 308 -18.03 -15.38 -29.58
C HIS C 308 -18.03 -15.38 -29.57
N HIS C 309 -18.15 -14.80 -30.78
CA HIS C 309 -17.65 -15.39 -32.06
C HIS C 309 -16.15 -15.66 -31.97
N ARG C 310 -15.36 -14.66 -31.58
CA ARG C 310 -13.87 -14.74 -31.50
C ARG C 310 -13.45 -15.77 -30.45
N PHE C 311 -14.19 -15.89 -29.35
CA PHE C 311 -13.89 -16.88 -28.27
C PHE C 311 -14.15 -18.30 -28.82
N VAL C 312 -15.30 -18.52 -29.48
CA VAL C 312 -15.66 -19.82 -30.12
C VAL C 312 -14.64 -20.15 -31.23
N ARG C 313 -14.15 -19.15 -31.96
CA ARG C 313 -13.17 -19.32 -33.07
C ARG C 313 -11.73 -19.37 -32.53
N ASP C 314 -11.53 -19.14 -31.22
CA ASP C 314 -10.20 -19.18 -30.53
C ASP C 314 -9.32 -18.05 -31.08
N GLU C 315 -9.91 -16.90 -31.42
CA GLU C 315 -9.19 -15.66 -31.84
C GLU C 315 -8.91 -14.81 -30.59
N ILE C 316 -9.67 -15.01 -29.50
CA ILE C 316 -9.27 -14.58 -28.13
C ILE C 316 -9.20 -15.84 -27.24
N GLN C 317 -8.19 -15.88 -26.37
CA GLN C 317 -7.95 -17.01 -25.44
C GLN C 317 -8.76 -16.82 -24.16
N CYS C 318 -8.94 -15.57 -23.72
CA CYS C 318 -9.53 -15.22 -22.41
C CYS C 318 -10.68 -14.22 -22.58
N VAL C 319 -11.83 -14.51 -21.97
CA VAL C 319 -12.95 -13.53 -21.84
C VAL C 319 -12.98 -13.09 -20.38
N ILE C 320 -12.84 -11.79 -20.14
CA ILE C 320 -12.96 -11.17 -18.79
C ILE C 320 -14.36 -10.56 -18.73
N ALA C 321 -15.25 -11.14 -17.91
CA ALA C 321 -16.71 -10.90 -18.02
C ALA C 321 -17.35 -10.73 -16.65
N THR C 322 -18.51 -10.08 -16.64
CA THR C 322 -19.51 -10.22 -15.56
C THR C 322 -20.26 -11.53 -15.82
N ILE C 323 -21.13 -11.93 -14.90
CA ILE C 323 -21.87 -13.22 -15.00
C ILE C 323 -22.99 -13.12 -16.05
N ALA C 324 -23.11 -11.99 -16.75
CA ALA C 324 -23.89 -11.82 -18.00
C ALA C 324 -23.39 -12.77 -19.10
N PHE C 325 -22.08 -13.08 -19.11
CA PHE C 325 -21.44 -13.96 -20.13
C PHE C 325 -21.60 -15.43 -19.72
N GLY C 326 -22.08 -16.30 -20.61
CA GLY C 326 -22.06 -17.75 -20.33
C GLY C 326 -23.17 -18.54 -21.01
N MET C 327 -24.44 -18.16 -20.81
CA MET C 327 -25.62 -18.95 -21.24
C MET C 327 -25.53 -19.31 -22.73
N GLY C 328 -25.07 -18.36 -23.57
CA GLY C 328 -24.98 -18.52 -25.04
C GLY C 328 -23.87 -19.46 -25.48
N ILE C 329 -22.90 -19.78 -24.61
CA ILE C 329 -21.63 -20.50 -24.95
C ILE C 329 -21.85 -22.01 -24.81
N ASN C 330 -21.56 -22.76 -25.87
CA ASN C 330 -21.57 -24.25 -25.90
C ASN C 330 -20.15 -24.78 -25.99
N LYS C 331 -19.15 -23.89 -25.88
CA LYS C 331 -17.70 -24.16 -26.04
C LYS C 331 -17.28 -25.27 -25.08
N ALA C 332 -16.70 -26.36 -25.61
CA ALA C 332 -16.44 -27.61 -24.87
C ALA C 332 -15.04 -27.60 -24.23
N ASP C 333 -14.14 -26.70 -24.64
CA ASP C 333 -12.70 -26.75 -24.26
C ASP C 333 -12.33 -25.55 -23.37
N ILE C 334 -13.21 -25.14 -22.45
CA ILE C 334 -12.87 -24.14 -21.41
C ILE C 334 -11.99 -24.85 -20.37
N ARG C 335 -10.70 -24.51 -20.34
CA ARG C 335 -9.66 -25.17 -19.52
C ARG C 335 -9.62 -24.53 -18.12
N GLN C 336 -10.01 -23.27 -17.98
CA GLN C 336 -9.89 -22.52 -16.71
C GLN C 336 -11.07 -21.56 -16.55
N VAL C 337 -11.72 -21.60 -15.39
CA VAL C 337 -12.61 -20.53 -14.91
C VAL C 337 -11.94 -19.90 -13.69
N ILE C 338 -11.83 -18.59 -13.67
CA ILE C 338 -11.35 -17.83 -12.49
C ILE C 338 -12.50 -16.92 -12.06
N HIS C 339 -12.98 -17.10 -10.82
CA HIS C 339 -13.81 -16.08 -10.13
C HIS C 339 -12.86 -15.09 -9.48
N TYR C 340 -12.70 -13.92 -10.09
CA TYR C 340 -11.84 -12.83 -9.59
C TYR C 340 -12.71 -11.99 -8.66
N GLY C 341 -12.72 -12.37 -7.38
CA GLY C 341 -13.70 -11.92 -6.38
C GLY C 341 -14.71 -13.01 -6.08
N ALA C 342 -15.15 -13.09 -4.82
CA ALA C 342 -16.19 -14.03 -4.35
C ALA C 342 -17.35 -14.01 -5.36
N PRO C 343 -17.87 -15.19 -5.77
CA PRO C 343 -19.04 -15.24 -6.64
C PRO C 343 -20.29 -14.70 -5.93
N LYS C 344 -21.34 -14.40 -6.71
CA LYS C 344 -22.59 -13.80 -6.17
C LYS C 344 -23.18 -14.72 -5.10
N ASP C 345 -23.26 -16.02 -5.38
CA ASP C 345 -23.77 -17.05 -4.45
C ASP C 345 -23.39 -18.43 -5.02
N MET C 346 -23.70 -19.50 -4.29
CA MET C 346 -23.33 -20.87 -4.71
C MET C 346 -24.10 -21.30 -5.96
N GLU C 347 -25.33 -20.82 -6.15
N GLU C 347 -25.34 -20.82 -6.14
CA GLU C 347 -26.15 -21.13 -7.35
CA GLU C 347 -26.17 -21.09 -7.33
C GLU C 347 -25.45 -20.57 -8.60
C GLU C 347 -25.46 -20.56 -8.59
N SER C 348 -25.07 -19.29 -8.58
N SER C 348 -25.08 -19.28 -8.58
CA SER C 348 -24.36 -18.62 -9.71
CA SER C 348 -24.35 -18.62 -9.69
C SER C 348 -23.03 -19.34 -9.95
C SER C 348 -23.03 -19.34 -9.95
N TYR C 349 -22.29 -19.64 -8.89
CA TYR C 349 -20.98 -20.34 -8.94
C TYR C 349 -21.13 -21.69 -9.65
N TYR C 350 -22.15 -22.46 -9.28
CA TYR C 350 -22.44 -23.80 -9.87
C TYR C 350 -22.74 -23.65 -11.37
N GLN C 351 -23.55 -22.67 -11.77
CA GLN C 351 -23.87 -22.43 -13.21
C GLN C 351 -22.57 -22.11 -13.96
N GLU C 352 -21.68 -21.32 -13.36
CA GLU C 352 -20.47 -20.77 -14.03
C GLU C 352 -19.41 -21.86 -14.16
N ILE C 353 -19.11 -22.61 -13.10
CA ILE C 353 -18.08 -23.69 -13.17
C ILE C 353 -18.60 -24.87 -14.01
N GLY C 354 -19.92 -25.06 -14.09
CA GLY C 354 -20.52 -26.12 -14.92
C GLY C 354 -20.16 -25.99 -16.40
N ARG C 355 -19.78 -24.79 -16.86
CA ARG C 355 -19.41 -24.52 -18.27
C ARG C 355 -17.98 -24.97 -18.56
N ALA C 356 -17.17 -25.24 -17.53
CA ALA C 356 -15.75 -25.67 -17.68
C ALA C 356 -15.70 -27.12 -18.16
N GLY C 357 -14.73 -27.42 -19.04
CA GLY C 357 -14.32 -28.79 -19.39
C GLY C 357 -15.47 -29.68 -19.85
N ARG C 358 -16.34 -29.17 -20.71
CA ARG C 358 -17.49 -29.98 -21.22
C ARG C 358 -17.02 -31.03 -22.24
N ASP C 359 -15.77 -30.94 -22.69
CA ASP C 359 -15.10 -31.99 -23.52
C ASP C 359 -14.61 -33.17 -22.65
N GLY C 360 -14.72 -33.08 -21.31
CA GLY C 360 -14.32 -34.14 -20.37
C GLY C 360 -12.83 -34.13 -20.06
N LEU C 361 -12.05 -33.21 -20.66
CA LEU C 361 -10.59 -33.09 -20.41
C LEU C 361 -10.35 -32.25 -19.14
N GLN C 362 -9.15 -32.34 -18.58
CA GLN C 362 -8.81 -31.70 -17.28
C GLN C 362 -9.03 -30.19 -17.39
N SER C 363 -9.81 -29.64 -16.47
CA SER C 363 -10.01 -28.18 -16.29
C SER C 363 -9.82 -27.81 -14.83
N SER C 364 -9.62 -26.52 -14.58
CA SER C 364 -9.47 -25.95 -13.22
C SER C 364 -10.47 -24.81 -13.02
N CYS C 365 -11.02 -24.72 -11.82
CA CYS C 365 -11.94 -23.65 -11.39
C CYS C 365 -11.40 -23.06 -10.10
N HIS C 366 -10.88 -21.84 -10.17
CA HIS C 366 -10.25 -21.12 -9.03
C HIS C 366 -11.12 -19.94 -8.62
N VAL C 367 -11.39 -19.79 -7.33
CA VAL C 367 -11.93 -18.54 -6.74
C VAL C 367 -10.76 -17.80 -6.10
N LEU C 368 -10.54 -16.55 -6.48
CA LEU C 368 -9.62 -15.60 -5.80
C LEU C 368 -10.50 -14.62 -5.01
N TRP C 369 -10.46 -14.69 -3.68
CA TRP C 369 -11.40 -13.95 -2.80
C TRP C 369 -10.64 -13.16 -1.72
N ALA C 370 -11.30 -12.14 -1.19
CA ALA C 370 -10.90 -11.44 0.03
C ALA C 370 -12.15 -11.33 0.91
N PRO C 371 -12.04 -11.47 2.25
CA PRO C 371 -13.15 -11.16 3.16
C PRO C 371 -13.86 -9.82 2.88
N ALA C 372 -13.15 -8.87 2.25
CA ALA C 372 -13.63 -7.52 1.86
C ALA C 372 -14.49 -7.51 0.58
N ASP C 373 -14.60 -8.63 -0.14
CA ASP C 373 -15.27 -8.70 -1.47
C ASP C 373 -16.75 -8.27 -1.37
N ILE C 374 -17.26 -7.64 -2.44
CA ILE C 374 -18.63 -7.04 -2.51
C ILE C 374 -19.70 -8.10 -2.24
N ASN C 375 -19.50 -9.34 -2.71
CA ASN C 375 -20.46 -10.47 -2.55
C ASN C 375 -20.36 -11.08 -1.15
N LEU C 376 -19.48 -10.57 -0.26
CA LEU C 376 -19.45 -10.91 1.19
C LEU C 376 -19.84 -9.69 2.05
N ASN C 377 -20.25 -8.57 1.44
CA ASN C 377 -20.59 -7.31 2.15
C ASN C 377 -22.07 -7.35 2.57
N ARG C 378 -22.32 -7.49 3.87
CA ARG C 378 -23.68 -7.59 4.47
C ARG C 378 -24.45 -6.27 4.32
N HIS C 379 -23.76 -5.13 4.34
CA HIS C 379 -24.36 -3.76 4.32
C HIS C 379 -25.38 -3.65 3.18
N LEU C 380 -25.00 -4.06 1.97
CA LEU C 380 -25.86 -3.99 0.74
C LEU C 380 -27.13 -4.84 0.93
N LEU C 381 -27.06 -5.93 1.72
CA LEU C 381 -28.18 -6.87 1.96
C LEU C 381 -29.09 -6.36 3.09
N THR C 382 -28.53 -5.75 4.15
CA THR C 382 -29.30 -5.17 5.28
C THR C 382 -30.24 -4.07 4.77
N GLU C 383 -29.88 -3.39 3.68
CA GLU C 383 -30.68 -2.33 3.00
C GLU C 383 -31.94 -2.91 2.33
N ILE C 384 -32.03 -4.24 2.12
CA ILE C 384 -33.22 -4.89 1.47
C ILE C 384 -34.40 -4.81 2.44
N ARG C 385 -35.50 -4.18 2.01
CA ARG C 385 -36.68 -3.89 2.88
C ARG C 385 -37.59 -5.12 2.95
N ASN C 386 -37.70 -5.90 1.86
CA ASN C 386 -38.49 -7.16 1.80
C ASN C 386 -37.84 -8.20 2.72
N GLU C 387 -38.50 -8.55 3.84
CA GLU C 387 -37.94 -9.42 4.90
C GLU C 387 -37.54 -10.78 4.30
N LYS C 388 -38.44 -11.44 3.56
CA LYS C 388 -38.21 -12.80 3.02
C LYS C 388 -36.99 -12.78 2.08
N PHE C 389 -36.90 -11.81 1.17
CA PHE C 389 -35.78 -11.73 0.21
C PHE C 389 -34.49 -11.38 0.95
N ARG C 390 -34.54 -10.44 1.90
CA ARG C 390 -33.35 -10.03 2.72
C ARG C 390 -32.77 -11.29 3.40
N LEU C 391 -33.61 -12.08 4.08
CA LEU C 391 -33.15 -13.25 4.86
C LEU C 391 -32.60 -14.33 3.91
N TYR C 392 -33.23 -14.53 2.75
CA TYR C 392 -32.74 -15.46 1.70
C TYR C 392 -31.34 -15.03 1.23
N LYS C 393 -31.16 -13.74 0.92
CA LYS C 393 -29.87 -13.20 0.40
C LYS C 393 -28.78 -13.36 1.46
N LEU C 394 -29.11 -13.10 2.72
CA LEU C 394 -28.15 -13.25 3.85
C LEU C 394 -27.79 -14.73 4.00
N LYS C 395 -28.76 -15.65 3.89
CA LYS C 395 -28.52 -17.12 4.00
C LYS C 395 -27.61 -17.59 2.85
N MET C 396 -27.84 -17.08 1.63
CA MET C 396 -27.03 -17.46 0.43
C MET C 396 -25.61 -16.91 0.57
N MET C 397 -25.44 -15.68 1.07
CA MET C 397 -24.11 -15.07 1.30
C MET C 397 -23.35 -15.90 2.35
N ALA C 398 -24.02 -16.30 3.43
CA ALA C 398 -23.43 -17.11 4.53
C ALA C 398 -22.99 -18.48 4.00
N LYS C 399 -23.80 -19.12 3.15
CA LYS C 399 -23.50 -20.44 2.55
C LYS C 399 -22.26 -20.34 1.64
N MET C 400 -22.17 -19.28 0.83
N MET C 400 -22.17 -19.28 0.84
CA MET C 400 -21.03 -18.97 -0.06
CA MET C 400 -21.01 -19.01 -0.06
C MET C 400 -19.77 -18.73 0.80
C MET C 400 -19.76 -18.74 0.80
N GLU C 401 -19.90 -17.94 1.86
CA GLU C 401 -18.80 -17.65 2.83
C GLU C 401 -18.27 -18.96 3.44
N LYS C 402 -19.19 -19.84 3.88
CA LYS C 402 -18.85 -21.14 4.50
C LYS C 402 -18.05 -22.00 3.50
N TYR C 403 -18.46 -22.01 2.23
CA TYR C 403 -17.72 -22.73 1.16
C TYR C 403 -16.30 -22.17 1.05
N LEU C 404 -16.16 -20.85 0.92
CA LEU C 404 -14.83 -20.20 0.74
C LEU C 404 -13.93 -20.53 1.93
N HIS C 405 -14.48 -20.49 3.15
CA HIS C 405 -13.74 -20.69 4.43
C HIS C 405 -13.39 -22.15 4.69
N SER C 406 -14.01 -23.09 4.00
CA SER C 406 -13.98 -24.53 4.38
C SER C 406 -12.58 -25.11 4.17
N SER C 407 -12.21 -26.05 5.03
CA SER C 407 -11.05 -26.97 4.87
C SER C 407 -11.51 -28.35 4.41
N ARG C 408 -12.82 -28.55 4.21
CA ARG C 408 -13.42 -29.84 3.76
C ARG C 408 -13.38 -29.90 2.24
N CYS C 409 -13.62 -31.09 1.67
CA CYS C 409 -13.62 -31.35 0.21
C CYS C 409 -14.60 -30.39 -0.47
N ARG C 410 -14.10 -29.58 -1.42
CA ARG C 410 -14.91 -28.56 -2.14
C ARG C 410 -15.98 -29.27 -2.97
N ARG C 411 -15.62 -30.41 -3.57
CA ARG C 411 -16.52 -31.23 -4.43
C ARG C 411 -17.66 -31.76 -3.56
N GLN C 412 -17.34 -32.29 -2.37
CA GLN C 412 -18.35 -32.86 -1.43
C GLN C 412 -19.36 -31.76 -1.08
N ILE C 413 -18.89 -30.53 -0.80
CA ILE C 413 -19.78 -29.39 -0.41
C ILE C 413 -20.76 -29.13 -1.57
N ILE C 414 -20.23 -29.00 -2.78
CA ILE C 414 -21.05 -28.62 -3.97
C ILE C 414 -22.03 -29.77 -4.27
N LEU C 415 -21.55 -31.02 -4.31
CA LEU C 415 -22.43 -32.18 -4.63
C LEU C 415 -23.52 -32.33 -3.56
N SER C 416 -23.18 -32.16 -2.28
N SER C 416 -23.18 -32.16 -2.28
CA SER C 416 -24.13 -32.25 -1.14
CA SER C 416 -24.12 -32.24 -1.14
C SER C 416 -25.26 -31.21 -1.31
C SER C 416 -25.26 -31.21 -1.31
N HIS C 417 -24.91 -29.98 -1.71
CA HIS C 417 -25.87 -28.85 -1.90
C HIS C 417 -26.79 -29.12 -3.10
N PHE C 418 -26.23 -29.52 -4.25
CA PHE C 418 -26.91 -29.42 -5.56
C PHE C 418 -27.39 -30.78 -6.08
N GLU C 419 -26.74 -31.88 -5.70
CA GLU C 419 -26.96 -33.19 -6.37
C GLU C 419 -27.60 -34.18 -5.40
N ASP C 420 -28.39 -35.11 -5.95
CA ASP C 420 -28.88 -36.33 -5.24
C ASP C 420 -27.68 -37.01 -4.58
N LYS C 421 -27.90 -37.62 -3.41
CA LYS C 421 -26.83 -38.33 -2.62
C LYS C 421 -26.12 -39.35 -3.51
N GLN C 422 -26.80 -39.94 -4.50
CA GLN C 422 -26.23 -40.99 -5.40
C GLN C 422 -25.02 -40.45 -6.19
N VAL C 423 -25.01 -39.17 -6.56
CA VAL C 423 -23.89 -38.58 -7.35
C VAL C 423 -22.60 -38.68 -6.52
N GLN C 424 -22.67 -38.49 -5.19
CA GLN C 424 -21.52 -38.69 -4.27
C GLN C 424 -21.18 -40.18 -4.15
N LYS C 425 -22.18 -41.04 -3.99
CA LYS C 425 -22.03 -42.49 -3.70
C LYS C 425 -21.61 -43.26 -4.96
N ALA C 426 -22.01 -42.78 -6.14
CA ALA C 426 -21.65 -43.35 -7.46
C ALA C 426 -20.31 -42.75 -7.95
N SER C 427 -19.92 -41.58 -7.43
CA SER C 427 -18.60 -40.94 -7.69
C SER C 427 -17.50 -41.78 -7.05
N LEU C 428 -16.80 -42.58 -7.86
CA LEU C 428 -15.67 -43.44 -7.43
C LEU C 428 -14.45 -43.09 -8.29
N GLY C 429 -13.41 -42.53 -7.67
CA GLY C 429 -12.08 -42.31 -8.28
C GLY C 429 -11.81 -40.86 -8.64
N ILE C 430 -12.36 -39.90 -7.89
CA ILE C 430 -11.88 -38.48 -7.92
C ILE C 430 -11.78 -37.92 -6.49
N MET C 431 -12.83 -38.04 -5.67
CA MET C 431 -12.86 -37.40 -4.32
C MET C 431 -11.75 -37.97 -3.45
N GLY C 432 -11.02 -37.09 -2.76
CA GLY C 432 -9.89 -37.46 -1.88
C GLY C 432 -8.56 -37.58 -2.60
N THR C 433 -8.53 -37.42 -3.93
CA THR C 433 -7.30 -37.55 -4.76
C THR C 433 -6.71 -36.17 -5.02
N GLU C 434 -5.49 -36.13 -5.58
CA GLU C 434 -4.73 -34.88 -5.85
C GLU C 434 -5.44 -33.99 -6.89
N LYS C 435 -6.35 -34.54 -7.71
CA LYS C 435 -7.06 -33.80 -8.79
C LYS C 435 -8.46 -33.36 -8.36
N CYS C 436 -8.90 -33.68 -7.14
CA CYS C 436 -10.27 -33.35 -6.67
C CYS C 436 -10.37 -31.83 -6.39
N CYS C 437 -9.63 -31.36 -5.41
CA CYS C 437 -9.73 -29.97 -4.91
C CYS C 437 -8.52 -29.65 -4.05
N ASP C 438 -8.30 -28.36 -3.78
CA ASP C 438 -7.18 -27.88 -2.95
C ASP C 438 -7.18 -28.60 -1.59
N ASN C 439 -8.36 -28.81 -0.99
CA ASN C 439 -8.45 -29.36 0.39
C ASN C 439 -8.17 -30.87 0.40
N CYS C 440 -8.41 -31.59 -0.70
CA CYS C 440 -8.08 -33.05 -0.83
C CYS C 440 -6.59 -33.25 -1.15
N ARG C 441 -5.93 -32.27 -1.78
CA ARG C 441 -4.50 -32.33 -2.15
C ARG C 441 -3.61 -32.28 -0.91
N SER C 442 -3.91 -31.35 0.02
CA SER C 442 -3.02 -30.92 1.13
C SER C 442 -2.88 -32.02 2.19
N GLU D 11 7.22 78.92 -14.90
CA GLU D 11 6.11 78.02 -15.41
C GLU D 11 5.97 76.80 -14.48
N ASP D 12 4.79 76.16 -14.51
CA ASP D 12 4.48 74.92 -13.75
C ASP D 12 5.35 73.78 -14.29
N ASP D 13 6.11 73.10 -13.41
CA ASP D 13 7.04 71.99 -13.79
C ASP D 13 6.32 70.64 -13.72
N GLU D 14 5.24 70.52 -12.93
CA GLU D 14 4.47 69.25 -12.76
C GLU D 14 3.02 69.56 -12.38
N ASN D 15 2.11 68.60 -12.55
CA ASN D 15 0.66 68.72 -12.19
C ASN D 15 0.24 67.46 -11.40
N GLU D 16 1.10 67.00 -10.48
CA GLU D 16 0.98 65.68 -9.80
C GLU D 16 -0.22 65.68 -8.83
N ALA D 17 -0.48 66.78 -8.14
CA ALA D 17 -1.56 66.91 -7.13
C ALA D 17 -2.92 66.59 -7.76
N ASN D 18 -3.74 65.78 -7.07
CA ASN D 18 -5.10 65.34 -7.52
C ASN D 18 -6.15 65.81 -6.51
N GLU D 19 -7.36 66.14 -7.00
CA GLU D 19 -8.54 66.47 -6.16
C GLU D 19 -8.84 65.27 -5.24
N GLY D 20 -8.90 65.51 -3.93
CA GLY D 20 -9.32 64.51 -2.92
C GLY D 20 -8.19 63.59 -2.47
N GLU D 21 -6.94 64.01 -2.66
CA GLU D 21 -5.72 63.22 -2.32
C GLU D 21 -4.69 64.11 -1.61
N LYS D 26 6.41 61.18 2.33
CA LYS D 26 6.78 60.34 3.50
C LYS D 26 5.77 59.21 3.75
N ASP D 27 4.57 59.26 3.15
CA ASP D 27 3.37 58.52 3.64
C ASP D 27 3.63 57.01 3.66
N PHE D 28 4.17 56.43 2.59
CA PHE D 28 4.25 54.96 2.39
C PHE D 28 5.58 54.40 2.89
N LEU D 29 6.35 55.17 3.68
CA LEU D 29 7.66 54.76 4.25
C LEU D 29 7.51 54.55 5.75
N TRP D 30 8.07 53.46 6.26
CA TRP D 30 8.05 53.14 7.72
C TRP D 30 9.46 52.80 8.19
N PRO D 31 10.02 53.49 9.21
CA PRO D 31 9.43 54.72 9.76
C PRO D 31 9.55 55.86 8.75
N ALA D 32 8.83 56.96 8.95
CA ALA D 32 8.89 58.14 8.05
C ALA D 32 10.27 58.77 8.18
N PRO D 33 10.90 59.19 7.05
CA PRO D 33 12.04 60.09 7.11
C PRO D 33 11.68 61.33 7.93
N ASN D 34 12.60 61.83 8.75
CA ASN D 34 12.37 63.04 9.58
C ASN D 34 12.56 64.28 8.71
N GLU D 35 12.25 65.47 9.22
CA GLU D 35 12.24 66.74 8.44
C GLU D 35 13.67 67.02 7.93
N GLU D 36 14.67 66.81 8.76
CA GLU D 36 16.09 67.08 8.40
C GLU D 36 16.56 66.09 7.31
N GLN D 37 16.10 64.85 7.37
CA GLN D 37 16.42 63.84 6.32
C GLN D 37 15.89 64.31 4.98
N VAL D 38 14.68 64.88 4.95
CA VAL D 38 14.05 65.40 3.69
C VAL D 38 14.81 66.65 3.26
N THR D 39 15.13 67.56 4.20
CA THR D 39 15.90 68.81 3.92
C THR D 39 17.24 68.43 3.26
N CYS D 40 17.93 67.45 3.85
N CYS D 40 17.94 67.45 3.84
CA CYS D 40 19.24 66.92 3.37
CA CYS D 40 19.25 66.94 3.34
C CYS D 40 19.09 66.38 1.94
C CYS D 40 19.11 66.37 1.93
N LEU D 41 18.05 65.58 1.69
CA LEU D 41 17.76 64.99 0.36
C LEU D 41 17.53 66.11 -0.67
N LYS D 42 16.73 67.12 -0.32
CA LYS D 42 16.45 68.27 -1.22
C LYS D 42 17.74 69.07 -1.46
N MET D 43 18.47 69.41 -0.39
CA MET D 43 19.62 70.35 -0.44
C MET D 43 20.77 69.74 -1.26
N TYR D 44 21.09 68.47 -1.03
CA TYR D 44 22.34 67.82 -1.55
C TYR D 44 22.05 66.95 -2.76
N PHE D 45 20.81 66.48 -2.98
CA PHE D 45 20.48 65.54 -4.08
C PHE D 45 19.36 66.05 -4.99
N GLY D 46 18.65 67.12 -4.63
CA GLY D 46 17.62 67.74 -5.48
C GLY D 46 16.40 66.85 -5.67
N HIS D 47 16.10 65.97 -4.71
CA HIS D 47 14.89 65.08 -4.71
C HIS D 47 14.01 65.46 -3.52
N SER D 48 12.70 65.32 -3.68
N SER D 48 12.70 65.32 -3.69
CA SER D 48 11.66 65.67 -2.67
CA SER D 48 11.66 65.66 -2.68
C SER D 48 11.30 64.45 -1.80
C SER D 48 11.33 64.45 -1.80
N SER D 49 11.54 63.22 -2.29
CA SER D 49 11.11 61.98 -1.62
C SER D 49 12.05 60.82 -1.95
N PHE D 50 12.06 59.81 -1.08
CA PHE D 50 12.77 58.52 -1.29
C PHE D 50 11.80 57.51 -1.92
N LYS D 51 12.27 56.74 -2.89
CA LYS D 51 11.55 55.53 -3.36
C LYS D 51 11.64 54.47 -2.26
N PRO D 52 10.65 53.56 -2.12
CA PRO D 52 10.68 52.55 -1.05
C PRO D 52 11.99 51.77 -0.93
N VAL D 53 12.57 51.27 -2.03
CA VAL D 53 13.85 50.48 -1.97
C VAL D 53 14.99 51.40 -1.51
N GLN D 54 15.00 52.66 -1.95
CA GLN D 54 16.06 53.60 -1.52
C GLN D 54 15.99 53.74 0.00
N TRP D 55 14.78 53.91 0.54
CA TRP D 55 14.59 54.07 1.99
C TRP D 55 14.93 52.76 2.72
N LYS D 56 14.54 51.60 2.19
CA LYS D 56 14.88 50.28 2.78
C LYS D 56 16.40 50.21 2.99
N VAL D 57 17.16 50.53 1.96
CA VAL D 57 18.66 50.42 2.02
C VAL D 57 19.17 51.48 2.99
N ILE D 58 18.79 52.75 2.80
CA ILE D 58 19.31 53.89 3.60
C ILE D 58 19.00 53.66 5.09
N HIS D 59 17.75 53.33 5.41
CA HIS D 59 17.33 53.15 6.82
C HIS D 59 18.08 51.96 7.43
N SER D 60 18.23 50.86 6.68
CA SER D 60 18.94 49.64 7.17
C SER D 60 20.39 49.99 7.47
N VAL D 61 21.03 50.83 6.66
CA VAL D 61 22.43 51.26 6.87
C VAL D 61 22.50 52.18 8.11
N LEU D 62 21.66 53.21 8.18
CA LEU D 62 21.79 54.25 9.23
C LEU D 62 21.39 53.69 10.59
N GLU D 63 20.26 52.99 10.68
CA GLU D 63 19.65 52.67 12.00
C GLU D 63 20.03 51.25 12.44
N GLU D 64 20.31 50.33 11.52
CA GLU D 64 20.63 48.91 11.86
C GLU D 64 22.08 48.54 11.55
N ARG D 65 22.82 49.37 10.80
N ARG D 65 22.82 49.37 10.80
CA ARG D 65 24.19 49.05 10.30
CA ARG D 65 24.18 49.06 10.30
C ARG D 65 24.17 47.67 9.65
C ARG D 65 24.17 47.67 9.65
N ARG D 66 23.18 47.43 8.80
CA ARG D 66 22.92 46.11 8.19
C ARG D 66 23.59 46.06 6.82
N ASP D 67 24.29 44.95 6.55
CA ASP D 67 24.80 44.60 5.21
C ASP D 67 23.63 44.53 4.23
N ASN D 68 23.87 44.93 2.97
CA ASN D 68 22.86 44.87 1.89
C ASN D 68 23.48 44.22 0.65
N VAL D 69 22.67 43.45 -0.07
CA VAL D 69 22.91 43.17 -1.52
C VAL D 69 21.76 43.83 -2.25
N ALA D 70 22.06 44.90 -2.97
CA ALA D 70 21.09 45.70 -3.74
C ALA D 70 21.30 45.38 -5.23
N VAL D 71 20.46 44.50 -5.77
CA VAL D 71 20.45 44.23 -7.24
C VAL D 71 19.67 45.38 -7.88
N MET D 72 20.30 46.12 -8.78
CA MET D 72 19.70 47.27 -9.47
C MET D 72 20.02 47.16 -10.95
N ALA D 73 18.99 47.01 -11.79
CA ALA D 73 19.11 46.75 -13.24
C ALA D 73 19.92 47.87 -13.90
N THR D 74 19.77 49.12 -13.46
CA THR D 74 20.46 50.31 -14.04
C THR D 74 20.99 51.23 -12.92
N GLY D 75 21.68 52.29 -13.31
CA GLY D 75 22.17 53.35 -12.40
C GLY D 75 21.07 54.31 -11.96
N TYR D 76 19.86 54.21 -12.51
CA TYR D 76 18.76 55.18 -12.23
C TYR D 76 18.26 54.99 -10.80
N GLY D 77 18.61 55.93 -9.90
CA GLY D 77 18.24 55.95 -8.47
C GLY D 77 19.19 55.15 -7.60
N LYS D 78 20.29 54.63 -8.16
CA LYS D 78 21.22 53.69 -7.50
C LYS D 78 22.17 54.41 -6.55
N SER D 79 22.84 55.46 -7.03
N SER D 79 22.84 55.46 -7.03
CA SER D 79 23.91 56.19 -6.31
CA SER D 79 23.92 56.17 -6.30
C SER D 79 23.40 56.75 -4.97
C SER D 79 23.40 56.75 -4.97
N LEU D 80 22.14 57.20 -4.92
CA LEU D 80 21.55 57.79 -3.69
C LEU D 80 21.68 56.82 -2.51
N CYS D 81 21.52 55.51 -2.74
CA CYS D 81 21.51 54.47 -1.68
C CYS D 81 22.82 54.46 -0.89
N PHE D 82 23.96 54.73 -1.53
CA PHE D 82 25.28 54.71 -0.85
C PHE D 82 25.84 56.12 -0.62
N GLN D 83 25.36 57.13 -1.35
CA GLN D 83 25.85 58.53 -1.19
C GLN D 83 25.10 59.23 -0.06
N TYR D 84 23.80 58.97 0.10
CA TYR D 84 22.96 59.73 1.05
C TYR D 84 23.41 59.48 2.49
N PRO D 85 23.59 58.22 2.95
CA PRO D 85 23.86 58.00 4.37
C PRO D 85 25.05 58.77 4.95
N PRO D 86 26.27 58.76 4.35
CA PRO D 86 27.38 59.52 4.91
C PRO D 86 27.15 61.04 4.87
N VAL D 87 26.42 61.53 3.85
CA VAL D 87 26.11 62.98 3.71
C VAL D 87 25.22 63.40 4.88
N TYR D 88 24.20 62.60 5.19
CA TYR D 88 23.24 62.90 6.29
C TYR D 88 23.96 62.94 7.65
N VAL D 89 24.78 61.92 7.96
CA VAL D 89 25.44 61.83 9.30
C VAL D 89 26.71 62.69 9.35
N GLY D 90 27.19 63.16 8.19
CA GLY D 90 28.37 64.04 8.09
C GLY D 90 29.66 63.32 8.47
N LYS D 91 29.77 62.04 8.11
CA LYS D 91 30.95 61.19 8.42
C LYS D 91 31.62 60.85 7.09
N ILE D 92 31.91 59.58 6.81
CA ILE D 92 32.57 59.19 5.53
C ILE D 92 31.93 57.91 5.01
N GLY D 93 31.73 57.83 3.69
CA GLY D 93 31.38 56.59 2.98
C GLY D 93 32.45 56.24 1.98
N LEU D 94 32.76 54.96 1.85
N LEU D 94 32.76 54.96 1.85
CA LEU D 94 33.73 54.44 0.85
CA LEU D 94 33.73 54.43 0.85
C LEU D 94 32.95 53.78 -0.29
C LEU D 94 32.95 53.78 -0.29
N VAL D 95 33.32 54.08 -1.53
CA VAL D 95 32.74 53.43 -2.74
C VAL D 95 33.88 52.70 -3.44
N ILE D 96 33.83 51.37 -3.44
CA ILE D 96 34.84 50.50 -4.11
C ILE D 96 34.28 50.12 -5.46
N SER D 97 34.97 50.48 -6.55
CA SER D 97 34.49 50.20 -7.92
C SER D 97 35.66 50.06 -8.88
N PRO D 98 35.55 49.20 -9.92
CA PRO D 98 36.52 49.19 -11.01
C PRO D 98 36.17 50.14 -12.17
N LEU D 99 35.01 50.80 -12.14
CA LEU D 99 34.47 51.61 -13.27
C LEU D 99 35.02 53.04 -13.16
N ILE D 100 36.26 53.24 -13.59
CA ILE D 100 37.07 54.49 -13.36
C ILE D 100 36.29 55.72 -13.86
N SER D 101 35.85 55.70 -15.12
N SER D 101 35.86 55.70 -15.12
CA SER D 101 35.18 56.85 -15.78
CA SER D 101 35.17 56.83 -15.79
C SER D 101 33.88 57.21 -15.03
C SER D 101 33.89 57.21 -15.04
N LEU D 102 33.10 56.20 -14.62
CA LEU D 102 31.83 56.41 -13.88
C LEU D 102 32.12 56.98 -12.49
N MET D 103 33.19 56.50 -11.84
CA MET D 103 33.63 57.00 -10.51
C MET D 103 34.00 58.48 -10.64
N GLU D 104 34.77 58.84 -11.67
CA GLU D 104 35.15 60.24 -11.96
C GLU D 104 33.88 61.08 -12.16
N ASP D 105 32.91 60.58 -12.94
CA ASP D 105 31.63 61.28 -13.24
C ASP D 105 30.89 61.55 -11.93
N GLN D 106 30.81 60.55 -11.05
CA GLN D 106 30.05 60.66 -9.77
C GLN D 106 30.77 61.63 -8.81
N VAL D 107 32.09 61.56 -8.74
CA VAL D 107 32.90 62.50 -7.88
C VAL D 107 32.60 63.93 -8.31
N LEU D 108 32.61 64.22 -9.62
CA LEU D 108 32.37 65.60 -10.13
C LEU D 108 30.94 66.03 -9.79
N GLN D 109 29.94 65.15 -9.98
N GLN D 109 29.94 65.14 -9.99
CA GLN D 109 28.51 65.43 -9.68
CA GLN D 109 28.51 65.43 -9.68
C GLN D 109 28.36 65.76 -8.18
C GLN D 109 28.35 65.75 -8.20
N LEU D 110 29.04 65.02 -7.30
CA LEU D 110 29.03 65.27 -5.83
C LEU D 110 29.63 66.65 -5.54
N LYS D 111 30.79 66.96 -6.10
CA LYS D 111 31.46 68.28 -5.92
C LYS D 111 30.51 69.42 -6.37
N MET D 112 29.84 69.24 -7.50
CA MET D 112 28.92 70.27 -8.08
C MET D 112 27.64 70.39 -7.23
N SER D 113 27.35 69.43 -6.35
CA SER D 113 26.24 69.47 -5.37
C SER D 113 26.73 69.96 -4.00
N ASN D 114 27.98 70.45 -3.91
CA ASN D 114 28.61 70.97 -2.67
C ASN D 114 28.76 69.84 -1.65
N ILE D 115 29.00 68.62 -2.12
CA ILE D 115 29.38 67.45 -1.26
C ILE D 115 30.87 67.20 -1.47
N PRO D 116 31.73 67.33 -0.44
CA PRO D 116 33.17 67.07 -0.61
C PRO D 116 33.38 65.58 -0.88
N ALA D 117 33.95 65.29 -2.05
CA ALA D 117 34.16 63.91 -2.54
C ALA D 117 35.45 63.87 -3.33
N CYS D 118 36.08 62.71 -3.40
CA CYS D 118 37.32 62.53 -4.20
C CYS D 118 37.49 61.07 -4.65
N PHE D 119 38.33 60.91 -5.67
CA PHE D 119 38.88 59.63 -6.15
C PHE D 119 40.23 59.46 -5.45
N LEU D 120 40.37 58.39 -4.66
CA LEU D 120 41.65 58.06 -3.98
C LEU D 120 42.29 56.89 -4.71
N GLY D 121 43.53 57.08 -5.14
CA GLY D 121 44.42 56.03 -5.69
C GLY D 121 45.85 56.45 -5.46
N SER D 122 46.80 55.64 -5.93
CA SER D 122 48.24 55.88 -5.68
C SER D 122 48.66 57.24 -6.24
N ALA D 123 48.28 57.54 -7.48
CA ALA D 123 48.69 58.77 -8.21
C ALA D 123 48.00 60.00 -7.62
N GLN D 124 46.87 59.84 -6.92
CA GLN D 124 46.03 60.93 -6.38
C GLN D 124 46.32 61.16 -4.89
N SER D 125 47.04 60.24 -4.24
CA SER D 125 47.20 60.18 -2.76
C SER D 125 47.85 61.48 -2.24
N GLU D 126 48.91 61.96 -2.90
CA GLU D 126 49.64 63.20 -2.49
C GLU D 126 48.65 64.37 -2.34
N ASN D 127 47.67 64.47 -3.24
N ASN D 127 47.68 64.48 -3.25
CA ASN D 127 46.70 65.58 -3.30
CA ASN D 127 46.69 65.59 -3.29
C ASN D 127 45.62 65.45 -2.20
C ASN D 127 45.65 65.44 -2.17
N VAL D 128 45.10 64.23 -1.95
CA VAL D 128 43.84 64.04 -1.15
C VAL D 128 44.04 63.29 0.18
N LEU D 129 45.08 62.48 0.36
CA LEU D 129 45.10 61.48 1.48
C LEU D 129 45.08 62.16 2.85
N THR D 130 45.92 63.17 3.08
CA THR D 130 45.97 63.91 4.37
C THR D 130 44.56 64.45 4.68
N ASP D 131 43.91 65.07 3.69
CA ASP D 131 42.56 65.67 3.84
C ASP D 131 41.52 64.58 4.13
N ILE D 132 41.64 63.39 3.54
CA ILE D 132 40.74 62.24 3.85
C ILE D 132 40.91 61.84 5.32
N LYS D 133 42.16 61.71 5.78
CA LYS D 133 42.47 61.29 7.18
C LYS D 133 41.92 62.31 8.18
N LEU D 134 41.89 63.60 7.82
CA LEU D 134 41.40 64.71 8.69
C LEU D 134 39.88 64.88 8.59
N GLY D 135 39.19 64.04 7.81
CA GLY D 135 37.71 63.97 7.76
C GLY D 135 37.08 65.06 6.90
N LYS D 136 37.80 65.55 5.89
CA LYS D 136 37.32 66.69 5.05
C LYS D 136 36.43 66.20 3.91
N TYR D 137 36.45 64.90 3.61
CA TYR D 137 35.66 64.28 2.50
C TYR D 137 34.52 63.43 3.08
N ARG D 138 33.32 63.59 2.52
CA ARG D 138 32.11 62.78 2.86
C ARG D 138 32.18 61.45 2.13
N ILE D 139 32.60 61.45 0.86
CA ILE D 139 32.56 60.23 0.00
C ILE D 139 33.91 60.08 -0.69
N VAL D 140 34.51 58.90 -0.55
CA VAL D 140 35.81 58.55 -1.17
C VAL D 140 35.58 57.34 -2.08
N TYR D 141 35.95 57.49 -3.35
CA TYR D 141 35.92 56.41 -4.38
C TYR D 141 37.32 55.82 -4.47
N VAL D 142 37.43 54.49 -4.43
CA VAL D 142 38.71 53.75 -4.55
C VAL D 142 38.49 52.54 -5.45
N THR D 143 39.55 52.10 -6.12
CA THR D 143 39.57 50.80 -6.84
C THR D 143 39.73 49.68 -5.82
N PRO D 144 39.31 48.44 -6.15
CA PRO D 144 39.58 47.30 -5.29
C PRO D 144 41.09 47.07 -5.09
N GLU D 145 41.91 47.30 -6.13
CA GLU D 145 43.39 47.10 -6.06
C GLU D 145 43.95 48.01 -4.96
N TYR D 146 43.55 49.29 -4.96
CA TYR D 146 44.05 50.28 -3.98
C TYR D 146 43.55 49.91 -2.58
N CYS D 147 42.27 49.57 -2.48
CA CYS D 147 41.59 49.18 -1.21
C CYS D 147 42.30 47.99 -0.58
N SER D 148 42.59 46.95 -1.37
CA SER D 148 43.26 45.68 -0.96
C SER D 148 44.54 45.96 -0.18
N GLY D 149 45.32 46.99 -0.56
CA GLY D 149 46.63 47.32 0.03
C GLY D 149 46.56 48.38 1.11
N ASN D 150 45.37 48.76 1.57
CA ASN D 150 45.18 49.93 2.49
C ASN D 150 44.11 49.64 3.54
N MET D 151 44.02 48.41 4.05
CA MET D 151 43.08 48.07 5.16
C MET D 151 43.45 48.89 6.41
N GLY D 152 44.73 49.15 6.64
CA GLY D 152 45.23 50.00 7.73
C GLY D 152 44.62 51.40 7.70
N LEU D 153 44.61 52.03 6.52
CA LEU D 153 43.98 53.36 6.31
C LEU D 153 42.50 53.28 6.73
N LEU D 154 41.78 52.26 6.26
CA LEU D 154 40.32 52.14 6.54
C LEU D 154 40.10 52.01 8.05
N GLN D 155 40.97 51.26 8.75
CA GLN D 155 40.86 51.10 10.23
C GLN D 155 41.05 52.46 10.91
N GLN D 156 41.98 53.29 10.42
CA GLN D 156 42.24 54.66 10.93
C GLN D 156 41.00 55.54 10.72
N LEU D 157 40.41 55.50 9.51
CA LEU D 157 39.21 56.31 9.17
C LEU D 157 38.05 55.89 10.07
N GLU D 158 37.87 54.58 10.31
CA GLU D 158 36.81 54.05 11.21
C GLU D 158 37.03 54.61 12.63
N ALA D 159 38.28 54.60 13.12
CA ALA D 159 38.64 55.05 14.49
C ALA D 159 38.46 56.56 14.66
N ASP D 160 38.87 57.37 13.68
CA ASP D 160 38.97 58.85 13.79
C ASP D 160 37.68 59.55 13.33
N ILE D 161 36.97 58.99 12.35
CA ILE D 161 35.76 59.61 11.72
C ILE D 161 34.54 58.73 11.96
N GLY D 162 34.65 57.43 11.65
CA GLY D 162 33.52 56.48 11.61
C GLY D 162 33.03 56.30 10.18
N ILE D 163 33.16 55.09 9.63
CA ILE D 163 32.73 54.78 8.24
C ILE D 163 31.25 54.41 8.28
N THR D 164 30.41 55.22 7.64
CA THR D 164 28.95 55.03 7.60
C THR D 164 28.62 53.73 6.84
N LEU D 165 29.29 53.51 5.71
N LEU D 165 29.27 53.51 5.69
CA LEU D 165 29.10 52.30 4.88
CA LEU D 165 29.11 52.27 4.90
C LEU D 165 30.28 52.15 3.91
C LEU D 165 30.26 52.15 3.90
N ILE D 166 30.47 50.93 3.42
CA ILE D 166 31.36 50.61 2.28
C ILE D 166 30.44 50.09 1.18
N ALA D 167 30.38 50.77 0.04
CA ALA D 167 29.70 50.29 -1.17
C ALA D 167 30.71 49.50 -2.00
N VAL D 168 30.33 48.29 -2.42
CA VAL D 168 31.10 47.49 -3.42
C VAL D 168 30.26 47.43 -4.68
N ASP D 169 30.61 48.22 -5.70
CA ASP D 169 29.88 48.20 -7.00
C ASP D 169 30.44 47.04 -7.84
N GLU D 170 29.66 46.59 -8.82
CA GLU D 170 30.03 45.45 -9.70
C GLU D 170 30.37 44.24 -8.82
N ALA D 171 29.61 44.02 -7.74
CA ALA D 171 29.93 43.03 -6.69
C ALA D 171 29.97 41.61 -7.27
N HIS D 172 29.25 41.35 -8.37
CA HIS D 172 29.27 40.06 -9.12
C HIS D 172 30.70 39.70 -9.57
N CYS D 173 31.58 40.69 -9.71
CA CYS D 173 33.00 40.49 -10.14
C CYS D 173 33.77 39.64 -9.11
N ILE D 174 33.29 39.48 -7.87
CA ILE D 174 33.96 38.63 -6.84
C ILE D 174 33.75 37.15 -7.14
N SER D 175 32.74 36.78 -7.94
CA SER D 175 32.38 35.37 -8.22
C SER D 175 33.17 34.83 -9.43
N GLU D 176 33.95 33.76 -9.23
CA GLU D 176 34.61 32.97 -10.32
C GLU D 176 33.55 32.39 -11.27
N TRP D 177 32.31 32.21 -10.78
CA TRP D 177 31.23 31.50 -11.51
C TRP D 177 30.45 32.46 -12.40
N GLY D 178 30.60 33.76 -12.18
CA GLY D 178 30.00 34.81 -13.04
C GLY D 178 30.76 34.98 -14.34
N HIS D 179 30.33 35.95 -15.13
CA HIS D 179 30.80 36.22 -16.51
C HIS D 179 31.78 37.41 -16.54
N ASP D 180 32.21 37.92 -15.38
CA ASP D 180 33.03 39.16 -15.32
C ASP D 180 33.94 39.13 -14.07
N PHE D 181 34.60 38.00 -13.84
CA PHE D 181 35.46 37.80 -12.65
C PHE D 181 36.62 38.81 -12.70
N ARG D 182 36.89 39.44 -11.55
CA ARG D 182 38.06 40.32 -11.34
C ARG D 182 38.85 39.80 -10.15
N ASP D 183 40.11 39.40 -10.37
CA ASP D 183 41.09 38.98 -9.33
C ASP D 183 41.13 40.00 -8.20
N SER D 184 41.04 41.30 -8.57
CA SER D 184 41.12 42.48 -7.67
C SER D 184 40.07 42.42 -6.57
N PHE D 185 38.93 41.74 -6.78
CA PHE D 185 37.80 41.71 -5.80
C PHE D 185 38.06 40.67 -4.69
N ARG D 186 38.91 39.68 -4.94
CA ARG D 186 39.11 38.51 -4.02
C ARG D 186 39.37 39.01 -2.59
N LYS D 187 40.28 39.98 -2.42
CA LYS D 187 40.77 40.48 -1.11
C LYS D 187 39.72 41.32 -0.38
N LEU D 188 38.60 41.68 -1.02
CA LEU D 188 37.51 42.44 -0.35
C LEU D 188 36.80 41.57 0.70
N GLY D 189 37.04 40.25 0.70
CA GLY D 189 36.70 39.34 1.81
C GLY D 189 37.24 39.80 3.17
N SER D 190 38.35 40.54 3.18
N SER D 190 38.35 40.54 3.19
CA SER D 190 39.04 41.02 4.41
CA SER D 190 39.03 40.99 4.44
C SER D 190 38.34 42.24 5.03
C SER D 190 38.36 42.25 5.03
N LEU D 191 37.44 42.92 4.31
CA LEU D 191 36.77 44.15 4.82
C LEU D 191 36.06 43.86 6.15
N LYS D 192 35.32 42.75 6.21
CA LYS D 192 34.52 42.38 7.42
C LYS D 192 35.43 41.97 8.57
N THR D 193 36.58 41.36 8.29
CA THR D 193 37.63 41.05 9.30
C THR D 193 38.17 42.35 9.89
N ALA D 194 38.59 43.28 9.02
CA ALA D 194 39.24 44.57 9.39
C ALA D 194 38.22 45.51 10.04
N LEU D 195 36.97 45.48 9.57
CA LEU D 195 35.91 46.46 9.94
C LEU D 195 34.60 45.71 10.20
N PRO D 196 34.51 44.89 11.28
CA PRO D 196 33.34 44.04 11.49
C PRO D 196 32.02 44.80 11.74
N MET D 197 32.08 46.06 12.17
CA MET D 197 30.90 46.89 12.52
C MET D 197 30.47 47.78 11.34
N VAL D 198 31.22 47.82 10.23
CA VAL D 198 30.91 48.71 9.08
C VAL D 198 30.02 47.94 8.11
N PRO D 199 28.79 48.42 7.81
CA PRO D 199 27.92 47.73 6.86
C PRO D 199 28.48 47.86 5.44
N ILE D 200 28.36 46.78 4.67
CA ILE D 200 28.71 46.73 3.23
C ILE D 200 27.42 46.72 2.43
N VAL D 201 27.33 47.60 1.44
CA VAL D 201 26.25 47.59 0.41
C VAL D 201 26.89 47.08 -0.88
N ALA D 202 26.62 45.82 -1.22
CA ALA D 202 27.08 45.17 -2.45
C ALA D 202 26.05 45.47 -3.54
N LEU D 203 26.50 46.02 -4.67
CA LEU D 203 25.62 46.44 -5.78
C LEU D 203 26.00 45.67 -7.04
N THR D 204 24.98 45.23 -7.79
CA THR D 204 25.15 44.51 -9.08
C THR D 204 23.84 44.61 -9.87
N ALA D 205 23.92 44.44 -11.19
CA ALA D 205 22.75 44.36 -12.09
C ALA D 205 22.28 42.92 -12.28
N THR D 206 23.05 41.92 -11.82
N THR D 206 23.04 41.93 -11.79
CA THR D 206 22.71 40.47 -12.02
CA THR D 206 22.78 40.47 -11.93
C THR D 206 21.75 40.02 -10.91
C THR D 206 21.74 40.02 -10.89
N ALA D 207 20.56 39.54 -11.31
CA ALA D 207 19.49 39.05 -10.43
C ALA D 207 19.64 37.55 -10.14
N SER D 208 20.68 36.90 -10.68
CA SER D 208 21.01 35.46 -10.43
C SER D 208 21.10 35.19 -8.92
N SER D 209 20.30 34.24 -8.42
CA SER D 209 20.36 33.75 -7.01
C SER D 209 21.73 33.13 -6.72
N SER D 210 22.30 32.37 -7.67
CA SER D 210 23.64 31.74 -7.55
C SER D 210 24.72 32.82 -7.32
N ILE D 211 24.69 33.89 -8.12
CA ILE D 211 25.68 35.01 -8.01
C ILE D 211 25.47 35.75 -6.68
N ARG D 212 24.22 35.99 -6.27
CA ARG D 212 23.90 36.63 -4.95
C ARG D 212 24.57 35.82 -3.83
N GLU D 213 24.39 34.50 -3.82
CA GLU D 213 24.97 33.61 -2.78
C GLU D 213 26.51 33.73 -2.80
N ASP D 214 27.12 33.80 -3.99
CA ASP D 214 28.59 33.97 -4.17
C ASP D 214 29.02 35.30 -3.54
N ILE D 215 28.30 36.38 -3.81
CA ILE D 215 28.62 37.73 -3.27
C ILE D 215 28.55 37.69 -1.74
N VAL D 216 27.49 37.10 -1.18
CA VAL D 216 27.27 37.05 0.30
C VAL D 216 28.42 36.27 0.96
N ARG D 217 28.80 35.13 0.40
CA ARG D 217 29.89 34.26 0.94
C ARG D 217 31.22 35.00 0.85
N CYS D 218 31.56 35.50 -0.34
CA CYS D 218 32.90 36.07 -0.65
C CYS D 218 33.13 37.37 0.12
N LEU D 219 32.10 38.19 0.36
CA LEU D 219 32.23 39.44 1.16
C LEU D 219 31.95 39.21 2.64
N ASN D 220 31.62 37.99 3.06
CA ASN D 220 31.37 37.63 4.49
C ASN D 220 30.25 38.52 5.04
N LEU D 221 29.19 38.73 4.26
CA LEU D 221 28.03 39.56 4.69
C LEU D 221 27.23 38.77 5.73
N ARG D 222 26.70 39.48 6.72
CA ARG D 222 25.95 38.91 7.87
C ARG D 222 24.47 39.27 7.71
N ASN D 223 23.62 38.26 7.50
CA ASN D 223 22.14 38.42 7.34
C ASN D 223 21.83 39.64 6.47
N PRO D 224 22.39 39.74 5.24
CA PRO D 224 22.19 40.94 4.43
C PRO D 224 20.74 41.10 3.97
N GLN D 225 20.27 42.34 3.94
CA GLN D 225 19.00 42.72 3.29
C GLN D 225 19.18 42.59 1.78
N ILE D 226 18.31 41.80 1.14
CA ILE D 226 18.34 41.52 -0.32
C ILE D 226 17.22 42.31 -0.96
N THR D 227 17.56 43.17 -1.92
CA THR D 227 16.58 43.91 -2.74
C THR D 227 16.94 43.71 -4.22
N CYS D 228 15.93 43.82 -5.06
CA CYS D 228 16.05 43.59 -6.52
C CYS D 228 15.08 44.53 -7.22
N THR D 229 15.58 45.59 -7.84
CA THR D 229 14.75 46.69 -8.40
C THR D 229 15.37 47.19 -9.72
N GLY D 230 14.66 48.08 -10.40
CA GLY D 230 15.07 48.66 -11.69
C GLY D 230 14.56 47.86 -12.89
N PHE D 231 13.84 46.76 -12.67
CA PHE D 231 13.30 45.86 -13.72
C PHE D 231 11.82 46.14 -13.94
N ASP D 232 11.34 46.06 -15.19
CA ASP D 232 9.93 46.35 -15.56
C ASP D 232 9.11 45.03 -15.62
N ARG D 233 9.77 43.87 -15.68
CA ARG D 233 9.16 42.51 -15.63
C ARG D 233 8.03 42.40 -16.66
N PRO D 234 8.33 42.52 -17.98
CA PRO D 234 7.28 42.58 -19.00
C PRO D 234 6.49 41.28 -19.16
N ASN D 235 7.02 40.17 -18.62
CA ASN D 235 6.44 38.81 -18.69
C ASN D 235 5.42 38.57 -17.57
N LEU D 236 5.15 39.55 -16.69
CA LEU D 236 4.14 39.42 -15.62
C LEU D 236 2.85 40.11 -16.05
N TYR D 237 1.78 39.35 -16.24
CA TYR D 237 0.42 39.85 -16.52
C TYR D 237 -0.29 40.04 -15.17
N LEU D 238 -0.93 41.20 -14.97
CA LEU D 238 -1.58 41.57 -13.69
C LEU D 238 -3.08 41.63 -13.86
N GLU D 239 -3.82 41.03 -12.94
CA GLU D 239 -5.31 41.11 -12.95
C GLU D 239 -5.82 41.16 -11.53
N VAL D 240 -6.88 41.95 -11.33
CA VAL D 240 -7.66 42.03 -10.07
C VAL D 240 -9.10 41.68 -10.42
N ARG D 241 -9.67 40.73 -9.69
CA ARG D 241 -11.00 40.13 -9.96
C ARG D 241 -11.75 40.00 -8.64
N ARG D 242 -13.07 40.19 -8.66
CA ARG D 242 -13.90 40.01 -7.45
C ARG D 242 -14.03 38.51 -7.15
N LYS D 243 -13.98 38.15 -5.86
CA LYS D 243 -14.43 36.83 -5.34
C LYS D 243 -15.90 36.61 -5.67
N THR D 244 -16.29 35.35 -5.88
CA THR D 244 -17.66 34.91 -6.28
C THR D 244 -18.44 34.32 -5.09
N GLY D 245 -17.79 34.09 -3.94
CA GLY D 245 -18.42 33.59 -2.70
C GLY D 245 -18.33 32.07 -2.56
N ASN D 246 -17.43 31.42 -3.30
CA ASN D 246 -17.24 29.94 -3.33
C ASN D 246 -15.79 29.68 -3.80
N ILE D 247 -15.00 28.92 -3.04
CA ILE D 247 -13.56 28.68 -3.36
C ILE D 247 -13.45 28.02 -4.74
N LEU D 248 -14.20 26.93 -4.99
CA LEU D 248 -14.08 26.18 -6.27
C LEU D 248 -14.55 27.08 -7.42
N GLN D 249 -15.63 27.84 -7.24
CA GLN D 249 -16.13 28.78 -8.27
C GLN D 249 -15.02 29.78 -8.61
N ASP D 250 -14.29 30.27 -7.60
CA ASP D 250 -13.20 31.27 -7.75
C ASP D 250 -12.00 30.67 -8.49
N LEU D 251 -11.64 29.41 -8.21
CA LEU D 251 -10.35 28.83 -8.70
C LEU D 251 -10.54 27.99 -9.97
N GLN D 252 -11.77 27.54 -10.27
CA GLN D 252 -12.08 26.72 -11.48
C GLN D 252 -11.51 27.37 -12.75
N PRO D 253 -11.63 28.71 -12.97
CA PRO D 253 -11.09 29.31 -14.20
C PRO D 253 -9.59 29.09 -14.44
N PHE D 254 -8.82 28.81 -13.38
CA PHE D 254 -7.35 28.57 -13.46
C PHE D 254 -7.02 27.11 -13.78
N LEU D 255 -8.01 26.20 -13.72
CA LEU D 255 -7.78 24.74 -13.73
C LEU D 255 -8.02 24.14 -15.12
N VAL D 256 -7.38 23.01 -15.40
CA VAL D 256 -7.55 22.14 -16.61
C VAL D 256 -7.65 20.70 -16.13
N LYS D 257 -8.64 19.93 -16.61
CA LYS D 257 -8.76 18.48 -16.31
C LYS D 257 -7.83 17.70 -17.25
N THR D 258 -6.86 16.97 -16.68
CA THR D 258 -5.96 16.03 -17.38
C THR D 258 -6.13 14.64 -16.77
N SER D 259 -6.34 13.63 -17.62
CA SER D 259 -6.69 12.24 -17.26
C SER D 259 -8.01 12.24 -16.46
N SER D 260 -7.98 12.01 -15.14
CA SER D 260 -9.14 12.14 -14.21
C SER D 260 -8.71 12.89 -12.94
N HIS D 261 -7.95 13.97 -13.11
CA HIS D 261 -7.58 14.97 -12.05
C HIS D 261 -7.48 16.36 -12.69
N TRP D 262 -7.54 17.42 -11.86
N TRP D 262 -7.54 17.41 -11.86
CA TRP D 262 -7.44 18.84 -12.27
CA TRP D 262 -7.44 18.83 -12.29
C TRP D 262 -6.05 19.38 -11.92
C TRP D 262 -6.05 19.38 -11.92
N GLU D 263 -5.54 20.34 -12.70
CA GLU D 263 -4.22 20.98 -12.48
C GLU D 263 -4.24 22.44 -12.94
N PHE D 264 -3.28 23.22 -12.45
CA PHE D 264 -2.93 24.57 -12.98
C PHE D 264 -2.07 24.39 -14.25
N GLU D 265 -1.88 25.48 -15.00
CA GLU D 265 -1.01 25.49 -16.22
C GLU D 265 0.42 25.14 -15.81
N GLY D 266 0.88 25.63 -14.65
CA GLY D 266 2.26 25.44 -14.20
C GLY D 266 2.40 25.62 -12.69
N PRO D 267 3.65 25.66 -12.17
CA PRO D 267 3.88 25.87 -10.73
C PRO D 267 3.19 27.16 -10.25
N THR D 268 2.42 27.05 -9.17
CA THR D 268 1.46 28.07 -8.70
C THR D 268 1.66 28.28 -7.18
N ILE D 269 1.67 29.54 -6.74
CA ILE D 269 1.55 29.90 -5.29
C ILE D 269 0.22 30.61 -5.10
N ILE D 270 -0.58 30.12 -4.14
CA ILE D 270 -1.82 30.79 -3.67
C ILE D 270 -1.55 31.35 -2.27
N TYR D 271 -1.46 32.67 -2.17
CA TYR D 271 -1.26 33.41 -0.90
C TYR D 271 -2.62 33.74 -0.27
N CYS D 272 -2.85 33.28 0.97
CA CYS D 272 -4.06 33.57 1.78
C CYS D 272 -3.67 34.37 3.02
N PRO D 273 -4.52 35.32 3.51
CA PRO D 273 -4.20 36.06 4.73
C PRO D 273 -4.11 35.21 6.02
N SER D 274 -4.99 34.21 6.15
CA SER D 274 -5.17 33.38 7.38
C SER D 274 -4.69 31.95 7.14
N ARG D 275 -4.24 31.30 8.23
CA ARG D 275 -3.91 29.85 8.24
C ARG D 275 -5.17 29.04 7.91
N LYS D 276 -6.31 29.43 8.47
CA LYS D 276 -7.65 28.80 8.27
C LYS D 276 -7.91 28.70 6.75
N MET D 277 -7.74 29.81 6.04
CA MET D 277 -8.04 29.89 4.59
C MET D 277 -7.07 29.01 3.80
N THR D 278 -5.80 28.89 4.19
CA THR D 278 -4.83 28.00 3.48
C THR D 278 -5.31 26.55 3.56
N GLN D 279 -5.81 26.10 4.72
CA GLN D 279 -6.37 24.73 4.91
C GLN D 279 -7.67 24.59 4.11
N GLN D 280 -8.54 25.60 4.13
CA GLN D 280 -9.84 25.61 3.39
C GLN D 280 -9.58 25.48 1.88
N VAL D 281 -8.63 26.25 1.34
CA VAL D 281 -8.31 26.25 -0.12
C VAL D 281 -7.63 24.92 -0.48
N THR D 282 -6.66 24.44 0.32
CA THR D 282 -5.97 23.14 0.12
C THR D 282 -7.01 22.01 0.04
N GLY D 283 -7.96 22.00 0.98
CA GLY D 283 -9.05 21.00 1.08
C GLY D 283 -9.82 20.88 -0.23
N GLU D 284 -10.21 22.02 -0.81
CA GLU D 284 -10.99 22.08 -2.08
C GLU D 284 -10.15 21.54 -3.25
N LEU D 285 -8.87 21.90 -3.33
CA LEU D 285 -7.98 21.43 -4.44
C LEU D 285 -7.66 19.94 -4.28
N ARG D 286 -7.56 19.43 -3.04
CA ARG D 286 -7.32 18.00 -2.75
C ARG D 286 -8.49 17.14 -3.26
N LYS D 287 -9.73 17.65 -3.19
CA LYS D 287 -10.96 16.99 -3.73
C LYS D 287 -10.85 16.75 -5.24
N LEU D 288 -10.05 17.58 -5.95
CA LEU D 288 -9.78 17.43 -7.41
C LEU D 288 -8.49 16.62 -7.66
N ASN D 289 -7.90 16.02 -6.62
N ASN D 289 -7.90 16.02 -6.62
CA ASN D 289 -6.63 15.25 -6.67
CA ASN D 289 -6.63 15.25 -6.67
C ASN D 289 -5.52 16.12 -7.27
C ASN D 289 -5.52 16.12 -7.27
N LEU D 290 -5.55 17.43 -7.02
CA LEU D 290 -4.52 18.39 -7.51
C LEU D 290 -3.27 18.23 -6.64
N SER D 291 -2.11 18.17 -7.26
CA SER D 291 -0.77 17.98 -6.61
C SER D 291 -0.40 19.27 -5.88
N CYS D 292 -0.66 19.34 -4.56
CA CYS D 292 -0.49 20.61 -3.78
C CYS D 292 -0.12 20.34 -2.32
N GLY D 293 0.29 21.40 -1.63
CA GLY D 293 0.68 21.39 -0.21
C GLY D 293 0.39 22.71 0.48
N THR D 294 0.20 22.68 1.81
CA THR D 294 -0.06 23.87 2.66
C THR D 294 1.25 24.32 3.30
N TYR D 295 1.43 25.64 3.50
CA TYR D 295 2.60 26.23 4.19
C TYR D 295 2.16 27.42 5.06
N HIS D 296 2.31 27.28 6.38
CA HIS D 296 2.18 28.39 7.35
C HIS D 296 3.04 28.11 8.59
N ALA D 297 3.19 29.11 9.46
CA ALA D 297 4.09 29.08 10.64
C ALA D 297 3.56 28.10 11.71
N GLY D 298 2.27 27.73 11.67
CA GLY D 298 1.66 26.69 12.51
C GLY D 298 2.16 25.27 12.23
N MET D 299 2.87 25.07 11.12
CA MET D 299 3.55 23.79 10.77
C MET D 299 4.98 23.78 11.31
N SER D 300 5.56 22.59 11.50
CA SER D 300 6.95 22.39 12.01
C SER D 300 7.97 22.66 10.91
N PHE D 301 9.24 22.90 11.29
CA PHE D 301 10.39 23.15 10.38
C PHE D 301 10.55 22.00 9.38
N SER D 302 10.42 20.76 9.87
CA SER D 302 10.50 19.50 9.08
C SER D 302 9.52 19.55 7.89
N THR D 303 8.23 19.74 8.19
CA THR D 303 7.11 19.76 7.21
C THR D 303 7.30 20.92 6.21
N ARG D 304 7.60 22.12 6.71
CA ARG D 304 7.82 23.34 5.88
C ARG D 304 8.96 23.10 4.89
N LYS D 305 10.10 22.55 5.34
CA LYS D 305 11.30 22.32 4.48
C LYS D 305 10.98 21.25 3.42
N ASP D 306 10.10 20.29 3.74
CA ASP D 306 9.66 19.22 2.81
C ASP D 306 8.78 19.81 1.71
N ILE D 307 7.83 20.69 2.07
CA ILE D 307 6.94 21.42 1.11
C ILE D 307 7.84 22.18 0.12
N HIS D 308 8.79 22.96 0.66
CA HIS D 308 9.81 23.73 -0.13
C HIS D 308 10.53 22.79 -1.09
N HIS D 309 11.09 21.68 -0.59
CA HIS D 309 11.84 20.65 -1.37
C HIS D 309 10.97 20.11 -2.50
N ARG D 310 9.75 19.65 -2.19
CA ARG D 310 8.80 19.03 -3.16
C ARG D 310 8.39 20.05 -4.23
N PHE D 311 8.23 21.33 -3.86
CA PHE D 311 7.87 22.41 -4.80
C PHE D 311 9.03 22.65 -5.77
N VAL D 312 10.27 22.75 -5.26
CA VAL D 312 11.52 22.91 -6.06
C VAL D 312 11.70 21.68 -6.97
N ARG D 313 11.36 20.49 -6.48
CA ARG D 313 11.50 19.20 -7.24
C ARG D 313 10.28 18.96 -8.15
N ASP D 314 9.25 19.82 -8.08
CA ASP D 314 8.01 19.75 -8.90
C ASP D 314 7.25 18.45 -8.57
N GLU D 315 7.29 18.02 -7.30
CA GLU D 315 6.50 16.87 -6.77
C GLU D 315 5.14 17.39 -6.25
N ILE D 316 5.06 18.68 -5.93
CA ILE D 316 3.77 19.43 -5.80
C ILE D 316 3.76 20.58 -6.81
N GLN D 317 2.61 20.81 -7.45
CA GLN D 317 2.42 21.87 -8.47
C GLN D 317 2.08 23.20 -7.79
N CYS D 318 1.32 23.14 -6.69
CA CYS D 318 0.72 24.34 -6.05
C CYS D 318 1.07 24.37 -4.55
N VAL D 319 1.58 25.51 -4.07
CA VAL D 319 1.73 25.76 -2.61
C VAL D 319 0.66 26.76 -2.21
N ILE D 320 -0.20 26.38 -1.26
CA ILE D 320 -1.24 27.27 -0.67
C ILE D 320 -0.67 27.74 0.67
N ALA D 321 -0.33 29.02 0.77
CA ALA D 321 0.54 29.54 1.84
C ALA D 321 0.03 30.86 2.40
N THR D 322 0.45 31.17 3.63
CA THR D 322 0.50 32.55 4.14
C THR D 322 1.75 33.20 3.55
N ILE D 323 1.94 34.49 3.79
CA ILE D 323 3.08 35.26 3.22
C ILE D 323 4.38 34.93 3.97
N ALA D 324 4.34 33.98 4.92
CA ALA D 324 5.53 33.30 5.51
C ALA D 324 6.34 32.57 4.42
N PHE D 325 5.68 32.07 3.38
CA PHE D 325 6.31 31.29 2.27
C PHE D 325 6.84 32.24 1.21
N GLY D 326 8.11 32.11 0.80
CA GLY D 326 8.61 32.92 -0.33
C GLY D 326 10.10 33.20 -0.30
N MET D 327 10.61 33.81 0.78
CA MET D 327 12.01 34.33 0.87
C MET D 327 13.03 33.24 0.49
N GLY D 328 12.80 31.99 0.93
CA GLY D 328 13.71 30.86 0.70
C GLY D 328 13.73 30.35 -0.74
N ILE D 329 12.74 30.72 -1.57
CA ILE D 329 12.47 30.12 -2.91
C ILE D 329 13.26 30.92 -3.97
N ASN D 330 14.07 30.22 -4.77
CA ASN D 330 14.80 30.78 -5.94
C ASN D 330 14.21 30.22 -7.23
N LYS D 331 13.08 29.50 -7.12
CA LYS D 331 12.39 28.79 -8.22
C LYS D 331 12.05 29.77 -9.34
N ALA D 332 12.53 29.49 -10.56
CA ALA D 332 12.50 30.42 -11.71
C ALA D 332 11.21 30.28 -12.52
N ASP D 333 10.46 29.19 -12.36
CA ASP D 333 9.32 28.83 -13.27
C ASP D 333 7.99 28.88 -12.52
N ILE D 334 7.80 29.89 -11.65
CA ILE D 334 6.46 30.15 -11.04
C ILE D 334 5.61 30.83 -12.12
N ARG D 335 4.61 30.10 -12.62
CA ARG D 335 3.76 30.51 -13.78
C ARG D 335 2.58 31.35 -13.28
N GLN D 336 2.15 31.16 -12.04
CA GLN D 336 0.92 31.82 -11.49
C GLN D 336 1.11 32.13 -10.01
N VAL D 337 0.85 33.37 -9.63
CA VAL D 337 0.63 33.78 -8.22
C VAL D 337 -0.84 34.19 -8.11
N ILE D 338 -1.55 33.63 -7.14
CA ILE D 338 -2.93 34.05 -6.79
C ILE D 338 -2.89 34.59 -5.37
N HIS D 339 -3.27 35.85 -5.19
CA HIS D 339 -3.65 36.40 -3.87
C HIS D 339 -5.12 36.07 -3.65
N TYR D 340 -5.39 35.06 -2.82
CA TYR D 340 -6.76 34.64 -2.48
C TYR D 340 -7.19 35.46 -1.26
N GLY D 341 -7.79 36.61 -1.54
CA GLY D 341 -7.99 37.70 -0.56
C GLY D 341 -7.01 38.82 -0.79
N ALA D 342 -7.46 40.07 -0.58
CA ALA D 342 -6.65 41.29 -0.68
C ALA D 342 -5.31 41.06 0.02
N PRO D 343 -4.17 41.44 -0.60
CA PRO D 343 -2.87 41.34 0.05
C PRO D 343 -2.77 42.26 1.27
N LYS D 344 -1.78 42.04 2.14
CA LYS D 344 -1.60 42.81 3.39
C LYS D 344 -1.45 44.30 3.05
N ASP D 345 -0.60 44.61 2.06
CA ASP D 345 -0.34 45.98 1.58
C ASP D 345 0.40 45.89 0.24
N MET D 346 0.67 47.02 -0.39
CA MET D 346 1.33 47.05 -1.73
C MET D 346 2.78 46.59 -1.62
N GLU D 347 3.45 46.85 -0.48
N GLU D 347 3.45 46.86 -0.49
CA GLU D 347 4.86 46.40 -0.25
CA GLU D 347 4.85 46.43 -0.23
C GLU D 347 4.92 44.87 -0.26
C GLU D 347 4.91 44.89 -0.26
N SER D 348 4.06 44.22 0.51
N SER D 348 4.05 44.23 0.51
CA SER D 348 3.99 42.73 0.59
CA SER D 348 3.96 42.75 0.59
C SER D 348 3.63 42.18 -0.79
C SER D 348 3.64 42.18 -0.80
N TYR D 349 2.64 42.78 -1.46
CA TYR D 349 2.19 42.39 -2.82
C TYR D 349 3.36 42.41 -3.80
N TYR D 350 4.14 43.49 -3.79
CA TYR D 350 5.33 43.69 -4.67
C TYR D 350 6.37 42.58 -4.41
N GLN D 351 6.66 42.27 -3.14
CA GLN D 351 7.62 41.20 -2.78
C GLN D 351 7.11 39.85 -3.35
N GLU D 352 5.80 39.60 -3.25
CA GLU D 352 5.19 38.29 -3.56
C GLU D 352 5.11 38.10 -5.09
N ILE D 353 4.63 39.08 -5.84
CA ILE D 353 4.52 38.96 -7.33
C ILE D 353 5.93 38.99 -7.95
N GLY D 354 6.91 39.64 -7.31
CA GLY D 354 8.30 39.67 -7.80
C GLY D 354 8.91 38.28 -7.94
N ARG D 355 8.38 37.28 -7.23
CA ARG D 355 8.87 35.88 -7.26
C ARG D 355 8.37 35.14 -8.51
N ALA D 356 7.35 35.67 -9.20
CA ALA D 356 6.75 35.04 -10.40
C ALA D 356 7.70 35.20 -11.59
N GLY D 357 7.75 34.18 -12.45
CA GLY D 357 8.36 34.21 -13.79
C GLY D 357 9.78 34.76 -13.80
N ARG D 358 10.64 34.30 -12.89
CA ARG D 358 12.05 34.75 -12.84
C ARG D 358 12.87 34.12 -13.98
N ASP D 359 12.31 33.15 -14.69
CA ASP D 359 12.88 32.57 -15.95
C ASP D 359 12.59 33.48 -17.16
N GLY D 360 11.81 34.56 -16.99
CA GLY D 360 11.48 35.52 -18.07
C GLY D 360 10.34 35.05 -18.96
N LEU D 361 9.77 33.86 -18.71
CA LEU D 361 8.63 33.32 -19.51
C LEU D 361 7.32 33.90 -18.96
N GLN D 362 6.26 33.80 -19.75
CA GLN D 362 4.93 34.41 -19.42
C GLN D 362 4.43 33.85 -18.09
N SER D 363 4.11 34.73 -17.15
CA SER D 363 3.45 34.39 -15.88
C SER D 363 2.25 35.32 -15.67
N SER D 364 1.36 34.92 -14.77
CA SER D 364 0.17 35.71 -14.39
C SER D 364 0.15 35.90 -12.87
N CYS D 365 -0.28 37.08 -12.43
CA CYS D 365 -0.47 37.44 -11.02
C CYS D 365 -1.89 37.97 -10.87
N HIS D 366 -2.76 37.20 -10.21
CA HIS D 366 -4.19 37.53 -10.01
C HIS D 366 -4.43 37.80 -8.53
N VAL D 367 -5.14 38.89 -8.22
CA VAL D 367 -5.74 39.13 -6.88
C VAL D 367 -7.23 38.81 -7.02
N LEU D 368 -7.72 37.91 -6.16
CA LEU D 368 -9.17 37.64 -5.97
C LEU D 368 -9.57 38.31 -4.64
N TRP D 369 -10.37 39.38 -4.69
CA TRP D 369 -10.67 40.22 -3.50
C TRP D 369 -12.18 40.42 -3.34
N ALA D 370 -12.58 40.75 -2.12
CA ALA D 370 -13.92 41.28 -1.79
C ALA D 370 -13.72 42.50 -0.90
N PRO D 371 -14.54 43.57 -1.06
CA PRO D 371 -14.53 44.69 -0.10
C PRO D 371 -14.57 44.26 1.38
N ALA D 372 -15.08 43.05 1.67
CA ALA D 372 -15.17 42.41 3.00
C ALA D 372 -13.83 41.85 3.53
N ASP D 373 -12.77 41.80 2.71
CA ASP D 373 -11.51 41.09 3.04
C ASP D 373 -10.84 41.69 4.29
N ILE D 374 -10.16 40.84 5.06
CA ILE D 374 -9.53 41.19 6.39
C ILE D 374 -8.52 42.32 6.21
N ASN D 375 -7.77 42.33 5.09
CA ASN D 375 -6.72 43.36 4.80
C ASN D 375 -7.35 44.66 4.30
N LEU D 376 -8.69 44.74 4.16
CA LEU D 376 -9.44 45.99 3.90
C LEU D 376 -10.29 46.40 5.11
N ASN D 377 -10.20 45.68 6.24
CA ASN D 377 -11.01 45.92 7.46
C ASN D 377 -10.31 46.97 8.34
N ARG D 378 -10.87 48.18 8.40
CA ARG D 378 -10.32 49.34 9.15
C ARG D 378 -10.38 49.09 10.67
N HIS D 379 -11.40 48.35 11.15
CA HIS D 379 -11.66 48.14 12.61
C HIS D 379 -10.38 47.65 13.31
N LEU D 380 -9.70 46.65 12.74
CA LEU D 380 -8.45 46.06 13.31
C LEU D 380 -7.35 47.12 13.40
N LEU D 381 -7.33 48.13 12.52
CA LEU D 381 -6.31 49.21 12.49
C LEU D 381 -6.67 50.34 13.46
N THR D 382 -7.97 50.66 13.61
CA THR D 382 -8.49 51.64 14.61
C THR D 382 -8.06 51.24 16.03
N GLU D 383 -7.90 49.94 16.30
CA GLU D 383 -7.46 49.38 17.61
C GLU D 383 -5.98 49.70 17.89
N ILE D 384 -5.18 50.12 16.89
CA ILE D 384 -3.73 50.43 17.07
C ILE D 384 -3.62 51.74 17.89
N ARG D 385 -2.95 51.67 19.05
CA ARG D 385 -2.88 52.79 20.04
C ARG D 385 -1.77 53.77 19.62
N ASN D 386 -0.67 53.28 19.03
CA ASN D 386 0.45 54.11 18.53
C ASN D 386 -0.03 54.94 17.33
N GLU D 387 -0.13 56.27 17.49
CA GLU D 387 -0.71 57.19 16.47
C GLU D 387 0.04 57.04 15.14
N LYS D 388 1.38 57.13 15.16
CA LYS D 388 2.20 57.11 13.92
C LYS D 388 1.98 55.79 13.17
N PHE D 389 2.02 54.65 13.87
CA PHE D 389 1.87 53.33 13.22
C PHE D 389 0.43 53.16 12.72
N ARG D 390 -0.57 53.57 13.52
CA ARG D 390 -2.01 53.51 13.11
C ARG D 390 -2.18 54.25 11.78
N LEU D 391 -1.69 55.50 11.69
CA LEU D 391 -1.90 56.35 10.49
C LEU D 391 -1.16 55.75 9.29
N TYR D 392 0.05 55.21 9.48
CA TYR D 392 0.81 54.49 8.43
C TYR D 392 0.01 53.30 7.91
N LYS D 393 -0.51 52.46 8.81
CA LYS D 393 -1.27 51.23 8.44
C LYS D 393 -2.53 51.61 7.67
N LEU D 394 -3.24 52.66 8.11
CA LEU D 394 -4.45 53.16 7.43
C LEU D 394 -4.08 53.68 6.03
N LYS D 395 -2.96 54.41 5.90
CA LYS D 395 -2.49 54.95 4.60
C LYS D 395 -2.13 53.80 3.65
N MET D 396 -1.47 52.75 4.16
CA MET D 396 -1.08 51.57 3.35
C MET D 396 -2.33 50.78 2.92
N MET D 397 -3.32 50.63 3.80
CA MET D 397 -4.59 49.94 3.47
C MET D 397 -5.33 50.73 2.37
N ALA D 398 -5.37 52.06 2.49
CA ALA D 398 -6.04 52.96 1.51
C ALA D 398 -5.35 52.86 0.14
N LYS D 399 -4.01 52.81 0.11
CA LYS D 399 -3.21 52.71 -1.14
C LYS D 399 -3.48 51.35 -1.83
N MET D 400 -3.54 50.27 -1.05
N MET D 400 -3.56 50.27 -1.05
CA MET D 400 -3.88 48.91 -1.55
CA MET D 400 -3.87 48.92 -1.57
C MET D 400 -5.31 48.91 -2.11
C MET D 400 -5.31 48.90 -2.10
N GLU D 401 -6.25 49.50 -1.37
CA GLU D 401 -7.68 49.63 -1.80
C GLU D 401 -7.77 50.37 -3.14
N LYS D 402 -7.04 51.49 -3.27
CA LYS D 402 -7.00 52.33 -4.50
C LYS D 402 -6.50 51.48 -5.68
N TYR D 403 -5.46 50.67 -5.47
CA TYR D 403 -4.93 49.75 -6.51
C TYR D 403 -6.03 48.77 -6.94
N LEU D 404 -6.66 48.08 -5.98
CA LEU D 404 -7.71 47.07 -6.28
C LEU D 404 -8.84 47.72 -7.07
N HIS D 405 -9.26 48.93 -6.68
CA HIS D 405 -10.42 49.66 -7.25
C HIS D 405 -10.10 50.26 -8.63
N SER D 406 -8.84 50.37 -9.01
CA SER D 406 -8.42 51.20 -10.16
C SER D 406 -8.90 50.59 -11.49
N SER D 407 -9.21 51.47 -12.44
CA SER D 407 -9.41 51.15 -13.88
C SER D 407 -8.18 51.53 -14.70
N ARG D 408 -7.13 52.08 -14.06
CA ARG D 408 -5.87 52.50 -14.72
C ARG D 408 -4.92 51.29 -14.80
N CYS D 409 -3.87 51.43 -15.62
CA CYS D 409 -2.85 50.37 -15.84
C CYS D 409 -2.28 49.92 -14.49
N ARG D 410 -2.40 48.63 -14.18
CA ARG D 410 -1.93 48.05 -12.90
C ARG D 410 -0.40 48.18 -12.83
N ARG D 411 0.27 47.97 -13.97
CA ARG D 411 1.76 48.04 -14.08
C ARG D 411 2.20 49.48 -13.79
N GLN D 412 1.53 50.48 -14.37
CA GLN D 412 1.86 51.92 -14.17
C GLN D 412 1.76 52.24 -12.68
N ILE D 413 0.71 51.78 -12.00
CA ILE D 413 0.50 52.06 -10.55
C ILE D 413 1.70 51.50 -9.76
N ILE D 414 2.04 50.24 -10.01
CA ILE D 414 3.12 49.55 -9.24
C ILE D 414 4.47 50.22 -9.55
N LEU D 415 4.78 50.45 -10.83
CA LEU D 415 6.07 51.07 -11.22
C LEU D 415 6.18 52.49 -10.64
N SER D 416 5.10 53.27 -10.69
N SER D 416 5.10 53.27 -10.69
CA SER D 416 5.04 54.66 -10.14
CA SER D 416 5.05 54.65 -10.15
C SER D 416 5.39 54.65 -8.64
C SER D 416 5.38 54.64 -8.65
N HIS D 417 4.82 53.70 -7.89
CA HIS D 417 5.01 53.57 -6.41
C HIS D 417 6.46 53.15 -6.09
N PHE D 418 6.98 52.13 -6.78
CA PHE D 418 8.17 51.37 -6.31
C PHE D 418 9.44 51.71 -7.10
N GLU D 419 9.33 52.13 -8.36
CA GLU D 419 10.49 52.22 -9.29
C GLU D 419 10.77 53.68 -9.65
N ASP D 420 12.05 53.99 -9.91
CA ASP D 420 12.50 55.24 -10.57
C ASP D 420 11.66 55.46 -11.83
N LYS D 421 11.36 56.73 -12.16
CA LYS D 421 10.56 57.11 -13.35
C LYS D 421 11.13 56.46 -14.62
N GLN D 422 12.45 56.23 -14.68
CA GLN D 422 13.14 55.65 -15.87
C GLN D 422 12.59 54.24 -16.19
N VAL D 423 12.19 53.45 -15.20
CA VAL D 423 11.67 52.07 -15.43
C VAL D 423 10.41 52.17 -16.29
N GLN D 424 9.57 53.17 -16.08
CA GLN D 424 8.37 53.43 -16.93
C GLN D 424 8.78 53.93 -18.31
N LYS D 425 9.74 54.87 -18.37
CA LYS D 425 10.16 55.58 -19.61
C LYS D 425 11.03 54.68 -20.49
N ALA D 426 11.78 53.75 -19.88
CA ALA D 426 12.62 52.74 -20.58
C ALA D 426 11.80 51.51 -20.93
N SER D 427 10.67 51.28 -20.24
CA SER D 427 9.69 50.22 -20.55
C SER D 427 9.00 50.53 -21.89
N LEU D 428 9.44 49.87 -22.96
CA LEU D 428 8.86 50.00 -24.32
C LEU D 428 8.47 48.59 -24.81
N GLY D 429 7.16 48.36 -24.97
CA GLY D 429 6.61 47.16 -25.62
C GLY D 429 5.95 46.20 -24.65
N ILE D 430 5.37 46.68 -23.54
CA ILE D 430 4.40 45.90 -22.72
C ILE D 430 3.20 46.78 -22.32
N MET D 431 3.41 47.97 -21.77
CA MET D 431 2.32 48.80 -21.20
C MET D 431 1.33 49.18 -22.31
N GLY D 432 0.03 49.02 -22.04
CA GLY D 432 -1.06 49.33 -22.99
C GLY D 432 -1.39 48.17 -23.93
N THR D 433 -0.66 47.06 -23.86
CA THR D 433 -0.86 45.86 -24.73
C THR D 433 -1.73 44.83 -24.01
N GLU D 434 -2.16 43.79 -24.73
CA GLU D 434 -3.09 42.74 -24.21
C GLU D 434 -2.43 41.91 -23.09
N LYS D 435 -1.09 41.90 -22.98
CA LYS D 435 -0.36 41.08 -21.99
C LYS D 435 0.06 41.92 -20.75
N CYS D 436 -0.24 43.22 -20.72
CA CYS D 436 0.19 44.11 -19.61
C CYS D 436 -0.63 43.81 -18.36
N CYS D 437 -1.93 44.06 -18.42
CA CYS D 437 -2.84 43.97 -17.25
C CYS D 437 -4.29 43.94 -17.73
N ASP D 438 -5.19 43.54 -16.83
CA ASP D 438 -6.65 43.48 -17.12
C ASP D 438 -7.13 44.84 -17.66
N ASN D 439 -6.66 45.95 -17.10
CA ASN D 439 -7.18 47.30 -17.45
C ASN D 439 -6.65 47.76 -18.81
N CYS D 440 -5.49 47.29 -19.26
CA CYS D 440 -4.93 47.60 -20.61
C CYS D 440 -5.59 46.72 -21.69
N ARG D 441 -6.05 45.52 -21.33
CA ARG D 441 -6.72 44.56 -22.27
C ARG D 441 -8.07 45.10 -22.74
N SER D 442 -8.89 45.61 -21.81
CA SER D 442 -10.34 45.89 -21.98
C SER D 442 -10.57 47.08 -22.92
#